data_4NC8
# 
_entry.id   4NC8 
# 
_audit_conform.dict_name       mmcif_pdbx.dic 
_audit_conform.dict_version    5.379 
_audit_conform.dict_location   http://mmcif.pdb.org/dictionaries/ascii/mmcif_pdbx.dic 
# 
loop_
_database_2.database_id 
_database_2.database_code 
_database_2.pdbx_database_accession 
_database_2.pdbx_DOI 
PDB   4NC8         pdb_00004nc8 10.2210/pdb4nc8/pdb 
RCSB  RCSB083019   ?            ?                   
WWPDB D_1000083019 ?            ?                   
# 
loop_
_pdbx_database_related.db_name 
_pdbx_database_related.db_id 
_pdbx_database_related.details 
_pdbx_database_related.content_type 
PDB 2KRC 'The same protein , structure solved by NMR.' unspecified 
PDB 4NC7 .                                             unspecified 
# 
_pdbx_database_status.status_code                     REL 
_pdbx_database_status.entry_id                        4NC8 
_pdbx_database_status.recvd_initial_deposition_date   2013-10-24 
_pdbx_database_status.deposit_site                    RCSB 
_pdbx_database_status.process_site                    RCSB 
_pdbx_database_status.status_code_sf                  REL 
_pdbx_database_status.status_code_mr                  ? 
_pdbx_database_status.SG_entry                        ? 
_pdbx_database_status.status_code_cs                  ? 
_pdbx_database_status.methods_development_category    ? 
_pdbx_database_status.pdb_format_compatible           Y 
_pdbx_database_status.status_code_nmr_data            ? 
# 
loop_
_audit_author.name 
_audit_author.pdbx_ordinal 
'Demo, G.'       1 
'Papouskova, V.' 2 
'Komarek, J.'    3 
'Sanderova, H.'  4 
'Rabatinova, A.' 5 
'Krasny, L.'     6 
'Zidek, L.'      7 
'Sklenar, V.'    8 
'Wimmerova, M.'  9 
# 
_citation.id                        primary 
_citation.title                     'X-ray vs. NMR structure of N-terminal domain of delta-subunit of RNA polymerase.' 
_citation.journal_abbrev            J.Struct.Biol. 
_citation.journal_volume            187 
_citation.page_first                174 
_citation.page_last                 186 
_citation.year                      2014 
_citation.journal_id_ASTM           JSBIEM 
_citation.country                   US 
_citation.journal_id_ISSN           1047-8477 
_citation.journal_id_CSD            0803 
_citation.book_publisher            ? 
_citation.pdbx_database_id_PubMed   24937760 
_citation.pdbx_database_id_DOI      10.1016/j.jsb.2014.06.001 
# 
loop_
_citation_author.citation_id 
_citation_author.name 
_citation_author.ordinal 
_citation_author.identifier_ORCID 
primary 'Demo, G.'       1  ? 
primary 'Papouskova, V.' 2  ? 
primary 'Komarek, J.'    3  ? 
primary 'Kaderavek, P.'  4  ? 
primary 'Otrusinova, O.' 5  ? 
primary 'Srb, P.'        6  ? 
primary 'Rabatinova, A.' 7  ? 
primary 'Krasny, L.'     8  ? 
primary 'Zidek, L.'      9  ? 
primary 'Sklenar, V.'    10 ? 
primary 'Wimmerova, M.'  11 ? 
# 
_cell.entry_id           4NC8 
_cell.length_a           39.462 
_cell.length_b           109.636 
_cell.length_c           82.928 
_cell.angle_alpha        90.00 
_cell.angle_beta         90.00 
_cell.angle_gamma        90.00 
_cell.Z_PDB              16 
_cell.pdbx_unique_axis   ? 
_cell.length_a_esd       ? 
_cell.length_b_esd       ? 
_cell.length_c_esd       ? 
_cell.angle_alpha_esd    ? 
_cell.angle_beta_esd     ? 
_cell.angle_gamma_esd    ? 
# 
_symmetry.entry_id                         4NC8 
_symmetry.space_group_name_H-M             'C 2 2 21' 
_symmetry.pdbx_full_space_group_name_H-M   ? 
_symmetry.cell_setting                     ? 
_symmetry.Int_Tables_number                20 
_symmetry.space_group_name_Hall            ? 
# 
loop_
_entity.id 
_entity.type 
_entity.src_method 
_entity.pdbx_description 
_entity.formula_weight 
_entity.pdbx_number_of_molecules 
_entity.pdbx_ec 
_entity.pdbx_mutation 
_entity.pdbx_fragment 
_entity.details 
1 polymer     man 'DNA-directed RNA polymerase subunit delta' 11769.083 2  ? ? 'UNP residues 2-92' ? 
2 non-polymer syn 'NICKEL (II) ION'                           58.693    2  ? ? ?                   ? 
3 water       nat water                                       18.015    20 ? ? ?                   ? 
# 
_entity_name_com.entity_id   1 
_entity_name_com.name        'RNAP delta factor' 
# 
_entity_poly.entity_id                      1 
_entity_poly.type                           'polypeptide(L)' 
_entity_poly.nstd_linkage                   no 
_entity_poly.nstd_monomer                   no 
_entity_poly.pdbx_seq_one_letter_code       
;GIKQYSQEELKEMALVEIAHELFEEHKKPVPFQELLNEIASLLGVKKEELGDRIAQFYTDLNIDGRFLALSDQTWGLRSW
YPYDQLDEETQLEHHHHHH
;
_entity_poly.pdbx_seq_one_letter_code_can   
;GIKQYSQEELKEMALVEIAHELFEEHKKPVPFQELLNEIASLLGVKKEELGDRIAQFYTDLNIDGRFLALSDQTWGLRSW
YPYDQLDEETQLEHHHHHH
;
_entity_poly.pdbx_strand_id                 A,B 
_entity_poly.pdbx_target_identifier         ? 
# 
loop_
_entity_poly_seq.entity_id 
_entity_poly_seq.num 
_entity_poly_seq.mon_id 
_entity_poly_seq.hetero 
1 1  GLY n 
1 2  ILE n 
1 3  LYS n 
1 4  GLN n 
1 5  TYR n 
1 6  SER n 
1 7  GLN n 
1 8  GLU n 
1 9  GLU n 
1 10 LEU n 
1 11 LYS n 
1 12 GLU n 
1 13 MET n 
1 14 ALA n 
1 15 LEU n 
1 16 VAL n 
1 17 GLU n 
1 18 ILE n 
1 19 ALA n 
1 20 HIS n 
1 21 GLU n 
1 22 LEU n 
1 23 PHE n 
1 24 GLU n 
1 25 GLU n 
1 26 HIS n 
1 27 LYS n 
1 28 LYS n 
1 29 PRO n 
1 30 VAL n 
1 31 PRO n 
1 32 PHE n 
1 33 GLN n 
1 34 GLU n 
1 35 LEU n 
1 36 LEU n 
1 37 ASN n 
1 38 GLU n 
1 39 ILE n 
1 40 ALA n 
1 41 SER n 
1 42 LEU n 
1 43 LEU n 
1 44 GLY n 
1 45 VAL n 
1 46 LYS n 
1 47 LYS n 
1 48 GLU n 
1 49 GLU n 
1 50 LEU n 
1 51 GLY n 
1 52 ASP n 
1 53 ARG n 
1 54 ILE n 
1 55 ALA n 
1 56 GLN n 
1 57 PHE n 
1 58 TYR n 
1 59 THR n 
1 60 ASP n 
1 61 LEU n 
1 62 ASN n 
1 63 ILE n 
1 64 ASP n 
1 65 GLY n 
1 66 ARG n 
1 67 PHE n 
1 68 LEU n 
1 69 ALA n 
1 70 LEU n 
1 71 SER n 
1 72 ASP n 
1 73 GLN n 
1 74 THR n 
1 75 TRP n 
1 76 GLY n 
1 77 LEU n 
1 78 ARG n 
1 79 SER n 
1 80 TRP n 
1 81 TYR n 
1 82 PRO n 
1 83 TYR n 
1 84 ASP n 
1 85 GLN n 
1 86 LEU n 
1 87 ASP n 
1 88 GLU n 
1 89 GLU n 
1 90 THR n 
1 91 GLN n 
1 92 LEU n 
1 93 GLU n 
1 94 HIS n 
1 95 HIS n 
1 96 HIS n 
1 97 HIS n 
1 98 HIS n 
1 99 HIS n 
# 
_entity_src_gen.entity_id                          1 
_entity_src_gen.pdbx_src_id                        1 
_entity_src_gen.pdbx_alt_source_flag               sample 
_entity_src_gen.pdbx_seq_type                      ? 
_entity_src_gen.pdbx_beg_seq_num                   ? 
_entity_src_gen.pdbx_end_seq_num                   ? 
_entity_src_gen.gene_src_common_name               ? 
_entity_src_gen.gene_src_genus                     ? 
_entity_src_gen.pdbx_gene_src_gene                 'rpoE, BSU37160' 
_entity_src_gen.gene_src_species                   ? 
_entity_src_gen.gene_src_strain                    168 
_entity_src_gen.gene_src_tissue                    ? 
_entity_src_gen.gene_src_tissue_fraction           ? 
_entity_src_gen.gene_src_details                   ? 
_entity_src_gen.pdbx_gene_src_fragment             ? 
_entity_src_gen.pdbx_gene_src_scientific_name      'Bacillus Subtilis' 
_entity_src_gen.pdbx_gene_src_ncbi_taxonomy_id     224308 
_entity_src_gen.pdbx_gene_src_variant              ? 
_entity_src_gen.pdbx_gene_src_cell_line            ? 
_entity_src_gen.pdbx_gene_src_atcc                 ? 
_entity_src_gen.pdbx_gene_src_organ                ? 
_entity_src_gen.pdbx_gene_src_organelle            ? 
_entity_src_gen.pdbx_gene_src_cell                 ? 
_entity_src_gen.pdbx_gene_src_cellular_location    ? 
_entity_src_gen.host_org_common_name               ? 
_entity_src_gen.pdbx_host_org_scientific_name      'Escherichia coli' 
_entity_src_gen.pdbx_host_org_ncbi_taxonomy_id     562 
_entity_src_gen.host_org_genus                     ? 
_entity_src_gen.pdbx_host_org_gene                 ? 
_entity_src_gen.pdbx_host_org_organ                ? 
_entity_src_gen.host_org_species                   ? 
_entity_src_gen.pdbx_host_org_tissue               ? 
_entity_src_gen.pdbx_host_org_tissue_fraction      ? 
_entity_src_gen.pdbx_host_org_strain               ? 
_entity_src_gen.pdbx_host_org_variant              ? 
_entity_src_gen.pdbx_host_org_cell_line            ? 
_entity_src_gen.pdbx_host_org_atcc                 ? 
_entity_src_gen.pdbx_host_org_culture_collection   ? 
_entity_src_gen.pdbx_host_org_cell                 ? 
_entity_src_gen.pdbx_host_org_organelle            ? 
_entity_src_gen.pdbx_host_org_cellular_location    ? 
_entity_src_gen.pdbx_host_org_vector_type          ? 
_entity_src_gen.pdbx_host_org_vector               ? 
_entity_src_gen.host_org_details                   ? 
_entity_src_gen.expression_system_id               ? 
_entity_src_gen.plasmid_name                       ? 
_entity_src_gen.plasmid_details                    ? 
_entity_src_gen.pdbx_description                   ? 
# 
_struct_ref.id                         1 
_struct_ref.db_name                    UNP 
_struct_ref.db_code                    RPOE_BACSU 
_struct_ref.pdbx_db_accession          P12464 
_struct_ref.entity_id                  1 
_struct_ref.pdbx_seq_one_letter_code   
;GIKQYSQEELKEMALVEIAHELFEEHKKPVPFQELLNEIASLLGVKKEELGDRIAQFYTDLNIDGRFLALSDQTWGLRSW
YPYDQLDEETQ
;
_struct_ref.pdbx_align_begin           2 
_struct_ref.pdbx_db_isoform            ? 
# 
loop_
_struct_ref_seq.align_id 
_struct_ref_seq.ref_id 
_struct_ref_seq.pdbx_PDB_id_code 
_struct_ref_seq.pdbx_strand_id 
_struct_ref_seq.seq_align_beg 
_struct_ref_seq.pdbx_seq_align_beg_ins_code 
_struct_ref_seq.seq_align_end 
_struct_ref_seq.pdbx_seq_align_end_ins_code 
_struct_ref_seq.pdbx_db_accession 
_struct_ref_seq.db_align_beg 
_struct_ref_seq.pdbx_db_align_beg_ins_code 
_struct_ref_seq.db_align_end 
_struct_ref_seq.pdbx_db_align_end_ins_code 
_struct_ref_seq.pdbx_auth_seq_align_beg 
_struct_ref_seq.pdbx_auth_seq_align_end 
1 1 4NC8 A 1 ? 91 ? P12464 2 ? 92 ? 1 91 
2 1 4NC8 B 1 ? 91 ? P12464 2 ? 92 ? 1 91 
# 
loop_
_struct_ref_seq_dif.align_id 
_struct_ref_seq_dif.pdbx_pdb_id_code 
_struct_ref_seq_dif.mon_id 
_struct_ref_seq_dif.pdbx_pdb_strand_id 
_struct_ref_seq_dif.seq_num 
_struct_ref_seq_dif.pdbx_pdb_ins_code 
_struct_ref_seq_dif.pdbx_seq_db_name 
_struct_ref_seq_dif.pdbx_seq_db_accession_code 
_struct_ref_seq_dif.db_mon_id 
_struct_ref_seq_dif.pdbx_seq_db_seq_num 
_struct_ref_seq_dif.details 
_struct_ref_seq_dif.pdbx_auth_seq_num 
_struct_ref_seq_dif.pdbx_ordinal 
1 4NC8 LEU A 92 ? UNP P12464 ? ? 'expression tag' 92 1  
1 4NC8 GLU A 93 ? UNP P12464 ? ? 'expression tag' 93 2  
1 4NC8 HIS A 94 ? UNP P12464 ? ? 'expression tag' 94 3  
1 4NC8 HIS A 95 ? UNP P12464 ? ? 'expression tag' 95 4  
1 4NC8 HIS A 96 ? UNP P12464 ? ? 'expression tag' 96 5  
1 4NC8 HIS A 97 ? UNP P12464 ? ? 'expression tag' 97 6  
1 4NC8 HIS A 98 ? UNP P12464 ? ? 'expression tag' 98 7  
1 4NC8 HIS A 99 ? UNP P12464 ? ? 'expression tag' 99 8  
2 4NC8 LEU B 92 ? UNP P12464 ? ? 'expression tag' 92 9  
2 4NC8 GLU B 93 ? UNP P12464 ? ? 'expression tag' 93 10 
2 4NC8 HIS B 94 ? UNP P12464 ? ? 'expression tag' 94 11 
2 4NC8 HIS B 95 ? UNP P12464 ? ? 'expression tag' 95 12 
2 4NC8 HIS B 96 ? UNP P12464 ? ? 'expression tag' 96 13 
2 4NC8 HIS B 97 ? UNP P12464 ? ? 'expression tag' 97 14 
2 4NC8 HIS B 98 ? UNP P12464 ? ? 'expression tag' 98 15 
2 4NC8 HIS B 99 ? UNP P12464 ? ? 'expression tag' 99 16 
# 
loop_
_chem_comp.id 
_chem_comp.type 
_chem_comp.mon_nstd_flag 
_chem_comp.name 
_chem_comp.pdbx_synonyms 
_chem_comp.formula 
_chem_comp.formula_weight 
ALA 'L-peptide linking' y ALANINE           ? 'C3 H7 N O2'     89.093  
ARG 'L-peptide linking' y ARGININE          ? 'C6 H15 N4 O2 1' 175.209 
ASN 'L-peptide linking' y ASPARAGINE        ? 'C4 H8 N2 O3'    132.118 
ASP 'L-peptide linking' y 'ASPARTIC ACID'   ? 'C4 H7 N O4'     133.103 
GLN 'L-peptide linking' y GLUTAMINE         ? 'C5 H10 N2 O3'   146.144 
GLU 'L-peptide linking' y 'GLUTAMIC ACID'   ? 'C5 H9 N O4'     147.129 
GLY 'peptide linking'   y GLYCINE           ? 'C2 H5 N O2'     75.067  
HIS 'L-peptide linking' y HISTIDINE         ? 'C6 H10 N3 O2 1' 156.162 
HOH non-polymer         . WATER             ? 'H2 O'           18.015  
ILE 'L-peptide linking' y ISOLEUCINE        ? 'C6 H13 N O2'    131.173 
LEU 'L-peptide linking' y LEUCINE           ? 'C6 H13 N O2'    131.173 
LYS 'L-peptide linking' y LYSINE            ? 'C6 H15 N2 O2 1' 147.195 
MET 'L-peptide linking' y METHIONINE        ? 'C5 H11 N O2 S'  149.211 
NI  non-polymer         . 'NICKEL (II) ION' ? 'Ni 2'           58.693  
PHE 'L-peptide linking' y PHENYLALANINE     ? 'C9 H11 N O2'    165.189 
PRO 'L-peptide linking' y PROLINE           ? 'C5 H9 N O2'     115.130 
SER 'L-peptide linking' y SERINE            ? 'C3 H7 N O3'     105.093 
THR 'L-peptide linking' y THREONINE         ? 'C4 H9 N O3'     119.119 
TRP 'L-peptide linking' y TRYPTOPHAN        ? 'C11 H12 N2 O2'  204.225 
TYR 'L-peptide linking' y TYROSINE          ? 'C9 H11 N O3'    181.189 
VAL 'L-peptide linking' y VALINE            ? 'C5 H11 N O2'    117.146 
# 
_exptl.entry_id          4NC8 
_exptl.method            'X-RAY DIFFRACTION' 
_exptl.crystals_number   1 
# 
loop_
_exptl_crystal.id 
_exptl_crystal.density_meas 
_exptl_crystal.density_Matthews 
_exptl_crystal.density_percent_sol 
_exptl_crystal.description 
_exptl_crystal.F_000 
_exptl_crystal.preparation 
1 ? 1.91 35.44 ? ? ? 
2 ? ?    ?     ? ? ? 
# 
loop_
_exptl_crystal_grow.crystal_id 
_exptl_crystal_grow.method 
_exptl_crystal_grow.temp 
_exptl_crystal_grow.temp_details 
_exptl_crystal_grow.pH 
_exptl_crystal_grow.pdbx_details 
_exptl_crystal_grow.pdbx_pH_range 
1 'VAPOR DIFFUSION, HANGING DROP' 290.15 ? 8.0 
'2M sodium/potassium phosphate, pH 8.0, VAPOR DIFFUSION, HANGING DROP, temperature 290.15K'   ? 
2 'VAPOR DIFFUSION, HANGING DROP' 290.15 ? 8.2 
'1.8M sodium/potassium phosphate, pH 8.2, VAPOR DIFFUSION, HANGING DROP, temperature 290.15K' ? 
# 
_diffrn.id                     1 
_diffrn.ambient_temp           100 
_diffrn.ambient_temp_details   ? 
_diffrn.crystal_id             1 
# 
_diffrn_detector.diffrn_id              1 
_diffrn_detector.detector               CCD 
_diffrn_detector.type                   'RAYONIX MX-225' 
_diffrn_detector.pdbx_collection_date   2012-07-18 
_diffrn_detector.details                ? 
# 
_diffrn_radiation.diffrn_id                        1 
_diffrn_radiation.wavelength_id                    1 
_diffrn_radiation.pdbx_monochromatic_or_laue_m_l   M 
_diffrn_radiation.monochromator                    KMC-2 
_diffrn_radiation.pdbx_diffrn_protocol             'SINGLE WAVELENGTH' 
_diffrn_radiation.pdbx_scattering_type             x-ray 
# 
_diffrn_radiation_wavelength.id           1 
_diffrn_radiation_wavelength.wavelength   0.9871 
_diffrn_radiation_wavelength.wt           1.0 
# 
_diffrn_source.diffrn_id                   1 
_diffrn_source.source                      SYNCHROTRON 
_diffrn_source.type                        'BESSY BEAMLINE 14.1' 
_diffrn_source.pdbx_synchrotron_site       BESSY 
_diffrn_source.pdbx_synchrotron_beamline   14.1 
_diffrn_source.pdbx_wavelength             ? 
_diffrn_source.pdbx_wavelength_list        0.9871 
# 
_reflns.entry_id                     4NC8 
_reflns.observed_criterion_sigma_I   2.0 
_reflns.observed_criterion_sigma_F   2.0 
_reflns.d_resolution_low             41.5 
_reflns.d_resolution_high            2.16 
_reflns.number_obs                   9786 
_reflns.number_all                   9941 
_reflns.percent_possible_obs         98.9 
_reflns.pdbx_Rmerge_I_obs            ? 
_reflns.pdbx_Rsym_value              ? 
_reflns.pdbx_netI_over_sigmaI        ? 
_reflns.B_iso_Wilson_estimate        ? 
_reflns.pdbx_redundancy              ? 
_reflns.R_free_details               ? 
_reflns.limit_h_max                  ? 
_reflns.limit_h_min                  ? 
_reflns.limit_k_max                  ? 
_reflns.limit_k_min                  ? 
_reflns.limit_l_max                  ? 
_reflns.limit_l_min                  ? 
_reflns.observed_criterion_F_max     ? 
_reflns.observed_criterion_F_min     ? 
_reflns.pdbx_chi_squared             ? 
_reflns.pdbx_scaling_rejects         ? 
_reflns.pdbx_ordinal                 1 
_reflns.pdbx_diffrn_id               1 
# 
_reflns_shell.d_res_high             2.17 
_reflns_shell.d_res_low              2.28 
_reflns_shell.percent_possible_all   95.5 
_reflns_shell.Rmerge_I_obs           ? 
_reflns_shell.pdbx_Rsym_value        ? 
_reflns_shell.meanI_over_sigI_obs    ? 
_reflns_shell.pdbx_redundancy        ? 
_reflns_shell.percent_possible_obs   ? 
_reflns_shell.number_unique_all      ? 
_reflns_shell.number_measured_all    ? 
_reflns_shell.number_measured_obs    ? 
_reflns_shell.number_unique_obs      ? 
_reflns_shell.pdbx_chi_squared       ? 
_reflns_shell.pdbx_ordinal           1 
_reflns_shell.pdbx_diffrn_id         1 
# 
_refine.entry_id                                 4NC8 
_refine.ls_number_reflns_obs                     9317 
_refine.ls_number_reflns_all                     9762 
_refine.pdbx_ls_sigma_I                          ? 
_refine.pdbx_ls_sigma_F                          2.0 
_refine.pdbx_data_cutoff_high_absF               ? 
_refine.pdbx_data_cutoff_low_absF                ? 
_refine.pdbx_data_cutoff_high_rms_absF           ? 
_refine.ls_d_res_low                             41.5 
_refine.ls_d_res_high                            2.17 
_refine.ls_percent_reflns_obs                    98.43 
_refine.ls_R_factor_obs                          0.22682 
_refine.ls_R_factor_all                          0.2670 
_refine.ls_R_factor_R_work                       0.22391 
_refine.ls_R_factor_R_free                       0.28263 
_refine.ls_R_factor_R_free_error                 ? 
_refine.ls_R_factor_R_free_error_details         ? 
_refine.ls_percent_reflns_R_free                 4.8 
_refine.ls_number_reflns_R_free                  470 
_refine.ls_number_parameters                     ? 
_refine.ls_number_restraints                     ? 
_refine.occupancy_min                            ? 
_refine.occupancy_max                            ? 
_refine.correlation_coeff_Fo_to_Fc               0.939 
_refine.correlation_coeff_Fo_to_Fc_free          0.916 
_refine.B_iso_mean                               56.528 
_refine.aniso_B[1][1]                            4.99 
_refine.aniso_B[2][2]                            -2.62 
_refine.aniso_B[3][3]                            -2.37 
_refine.aniso_B[1][2]                            0.00 
_refine.aniso_B[1][3]                            0.00 
_refine.aniso_B[2][3]                            -0.00 
_refine.solvent_model_details                    MASK 
_refine.solvent_model_param_ksol                 ? 
_refine.solvent_model_param_bsol                 ? 
_refine.pdbx_solvent_vdw_probe_radii             1.20 
_refine.pdbx_solvent_ion_probe_radii             0.80 
_refine.pdbx_solvent_shrinkage_radii             0.80 
_refine.pdbx_ls_cross_valid_method               THROUGHOUT 
_refine.details                                  'HYDROGENS HAVE BEEN ADDED IN THE RIDING POSITIONS' 
_refine.pdbx_starting_model                      'PDB ENTRY 4NC7' 
_refine.pdbx_method_to_determine_struct          'MOLECULAR REPLACEMENT' 
_refine.pdbx_isotropic_thermal_model             ? 
_refine.pdbx_stereochemistry_target_values       'MAXIMUM LIKELIHOOD' 
_refine.pdbx_stereochem_target_val_spec_case     ? 
_refine.pdbx_R_Free_selection_details            RANDOM 
_refine.pdbx_overall_ESU_R                       0.289 
_refine.pdbx_overall_ESU_R_Free                  0.238 
_refine.overall_SU_ML                            0.221 
_refine.pdbx_overall_phase_error                 ? 
_refine.overall_SU_B                             8.945 
_refine.overall_SU_R_Cruickshank_DPI             ? 
_refine.ls_redundancy_reflns_obs                 ? 
_refine.B_iso_min                                ? 
_refine.B_iso_max                                ? 
_refine.overall_SU_R_free                        ? 
_refine.ls_wR_factor_R_free                      ? 
_refine.ls_wR_factor_R_work                      ? 
_refine.overall_FOM_free_R_set                   ? 
_refine.overall_FOM_work_R_set                   ? 
_refine.pdbx_diffrn_id                           1 
_refine.pdbx_refine_id                           'X-RAY DIFFRACTION' 
_refine.pdbx_TLS_residual_ADP_flag               ? 
_refine.pdbx_overall_SU_R_free_Cruickshank_DPI   ? 
_refine.pdbx_overall_SU_R_Blow_DPI               ? 
_refine.pdbx_overall_SU_R_free_Blow_DPI          ? 
# 
_refine_hist.pdbx_refine_id                   'X-RAY DIFFRACTION' 
_refine_hist.cycle_id                         LAST 
_refine_hist.pdbx_number_atoms_protein        1314 
_refine_hist.pdbx_number_atoms_nucleic_acid   0 
_refine_hist.pdbx_number_atoms_ligand         2 
_refine_hist.number_atoms_solvent             20 
_refine_hist.number_atoms_total               1336 
_refine_hist.d_res_high                       2.17 
_refine_hist.d_res_low                        41.5 
# 
loop_
_refine_ls_restr.type 
_refine_ls_restr.dev_ideal 
_refine_ls_restr.dev_ideal_target 
_refine_ls_restr.weight 
_refine_ls_restr.number 
_refine_ls_restr.pdbx_restraint_function 
_refine_ls_restr.pdbx_refine_id 
r_bond_refined_d       0.014  0.019  ? 1351 ? 'X-RAY DIFFRACTION' 
r_bond_other_d         0.001  0.020  ? 1292 ? 'X-RAY DIFFRACTION' 
r_angle_refined_deg    1.540  1.965  ? 1821 ? 'X-RAY DIFFRACTION' 
r_angle_other_deg      0.784  3.000  ? 2981 ? 'X-RAY DIFFRACTION' 
r_dihedral_angle_1_deg 6.474  5.000  ? 158  ? 'X-RAY DIFFRACTION' 
r_dihedral_angle_2_deg 39.788 25.068 ? 73   ? 'X-RAY DIFFRACTION' 
r_dihedral_angle_3_deg 15.945 15.000 ? 255  ? 'X-RAY DIFFRACTION' 
r_dihedral_angle_4_deg 19.340 15.000 ? 7    ? 'X-RAY DIFFRACTION' 
r_chiral_restr         0.077  0.200  ? 193  ? 'X-RAY DIFFRACTION' 
r_gen_planes_refined   0.007  0.020  ? 1510 ? 'X-RAY DIFFRACTION' 
r_gen_planes_other     0.001  0.020  ? 313  ? 'X-RAY DIFFRACTION' 
# 
_refine_ls_shell.pdbx_total_number_of_bins_used   20 
_refine_ls_shell.d_res_high                       2.17 
_refine_ls_shell.d_res_low                        2.222 
_refine_ls_shell.number_reflns_R_work             643 
_refine_ls_shell.R_factor_R_work                  0.315 
_refine_ls_shell.percent_reflns_obs               92.52 
_refine_ls_shell.R_factor_R_free                  0.296 
_refine_ls_shell.R_factor_R_free_error            ? 
_refine_ls_shell.percent_reflns_R_free            ? 
_refine_ls_shell.number_reflns_R_free             25 
_refine_ls_shell.number_reflns_all                ? 
_refine_ls_shell.R_factor_all                     ? 
_refine_ls_shell.number_reflns_obs                ? 
_refine_ls_shell.redundancy_reflns_obs            ? 
_refine_ls_shell.pdbx_refine_id                   'X-RAY DIFFRACTION' 
# 
_struct.entry_id                  4NC8 
_struct.title                     'N-terminal domain of delta-subunit of RNA polymerase complexed with nickel ions' 
_struct.pdbx_model_details        ? 
_struct.pdbx_CASP_flag            ? 
_struct.pdbx_model_type_details   ? 
# 
_struct_keywords.entry_id        4NC8 
_struct_keywords.pdbx_keywords   TRANSCRIPTION 
_struct_keywords.text            'nucleus, TRANSCRIPTION' 
# 
loop_
_struct_asym.id 
_struct_asym.pdbx_blank_PDB_chainid_flag 
_struct_asym.pdbx_modified 
_struct_asym.entity_id 
_struct_asym.details 
A N N 1 ? 
B N N 1 ? 
C N N 2 ? 
D N N 2 ? 
E N N 3 ? 
F N N 3 ? 
# 
_struct_biol.id        1 
_struct_biol.details   ? 
# 
loop_
_struct_conf.conf_type_id 
_struct_conf.id 
_struct_conf.pdbx_PDB_helix_id 
_struct_conf.beg_label_comp_id 
_struct_conf.beg_label_asym_id 
_struct_conf.beg_label_seq_id 
_struct_conf.pdbx_beg_PDB_ins_code 
_struct_conf.end_label_comp_id 
_struct_conf.end_label_asym_id 
_struct_conf.end_label_seq_id 
_struct_conf.pdbx_end_PDB_ins_code 
_struct_conf.beg_auth_comp_id 
_struct_conf.beg_auth_asym_id 
_struct_conf.beg_auth_seq_id 
_struct_conf.end_auth_comp_id 
_struct_conf.end_auth_asym_id 
_struct_conf.end_auth_seq_id 
_struct_conf.pdbx_PDB_helix_class 
_struct_conf.details 
_struct_conf.pdbx_PDB_helix_length 
HELX_P HELX_P1  1  SER A 6  ? LYS A 11 ? SER A 6  LYS A 11 1 ? 6  
HELX_P HELX_P2  2  ALA A 14 ? LYS A 27 ? ALA A 14 LYS A 27 1 ? 14 
HELX_P HELX_P3  3  PRO A 31 ? LEU A 43 ? PRO A 31 LEU A 43 1 ? 13 
HELX_P HELX_P4  4  LYS A 46 ? GLY A 51 ? LYS A 46 GLY A 51 1 ? 6  
HELX_P HELX_P5  5  ASP A 52 ? ASP A 64 ? ASP A 52 ASP A 64 1 ? 13 
HELX_P HELX_P6  6  LEU A 77 ? TYR A 81 ? LEU A 77 TYR A 81 5 ? 5  
HELX_P HELX_P7  7  SER B 6  ? LYS B 11 ? SER B 6  LYS B 11 1 ? 6  
HELX_P HELX_P8  8  ALA B 14 ? LYS B 27 ? ALA B 14 LYS B 27 1 ? 14 
HELX_P HELX_P9  9  PRO B 31 ? LEU B 43 ? PRO B 31 LEU B 43 1 ? 13 
HELX_P HELX_P10 10 LYS B 46 ? GLY B 51 ? LYS B 46 GLY B 51 5 ? 6  
HELX_P HELX_P11 11 ASP B 52 ? ASP B 64 ? ASP B 52 ASP B 64 1 ? 13 
HELX_P HELX_P12 12 LEU B 77 ? TYR B 81 ? LEU B 77 TYR B 81 5 ? 5  
# 
_struct_conf_type.id          HELX_P 
_struct_conf_type.criteria    ? 
_struct_conf_type.reference   ? 
# 
loop_
_struct_conn.id 
_struct_conn.conn_type_id 
_struct_conn.pdbx_leaving_atom_flag 
_struct_conn.pdbx_PDB_id 
_struct_conn.ptnr1_label_asym_id 
_struct_conn.ptnr1_label_comp_id 
_struct_conn.ptnr1_label_seq_id 
_struct_conn.ptnr1_label_atom_id 
_struct_conn.pdbx_ptnr1_label_alt_id 
_struct_conn.pdbx_ptnr1_PDB_ins_code 
_struct_conn.pdbx_ptnr1_standard_comp_id 
_struct_conn.ptnr1_symmetry 
_struct_conn.ptnr2_label_asym_id 
_struct_conn.ptnr2_label_comp_id 
_struct_conn.ptnr2_label_seq_id 
_struct_conn.ptnr2_label_atom_id 
_struct_conn.pdbx_ptnr2_label_alt_id 
_struct_conn.pdbx_ptnr2_PDB_ins_code 
_struct_conn.ptnr1_auth_asym_id 
_struct_conn.ptnr1_auth_comp_id 
_struct_conn.ptnr1_auth_seq_id 
_struct_conn.ptnr2_auth_asym_id 
_struct_conn.ptnr2_auth_comp_id 
_struct_conn.ptnr2_auth_seq_id 
_struct_conn.ptnr2_symmetry 
_struct_conn.pdbx_ptnr3_label_atom_id 
_struct_conn.pdbx_ptnr3_label_seq_id 
_struct_conn.pdbx_ptnr3_label_comp_id 
_struct_conn.pdbx_ptnr3_label_asym_id 
_struct_conn.pdbx_ptnr3_label_alt_id 
_struct_conn.pdbx_ptnr3_PDB_ins_code 
_struct_conn.details 
_struct_conn.pdbx_dist_value 
_struct_conn.pdbx_value_order 
_struct_conn.pdbx_role 
metalc1 metalc ? ? A LEU 61 O ? ? ? 1_555 C NI . NI ? ? A LEU 61 A NI 101 1_555 ? ? ? ? ? ? ? 2.680 ? ? 
metalc2 metalc ? ? B LEU 61 O ? ? ? 1_555 D NI . NI ? ? B LEU 61 B NI 101 1_555 ? ? ? ? ? ? ? 2.746 ? ? 
metalc3 metalc ? ? B ASN 62 O ? ? ? 1_555 D NI . NI ? ? B ASN 62 B NI 101 1_555 ? ? ? ? ? ? ? 2.576 ? ? 
metalc4 metalc ? ? B ASP 64 O ? ? ? 1_555 D NI . NI ? ? B ASP 64 B NI 101 1_555 ? ? ? ? ? ? ? 2.640 ? ? 
metalc5 metalc ? ? B PHE 67 O ? ? ? 1_555 D NI . NI ? ? B PHE 67 B NI 101 1_555 ? ? ? ? ? ? ? 2.747 ? ? 
# 
_struct_conn_type.id          metalc 
_struct_conn_type.criteria    ? 
_struct_conn_type.reference   ? 
# 
loop_
_struct_site.id 
_struct_site.pdbx_evidence_code 
_struct_site.pdbx_auth_asym_id 
_struct_site.pdbx_auth_comp_id 
_struct_site.pdbx_auth_seq_id 
_struct_site.pdbx_auth_ins_code 
_struct_site.pdbx_num_residues 
_struct_site.details 
AC1 Software A NI 101 ? 5 'BINDING SITE FOR RESIDUE NI A 101' 
AC2 Software B NI 101 ? 6 'BINDING SITE FOR RESIDUE NI B 101' 
# 
loop_
_struct_site_gen.id 
_struct_site_gen.site_id 
_struct_site_gen.pdbx_num_res 
_struct_site_gen.label_comp_id 
_struct_site_gen.label_asym_id 
_struct_site_gen.label_seq_id 
_struct_site_gen.pdbx_auth_ins_code 
_struct_site_gen.auth_comp_id 
_struct_site_gen.auth_asym_id 
_struct_site_gen.auth_seq_id 
_struct_site_gen.label_atom_id 
_struct_site_gen.label_alt_id 
_struct_site_gen.symmetry 
_struct_site_gen.details 
1  AC1 5 LEU A 61 ? LEU A 61  . ? 1_555 ? 
2  AC1 5 ASN A 62 ? ASN A 62  . ? 1_555 ? 
3  AC1 5 ASP A 64 ? ASP A 64  . ? 1_555 ? 
4  AC1 5 PHE A 67 ? PHE A 67  . ? 1_555 ? 
5  AC1 5 ASN B 62 ? ASN B 62  . ? 1_555 ? 
6  AC2 6 ASN A 62 ? ASN A 62  . ? 1_555 ? 
7  AC2 6 HOH E .  ? HOH A 204 . ? 1_555 ? 
8  AC2 6 LEU B 61 ? LEU B 61  . ? 1_555 ? 
9  AC2 6 ASN B 62 ? ASN B 62  . ? 1_555 ? 
10 AC2 6 ASP B 64 ? ASP B 64  . ? 1_555 ? 
11 AC2 6 PHE B 67 ? PHE B 67  . ? 1_555 ? 
# 
_atom_sites.entry_id                    4NC8 
_atom_sites.fract_transf_matrix[1][1]   0.00391402 
_atom_sites.fract_transf_matrix[1][2]   0.00804503 
_atom_sites.fract_transf_matrix[1][3]   -0.02370916 
_atom_sites.fract_transf_matrix[2][1]   -0.00287506 
_atom_sites.fract_transf_matrix[2][2]   0.00833034 
_atom_sites.fract_transf_matrix[2][3]   0.00235204 
_atom_sites.fract_transf_matrix[3][1]   0.01129166 
_atom_sites.fract_transf_matrix[3][2]   0.00307608 
_atom_sites.fract_transf_matrix[3][3]   0.00290786 
_atom_sites.fract_transf_vector[1]      -0.015017 
_atom_sites.fract_transf_vector[2]      0.013730 
_atom_sites.fract_transf_vector[3]      -0.143883 
# 
loop_
_atom_type.symbol 
C  
N  
NI 
O  
S  
# 
loop_
_atom_site.group_PDB 
_atom_site.id 
_atom_site.type_symbol 
_atom_site.label_atom_id 
_atom_site.label_alt_id 
_atom_site.label_comp_id 
_atom_site.label_asym_id 
_atom_site.label_entity_id 
_atom_site.label_seq_id 
_atom_site.pdbx_PDB_ins_code 
_atom_site.Cartn_x 
_atom_site.Cartn_y 
_atom_site.Cartn_z 
_atom_site.occupancy 
_atom_site.B_iso_or_equiv 
_atom_site.pdbx_formal_charge 
_atom_site.auth_seq_id 
_atom_site.auth_comp_id 
_atom_site.auth_asym_id 
_atom_site.auth_atom_id 
_atom_site.pdbx_PDB_model_num 
ATOM   1    N  N   . LYS A 1 3  ? -3.395  26.376  5.298   1.00 64.00  ? 3   LYS A N   1 
ATOM   2    C  CA  . LYS A 1 3  ? -2.029  25.911  4.951   1.00 59.96  ? 3   LYS A CA  1 
ATOM   3    C  C   . LYS A 1 3  ? -1.019  26.993  5.136   1.00 64.27  ? 3   LYS A C   1 
ATOM   4    O  O   . LYS A 1 3  ? -1.342  28.183  5.168   1.00 74.12  ? 3   LYS A O   1 
ATOM   5    C  CB  . LYS A 1 3  ? -1.953  25.439  3.507   1.00 61.64  ? 3   LYS A CB  1 
ATOM   6    C  CG  . LYS A 1 3  ? -2.108  23.948  3.361   1.00 64.64  ? 3   LYS A CG  1 
ATOM   7    C  CD  . LYS A 1 3  ? -1.206  23.413  2.281   1.00 64.99  ? 3   LYS A CD  1 
ATOM   8    C  CE  . LYS A 1 3  ? -1.408  21.922  2.148   1.00 67.38  ? 3   LYS A CE  1 
ATOM   9    N  NZ  . LYS A 1 3  ? -2.824  21.547  1.913   1.00 70.71  ? 3   LYS A NZ  1 
ATOM   10   N  N   . GLN A 1 4  ? 0.221   26.554  5.223   1.00 59.17  ? 4   GLN A N   1 
ATOM   11   C  CA  . GLN A 1 4  ? 1.358   27.434  5.347   1.00 62.15  ? 4   GLN A CA  1 
ATOM   12   C  C   . GLN A 1 4  ? 2.157   27.466  4.051   1.00 56.19  ? 4   GLN A C   1 
ATOM   13   O  O   . GLN A 1 4  ? 3.336   27.812  4.052   1.00 60.58  ? 4   GLN A O   1 
ATOM   14   C  CB  . GLN A 1 4  ? 2.230   26.988  6.522   1.00 74.49  ? 4   GLN A CB  1 
ATOM   15   C  CG  . GLN A 1 4  ? 2.947   25.645  6.366   1.00 91.16  ? 4   GLN A CG  1 
ATOM   16   C  CD  . GLN A 1 4  ? 3.264   24.993  7.714   1.00 104.32 ? 4   GLN A CD  1 
ATOM   17   O  OE1 . GLN A 1 4  ? 2.976   25.569  8.768   1.00 108.92 ? 4   GLN A OE1 1 
ATOM   18   N  NE2 . GLN A 1 4  ? 3.851   23.790  7.684   1.00 100.35 ? 4   GLN A NE2 1 
ATOM   19   N  N   . TYR A 1 5  ? 1.523   27.105  2.937   1.00 55.76  ? 5   TYR A N   1 
ATOM   20   C  CA  . TYR A 1 5  ? 2.211   27.166  1.645   1.00 60.99  ? 5   TYR A CA  1 
ATOM   21   C  C   . TYR A 1 5  ? 1.385   27.903  0.613   1.00 58.92  ? 5   TYR A C   1 
ATOM   22   O  O   . TYR A 1 5  ? 0.172   27.755  0.547   1.00 65.38  ? 5   TYR A O   1 
ATOM   23   C  CB  . TYR A 1 5  ? 2.563   25.765  1.135   1.00 66.07  ? 5   TYR A CB  1 
ATOM   24   C  CG  . TYR A 1 5  ? 3.509   25.025  2.048   1.00 68.30  ? 5   TYR A CG  1 
ATOM   25   C  CD1 . TYR A 1 5  ? 4.875   25.279  2.014   1.00 70.08  ? 5   TYR A CD1 1 
ATOM   26   C  CD2 . TYR A 1 5  ? 3.029   24.094  2.976   1.00 67.88  ? 5   TYR A CD2 1 
ATOM   27   C  CE1 . TYR A 1 5  ? 5.748   24.606  2.861   1.00 78.39  ? 5   TYR A CE1 1 
ATOM   28   C  CE2 . TYR A 1 5  ? 3.891   23.422  3.832   1.00 72.57  ? 5   TYR A CE2 1 
ATOM   29   C  CZ  . TYR A 1 5  ? 5.251   23.672  3.772   1.00 73.02  ? 5   TYR A CZ  1 
ATOM   30   O  OH  . TYR A 1 5  ? 6.112   23.003  4.626   1.00 69.05  ? 5   TYR A OH  1 
ATOM   31   N  N   . SER A 1 6  ? 2.069   28.705  -0.180  1.00 59.13  ? 6   SER A N   1 
ATOM   32   C  CA  . SER A 1 6  ? 1.491   29.322  -1.349  1.00 59.15  ? 6   SER A CA  1 
ATOM   33   C  C   . SER A 1 6  ? 1.466   28.302  -2.449  1.00 59.32  ? 6   SER A C   1 
ATOM   34   O  O   . SER A 1 6  ? 2.148   27.275  -2.369  1.00 65.80  ? 6   SER A O   1 
ATOM   35   C  CB  . SER A 1 6  ? 2.382   30.482  -1.800  1.00 59.77  ? 6   SER A CB  1 
ATOM   36   O  OG  . SER A 1 6  ? 3.685   29.998  -2.134  1.00 56.54  ? 6   SER A OG  1 
ATOM   37   N  N   . GLN A 1 7  ? 0.705   28.599  -3.494  1.00 62.00  ? 7   GLN A N   1 
ATOM   38   C  CA  . GLN A 1 7  ? 0.729   27.813  -4.737  1.00 65.83  ? 7   GLN A CA  1 
ATOM   39   C  C   . GLN A 1 7  ? 2.167   27.672  -5.294  1.00 65.27  ? 7   GLN A C   1 
ATOM   40   O  O   . GLN A 1 7  ? 2.561   26.616  -5.817  1.00 66.39  ? 7   GLN A O   1 
ATOM   41   C  CB  . GLN A 1 7  ? -0.185  28.467  -5.796  1.00 68.38  ? 7   GLN A CB  1 
ATOM   42   C  CG  . GLN A 1 7  ? -0.730  27.509  -6.855  1.00 72.80  ? 7   GLN A CG  1 
ATOM   43   C  CD  . GLN A 1 7  ? -0.476  27.956  -8.283  1.00 69.65  ? 7   GLN A CD  1 
ATOM   44   O  OE1 . GLN A 1 7  ? -1.399  28.333  -8.999  1.00 71.67  ? 7   GLN A OE1 1 
ATOM   45   N  NE2 . GLN A 1 7  ? 0.781   27.884  -8.711  1.00 70.12  ? 7   GLN A NE2 1 
ATOM   46   N  N   . GLU A 1 8  ? 2.937   28.750  -5.173  1.00 64.43  ? 8   GLU A N   1 
ATOM   47   C  CA  . GLU A 1 8  ? 4.315   28.810  -5.675  1.00 62.15  ? 8   GLU A CA  1 
ATOM   48   C  C   . GLU A 1 8  ? 5.294   27.950  -4.881  1.00 60.97  ? 8   GLU A C   1 
ATOM   49   O  O   . GLU A 1 8  ? 6.254   27.450  -5.447  1.00 66.71  ? 8   GLU A O   1 
ATOM   50   C  CB  . GLU A 1 8  ? 4.825   30.261  -5.668  1.00 65.03  ? 8   GLU A CB  1 
ATOM   51   C  CG  . GLU A 1 8  ? 4.246   31.155  -6.764  1.00 71.42  ? 8   GLU A CG  1 
ATOM   52   C  CD  . GLU A 1 8  ? 4.641   32.631  -6.612  1.00 84.97  ? 8   GLU A CD  1 
ATOM   53   O  OE1 . GLU A 1 8  ? 5.385   32.963  -5.641  1.00 91.16  ? 8   GLU A OE1 1 
ATOM   54   O  OE2 . GLU A 1 8  ? 4.200   33.466  -7.459  1.00 86.03  ? 8   GLU A OE2 1 
ATOM   55   N  N   . GLU A 1 9  ? 5.085   27.832  -3.568  1.00 63.99  ? 9   GLU A N   1 
ATOM   56   C  CA  . GLU A 1 9  ? 5.851   26.898  -2.742  1.00 63.16  ? 9   GLU A CA  1 
ATOM   57   C  C   . GLU A 1 9  ? 5.423   25.458  -3.059  1.00 52.33  ? 9   GLU A C   1 
ATOM   58   O  O   . GLU A 1 9  ? 6.266   24.607  -3.263  1.00 58.23  ? 9   GLU A O   1 
ATOM   59   C  CB  . GLU A 1 9  ? 5.653   27.176  -1.256  1.00 66.20  ? 9   GLU A CB  1 
ATOM   60   C  CG  . GLU A 1 9  ? 6.296   28.458  -0.740  1.00 69.20  ? 9   GLU A CG  1 
ATOM   61   C  CD  . GLU A 1 9  ? 5.709   28.873  0.601   1.00 69.53  ? 9   GLU A CD  1 
ATOM   62   O  OE1 . GLU A 1 9  ? 4.475   29.056  0.665   1.00 74.60  ? 9   GLU A OE1 1 
ATOM   63   O  OE2 . GLU A 1 9  ? 6.455   28.984  1.596   1.00 72.71  ? 9   GLU A OE2 1 
ATOM   64   N  N   . LEU A 1 10 ? 4.120   25.211  -3.143  1.00 49.01  ? 10  LEU A N   1 
ATOM   65   C  CA  . LEU A 1 10 ? 3.609   23.904  -3.548  1.00 52.07  ? 10  LEU A CA  1 
ATOM   66   C  C   . LEU A 1 10 ? 4.166   23.505  -4.894  1.00 55.97  ? 10  LEU A C   1 
ATOM   67   O  O   . LEU A 1 10 ? 4.470   22.336  -5.134  1.00 61.76  ? 10  LEU A O   1 
ATOM   68   C  CB  . LEU A 1 10 ? 2.073   23.911  -3.628  1.00 52.81  ? 10  LEU A CB  1 
ATOM   69   C  CG  . LEU A 1 10 ? 1.349   24.079  -2.297  1.00 54.18  ? 10  LEU A CG  1 
ATOM   70   C  CD1 . LEU A 1 10 ? -0.168  23.984  -2.460  1.00 52.14  ? 10  LEU A CD1 1 
ATOM   71   C  CD2 . LEU A 1 10 ? 1.884   23.080  -1.276  1.00 54.91  ? 10  LEU A CD2 1 
ATOM   72   N  N   . LYS A 1 11 ? 4.295   24.476  -5.784  1.00 65.15  ? 11  LYS A N   1 
ATOM   73   C  CA  . LYS A 1 11 ? 4.839   24.218  -7.122  1.00 70.73  ? 11  LYS A CA  1 
ATOM   74   C  C   . LYS A 1 11 ? 6.330   23.820  -7.088  1.00 68.52  ? 11  LYS A C   1 
ATOM   75   O  O   . LYS A 1 11 ? 6.869   23.315  -8.072  1.00 67.84  ? 11  LYS A O   1 
ATOM   76   C  CB  . LYS A 1 11 ? 4.624   25.440  -8.032  1.00 72.38  ? 11  LYS A CB  1 
ATOM   77   C  CG  . LYS A 1 11 ? 4.408   25.079  -9.494  1.00 75.78  ? 11  LYS A CG  1 
ATOM   78   C  CD  . LYS A 1 11 ? 3.729   26.206  -10.264 1.00 79.02  ? 11  LYS A CD  1 
ATOM   79   C  CE  . LYS A 1 11 ? 2.776   25.647  -11.316 1.00 84.30  ? 11  LYS A CE  1 
ATOM   80   N  NZ  . LYS A 1 11 ? 2.109   26.713  -12.124 1.00 82.93  ? 11  LYS A NZ  1 
ATOM   81   N  N   . GLU A 1 12 ? 6.999   24.045  -5.964  1.00 68.02  ? 12  GLU A N   1 
ATOM   82   C  CA  . GLU A 1 12 ? 8.371   23.568  -5.803  1.00 75.31  ? 12  GLU A CA  1 
ATOM   83   C  C   . GLU A 1 12 ? 8.496   22.192  -5.113  1.00 76.47  ? 12  GLU A C   1 
ATOM   84   O  O   . GLU A 1 12 ? 9.598   21.617  -5.129  1.00 73.59  ? 12  GLU A O   1 
ATOM   85   C  CB  . GLU A 1 12 ? 9.200   24.600  -5.045  1.00 77.29  ? 12  GLU A CB  1 
ATOM   86   C  CG  . GLU A 1 12 ? 9.569   25.811  -5.891  1.00 80.08  ? 12  GLU A CG  1 
ATOM   87   C  CD  . GLU A 1 12 ? 9.706   27.078  -5.062  1.00 84.46  ? 12  GLU A CD  1 
ATOM   88   O  OE1 . GLU A 1 12 ? 10.234  26.996  -3.924  1.00 71.20  ? 12  GLU A OE1 1 
ATOM   89   O  OE2 . GLU A 1 12 ? 9.280   28.154  -5.551  1.00 88.24  ? 12  GLU A OE2 1 
ATOM   90   N  N   . MET A 1 13 ? 7.393   21.662  -4.552  1.00 69.42  ? 13  MET A N   1 
ATOM   91   C  CA  . MET A 1 13 ? 7.427   20.421  -3.719  1.00 65.59  ? 13  MET A CA  1 
ATOM   92   C  C   . MET A 1 13 ? 7.126   19.132  -4.483  1.00 62.59  ? 13  MET A C   1 
ATOM   93   O  O   . MET A 1 13 ? 6.386   19.115  -5.478  1.00 64.24  ? 13  MET A O   1 
ATOM   94   C  CB  . MET A 1 13 ? 6.454   20.526  -2.536  1.00 65.78  ? 13  MET A CB  1 
ATOM   95   C  CG  . MET A 1 13 ? 6.917   21.478  -1.444  1.00 68.19  ? 13  MET A CG  1 
ATOM   96   S  SD  . MET A 1 13 ? 5.581   22.264  -0.512  1.00 73.38  ? 13  MET A SD  1 
ATOM   97   C  CE  . MET A 1 13 ? 4.869   20.812  0.252   1.00 71.56  ? 13  MET A CE  1 
ATOM   98   N  N   . ALA A 1 14 ? 7.705   18.036  -4.007  1.00 58.68  ? 14  ALA A N   1 
ATOM   99   C  CA  . ALA A 1 14 ? 7.333   16.724  -4.514  1.00 49.11  ? 14  ALA A CA  1 
ATOM   100  C  C   . ALA A 1 14 ? 5.849   16.494  -4.238  1.00 47.03  ? 14  ALA A C   1 
ATOM   101  O  O   . ALA A 1 14 ? 5.317   16.875  -3.158  1.00 42.57  ? 14  ALA A O   1 
ATOM   102  C  CB  . ALA A 1 14 ? 8.179   15.647  -3.858  1.00 48.43  ? 14  ALA A CB  1 
ATOM   103  N  N   . LEU A 1 15 ? 5.161   15.869  -5.192  1.00 41.71  ? 15  LEU A N   1 
ATOM   104  C  CA  . LEU A 1 15 ? 3.734   15.603  -4.960  1.00 41.82  ? 15  LEU A CA  1 
ATOM   105  C  C   . LEU A 1 15 ? 3.541   14.938  -3.585  1.00 41.79  ? 15  LEU A C   1 
ATOM   106  O  O   . LEU A 1 15 ? 2.583   15.272  -2.875  1.00 40.12  ? 15  LEU A O   1 
ATOM   107  C  CB  . LEU A 1 15 ? 3.116   14.771  -6.068  1.00 41.58  ? 15  LEU A CB  1 
ATOM   108  C  CG  . LEU A 1 15 ? 3.273   15.341  -7.501  1.00 43.82  ? 15  LEU A CG  1 
ATOM   109  C  CD1 . LEU A 1 15 ? 2.312   14.651  -8.446  1.00 41.11  ? 15  LEU A CD1 1 
ATOM   110  C  CD2 . LEU A 1 15 ? 3.018   16.845  -7.492  1.00 44.81  ? 15  LEU A CD2 1 
ATOM   111  N  N   . VAL A 1 16 ? 4.467   14.049  -3.201  1.00 44.03  ? 16  VAL A N   1 
ATOM   112  C  CA  . VAL A 1 16 ? 4.352   13.327  -1.898  1.00 43.42  ? 16  VAL A CA  1 
ATOM   113  C  C   . VAL A 1 16 ? 4.448   14.235  -0.653  1.00 38.95  ? 16  VAL A C   1 
ATOM   114  O  O   . VAL A 1 16 ? 3.921   13.905  0.407   1.00 46.63  ? 16  VAL A O   1 
ATOM   115  C  CB  . VAL A 1 16 ? 5.353   12.155  -1.800  1.00 42.92  ? 16  VAL A CB  1 
ATOM   116  C  CG1 . VAL A 1 16 ? 6.798   12.645  -1.764  1.00 43.87  ? 16  VAL A CG1 1 
ATOM   117  C  CG2 . VAL A 1 16 ? 5.095   11.337  -0.545  1.00 47.30  ? 16  VAL A CG2 1 
ATOM   118  N  N   . GLU A 1 17 ? 5.131   15.374  -0.761  1.00 40.66  ? 17  GLU A N   1 
ATOM   119  C  CA  . GLU A 1 17 ? 5.164   16.336  0.341   1.00 41.46  ? 17  GLU A CA  1 
ATOM   120  C  C   . GLU A 1 17 ? 3.883   17.150  0.330   1.00 44.27  ? 17  GLU A C   1 
ATOM   121  O  O   . GLU A 1 17 ? 3.309   17.437  1.406   1.00 39.37  ? 17  GLU A O   1 
ATOM   122  C  CB  . GLU A 1 17 ? 6.404   17.254  0.292   1.00 48.76  ? 17  GLU A CB  1 
ATOM   123  C  CG  . GLU A 1 17 ? 7.726   16.506  0.302   1.00 52.23  ? 17  GLU A CG  1 
ATOM   124  C  CD  . GLU A 1 17 ? 7.928   15.640  1.552   1.00 62.36  ? 17  GLU A CD  1 
ATOM   125  O  OE1 . GLU A 1 17 ? 7.484   16.051  2.672   1.00 52.27  ? 17  GLU A OE1 1 
ATOM   126  O  OE2 . GLU A 1 17 ? 8.523   14.532  1.402   1.00 64.95  ? 17  GLU A OE2 1 
ATOM   127  N  N   . ILE A 1 18 ? 3.375   17.479  -0.862  1.00 41.62  ? 18  ILE A N   1 
ATOM   128  C  CA  . ILE A 1 18 ? 2.027   18.082  -0.901  1.00 43.08  ? 18  ILE A CA  1 
ATOM   129  C  C   . ILE A 1 18 ? 1.014   17.150  -0.264  1.00 42.18  ? 18  ILE A C   1 
ATOM   130  O  O   . ILE A 1 18 ? 0.300   17.561  0.654   1.00 42.71  ? 18  ILE A O   1 
ATOM   131  C  CB  . ILE A 1 18 ? 1.545   18.456  -2.318  1.00 46.47  ? 18  ILE A CB  1 
ATOM   132  C  CG1 . ILE A 1 18 ? 2.521   19.462  -2.959  1.00 46.06  ? 18  ILE A CG1 1 
ATOM   133  C  CG2 . ILE A 1 18 ? 0.117   19.015  -2.223  1.00 46.27  ? 18  ILE A CG2 1 
ATOM   134  C  CD1 . ILE A 1 18 ? 2.491   19.494  -4.474  1.00 50.59  ? 18  ILE A CD1 1 
ATOM   135  N  N   . ALA A 1 19 ? 0.980   15.892  -0.731  1.00 37.59  ? 19  ALA A N   1 
ATOM   136  C  CA  . ALA A 1 19 ? 0.056   14.895  -0.185  1.00 38.97  ? 19  ALA A CA  1 
ATOM   137  C  C   . ALA A 1 19 ? 0.152   14.798  1.346   1.00 41.80  ? 19  ALA A C   1 
ATOM   138  O  O   . ALA A 1 19 ? -0.861  14.776  2.022   1.00 43.62  ? 19  ALA A O   1 
ATOM   139  C  CB  . ALA A 1 19 ? 0.314   13.548  -0.794  1.00 37.97  ? 19  ALA A CB  1 
ATOM   140  N  N   . HIS A 1 20 ? 1.376   14.758  1.877   1.00 43.72  ? 20  HIS A N   1 
ATOM   141  C  CA  . HIS A 1 20 ? 1.574   14.768  3.334   1.00 43.76  ? 20  HIS A CA  1 
ATOM   142  C  C   . HIS A 1 20 ? 0.936   15.940  4.109   1.00 45.19  ? 20  HIS A C   1 
ATOM   143  O  O   . HIS A 1 20 ? 0.441   15.783  5.266   1.00 39.32  ? 20  HIS A O   1 
ATOM   144  C  CB  . HIS A 1 20 ? 3.073   14.750  3.647   1.00 43.16  ? 20  HIS A CB  1 
ATOM   145  C  CG  . HIS A 1 20 ? 3.339   14.432  5.065   1.00 44.00  ? 20  HIS A CG  1 
ATOM   146  N  ND1 . HIS A 1 20 ? 3.222   13.152  5.569   1.00 48.82  ? 20  HIS A ND1 1 
ATOM   147  C  CD2 . HIS A 1 20 ? 3.625   15.227  6.117   1.00 47.61  ? 20  HIS A CD2 1 
ATOM   148  C  CE1 . HIS A 1 20 ? 3.439   13.170  6.871   1.00 43.16  ? 20  HIS A CE1 1 
ATOM   149  N  NE2 . HIS A 1 20 ? 3.696   14.416  7.226   1.00 49.34  ? 20  HIS A NE2 1 
ATOM   150  N  N   . GLU A 1 21 ? 0.984   17.138  3.522   1.00 45.60  ? 21  GLU A N   1 
ATOM   151  C  CA  . GLU A 1 21 ? 0.384   18.309  4.192   1.00 48.00  ? 21  GLU A CA  1 
ATOM   152  C  C   . GLU A 1 21 ? -1.122  18.185  4.081   1.00 44.73  ? 21  GLU A C   1 
ATOM   153  O  O   . GLU A 1 21 ? -1.824  18.453  5.042   1.00 43.05  ? 21  GLU A O   1 
ATOM   154  C  CB  . GLU A 1 21 ? 0.877   19.658  3.650   1.00 52.69  ? 21  GLU A CB  1 
ATOM   155  C  CG  . GLU A 1 21 ? 2.389   19.877  3.604   1.00 58.39  ? 21  GLU A CG  1 
ATOM   156  C  CD  . GLU A 1 21 ? 3.073   19.966  4.969   1.00 69.35  ? 21  GLU A CD  1 
ATOM   157  O  OE1 . GLU A 1 21 ? 2.395   20.146  6.028   1.00 72.01  ? 21  GLU A OE1 1 
ATOM   158  O  OE2 . GLU A 1 21 ? 4.325   19.847  4.968   1.00 74.97  ? 21  GLU A OE2 1 
ATOM   159  N  N   . LEU A 1 22 ? -1.619  17.700  2.949   1.00 46.39  ? 22  LEU A N   1 
ATOM   160  C  CA  . LEU A 1 22 ? -3.059  17.447  2.817   1.00 44.50  ? 22  LEU A CA  1 
ATOM   161  C  C   . LEU A 1 22 ? -3.513  16.552  3.936   1.00 46.72  ? 22  LEU A C   1 
ATOM   162  O  O   . LEU A 1 22 ? -4.474  16.860  4.626   1.00 50.23  ? 22  LEU A O   1 
ATOM   163  C  CB  . LEU A 1 22 ? -3.411  16.770  1.490   1.00 49.01  ? 22  LEU A CB  1 
ATOM   164  C  CG  . LEU A 1 22 ? -3.586  17.692  0.286   1.00 49.82  ? 22  LEU A CG  1 
ATOM   165  C  CD1 . LEU A 1 22 ? -3.703  16.925  -1.021  1.00 50.25  ? 22  LEU A CD1 1 
ATOM   166  C  CD2 . LEU A 1 22 ? -4.807  18.561  0.519   1.00 56.33  ? 22  LEU A CD2 1 
ATOM   167  N  N   . PHE A 1 23 ? -2.829  15.432  4.131   1.00 41.68  ? 23  PHE A N   1 
ATOM   168  C  CA  . PHE A 1 23 ? -3.276  14.464  5.169   1.00 45.07  ? 23  PHE A CA  1 
ATOM   169  C  C   . PHE A 1 23 ? -3.202  15.043  6.562   1.00 43.92  ? 23  PHE A C   1 
ATOM   170  O  O   . PHE A 1 23 ? -4.039  14.738  7.398   1.00 43.12  ? 23  PHE A O   1 
ATOM   171  C  CB  . PHE A 1 23 ? -2.399  13.203  5.173   1.00 43.00  ? 23  PHE A CB  1 
ATOM   172  C  CG  . PHE A 1 23 ? -2.752  12.202  4.141   1.00 46.63  ? 23  PHE A CG  1 
ATOM   173  C  CD1 . PHE A 1 23 ? -4.049  11.679  4.067   1.00 46.36  ? 23  PHE A CD1 1 
ATOM   174  C  CD2 . PHE A 1 23 ? -1.768  11.712  3.271   1.00 44.65  ? 23  PHE A CD2 1 
ATOM   175  C  CE1 . PHE A 1 23 ? -4.353  10.713  3.135   1.00 42.18  ? 23  PHE A CE1 1 
ATOM   176  C  CE2 . PHE A 1 23 ? -2.084  10.744  2.342   1.00 41.13  ? 23  PHE A CE2 1 
ATOM   177  C  CZ  . PHE A 1 23 ? -3.376  10.263  2.273   1.00 40.29  ? 23  PHE A CZ  1 
ATOM   178  N  N   . GLU A 1 24 ? -2.153  15.825  6.834   1.00 49.44  ? 24  GLU A N   1 
ATOM   179  C  CA  . GLU A 1 24 ? -2.039  16.533  8.118   1.00 52.75  ? 24  GLU A CA  1 
ATOM   180  C  C   . GLU A 1 24 ? -3.192  17.512  8.320   1.00 57.12  ? 24  GLU A C   1 
ATOM   181  O  O   . GLU A 1 24 ? -3.759  17.509  9.388   1.00 52.00  ? 24  GLU A O   1 
ATOM   182  C  CB  . GLU A 1 24 ? -0.686  17.246  8.261   1.00 58.02  ? 24  GLU A CB  1 
ATOM   183  C  CG  . GLU A 1 24 ? 0.444   16.261  8.484   1.00 60.29  ? 24  GLU A CG  1 
ATOM   184  C  CD  . GLU A 1 24 ? 1.748   16.913  8.897   1.00 68.17  ? 24  GLU A CD  1 
ATOM   185  O  OE1 . GLU A 1 24 ? 2.171   16.606  10.022  1.00 74.75  ? 24  GLU A OE1 1 
ATOM   186  O  OE2 . GLU A 1 24 ? 2.354   17.703  8.125   1.00 70.98  ? 24  GLU A OE2 1 
ATOM   187  N  N   . GLU A 1 25 ? -3.581  18.287  7.294   1.00 56.54  ? 25  GLU A N   1 
ATOM   188  C  CA  . GLU A 1 25 ? -4.799  19.105  7.402   1.00 63.85  ? 25  GLU A CA  1 
ATOM   189  C  C   . GLU A 1 25 ? -6.032  18.203  7.547   1.00 68.41  ? 25  GLU A C   1 
ATOM   190  O  O   . GLU A 1 25 ? -6.595  18.053  8.627   1.00 76.41  ? 25  GLU A O   1 
ATOM   191  C  CB  . GLU A 1 25 ? -4.994  20.080  6.210   1.00 69.31  ? 25  GLU A CB  1 
ATOM   192  C  CG  . GLU A 1 25 ? -3.736  20.807  5.745   1.00 76.36  ? 25  GLU A CG  1 
ATOM   193  C  CD  . GLU A 1 25 ? -3.903  22.318  5.594   1.00 81.79  ? 25  GLU A CD  1 
ATOM   194  O  OE1 . GLU A 1 25 ? -4.784  22.771  4.818   1.00 84.22  ? 25  GLU A OE1 1 
ATOM   195  O  OE2 . GLU A 1 25 ? -3.115  23.049  6.245   1.00 72.90  ? 25  GLU A OE2 1 
ATOM   196  N  N   . HIS A 1 26 ? -6.386  17.569  6.440   1.00 74.62  ? 26  HIS A N   1 
ATOM   197  C  CA  . HIS A 1 26 ? -7.586  16.752  6.256   1.00 73.86  ? 26  HIS A CA  1 
ATOM   198  C  C   . HIS A 1 26 ? -7.792  15.692  7.356   1.00 67.37  ? 26  HIS A C   1 
ATOM   199  O  O   . HIS A 1 26 ? -8.918  15.419  7.756   1.00 61.02  ? 26  HIS A O   1 
ATOM   200  C  CB  . HIS A 1 26 ? -7.415  16.062  4.886   1.00 91.80  ? 26  HIS A CB  1 
ATOM   201  C  CG  . HIS A 1 26 ? -8.684  15.766  4.166   1.00 100.82 ? 26  HIS A CG  1 
ATOM   202  N  ND1 . HIS A 1 26 ? -8.937  14.534  3.603   1.00 102.90 ? 26  HIS A ND1 1 
ATOM   203  C  CD2 . HIS A 1 26 ? -9.756  16.541  3.882   1.00 107.52 ? 26  HIS A CD2 1 
ATOM   204  C  CE1 . HIS A 1 26 ? -10.123 14.556  3.023   1.00 107.16 ? 26  HIS A CE1 1 
ATOM   205  N  NE2 . HIS A 1 26 ? -10.640 15.762  3.177   1.00 112.02 ? 26  HIS A NE2 1 
ATOM   206  N  N   . LYS A 1 27 ? -6.702  15.093  7.828   1.00 59.45  ? 27  LYS A N   1 
ATOM   207  C  CA  . LYS A 1 27 ? -6.745  14.006  8.816   1.00 61.91  ? 27  LYS A CA  1 
ATOM   208  C  C   . LYS A 1 27 ? -7.719  12.832  8.505   1.00 55.15  ? 27  LYS A C   1 
ATOM   209  O  O   . LYS A 1 27 ? -8.247  12.180  9.435   1.00 48.44  ? 27  LYS A O   1 
ATOM   210  C  CB  . LYS A 1 27 ? -6.947  14.565  10.248  1.00 73.60  ? 27  LYS A CB  1 
ATOM   211  C  CG  . LYS A 1 27 ? -8.347  15.082  10.602  1.00 90.52  ? 27  LYS A CG  1 
ATOM   212  C  CD  . LYS A 1 27 ? -8.557  15.244  12.112  1.00 99.61  ? 27  LYS A CD  1 
ATOM   213  C  CE  . LYS A 1 27 ? -10.025 15.443  12.481  1.00 101.76 ? 27  LYS A CE  1 
ATOM   214  N  NZ  . LYS A 1 27 ? -10.663 16.561  11.731  1.00 105.84 ? 27  LYS A NZ  1 
ATOM   215  N  N   . LYS A 1 28 ? -7.920  12.538  7.216   1.00 52.48  ? 28  LYS A N   1 
ATOM   216  C  CA  . LYS A 1 28 ? -8.806  11.427  6.766   1.00 53.09  ? 28  LYS A CA  1 
ATOM   217  C  C   . LYS A 1 28 ? -8.031  10.569  5.772   1.00 42.90  ? 28  LYS A C   1 
ATOM   218  O  O   . LYS A 1 28 ? -7.288  11.124  4.970   1.00 43.00  ? 28  LYS A O   1 
ATOM   219  C  CB  . LYS A 1 28 ? -10.050 11.933  5.986   1.00 53.46  ? 28  LYS A CB  1 
ATOM   220  C  CG  . LYS A 1 28 ? -11.116 12.701  6.739   1.00 71.23  ? 28  LYS A CG  1 
ATOM   221  C  CD  . LYS A 1 28 ? -11.501 12.040  8.058   1.00 83.53  ? 28  LYS A CD  1 
ATOM   222  C  CE  . LYS A 1 28 ? -12.633 12.797  8.773   1.00 95.60  ? 28  LYS A CE  1 
ATOM   223  N  NZ  . LYS A 1 28 ? -12.616 12.677  10.272  1.00 95.52  ? 28  LYS A NZ  1 
ATOM   224  N  N   . PRO A 1 29 ? -8.269  9.237   5.747   1.00 40.85  ? 29  PRO A N   1 
ATOM   225  C  CA  . PRO A 1 29 ? -7.847  8.477   4.567   1.00 39.75  ? 29  PRO A CA  1 
ATOM   226  C  C   . PRO A 1 29 ? -8.466  9.056   3.288   1.00 39.70  ? 29  PRO A C   1 
ATOM   227  O  O   . PRO A 1 29 ? -9.572  9.586   3.353   1.00 39.59  ? 29  PRO A O   1 
ATOM   228  C  CB  . PRO A 1 29 ? -8.423  7.103   4.822   1.00 40.92  ? 29  PRO A CB  1 
ATOM   229  C  CG  . PRO A 1 29 ? -8.406  6.955   6.316   1.00 39.68  ? 29  PRO A CG  1 
ATOM   230  C  CD  . PRO A 1 29 ? -8.709  8.345   6.837   1.00 41.71  ? 29  PRO A CD  1 
ATOM   231  N  N   . VAL A 1 30 ? -7.775  8.924   2.154   1.00 40.56  ? 30  VAL A N   1 
ATOM   232  C  CA  . VAL A 1 30 ? -8.235  9.473   0.874   1.00 43.66  ? 30  VAL A CA  1 
ATOM   233  C  C   . VAL A 1 30 ? -7.887  8.558   -0.313  1.00 36.18  ? 30  VAL A C   1 
ATOM   234  O  O   . VAL A 1 30 ? -6.772  8.094   -0.425  1.00 34.43  ? 30  VAL A O   1 
ATOM   235  C  CB  . VAL A 1 30 ? -7.591  10.851  0.636   1.00 51.15  ? 30  VAL A CB  1 
ATOM   236  C  CG1 . VAL A 1 30 ? -7.864  11.365  -0.787  1.00 53.67  ? 30  VAL A CG1 1 
ATOM   237  C  CG2 . VAL A 1 30 ? -8.099  11.867  1.668   1.00 49.95  ? 30  VAL A CG2 1 
ATOM   238  N  N   . PRO A 1 31 ? -8.837  8.304   -1.226  1.00 35.17  ? 31  PRO A N   1 
ATOM   239  C  CA  . PRO A 1 31 ? -8.410  7.528   -2.441  1.00 37.68  ? 31  PRO A CA  1 
ATOM   240  C  C   . PRO A 1 31 ? -7.315  8.242   -3.202  1.00 35.01  ? 31  PRO A C   1 
ATOM   241  O  O   . PRO A 1 31 ? -7.273  9.480   -3.226  1.00 32.79  ? 31  PRO A O   1 
ATOM   242  C  CB  . PRO A 1 31 ? -9.691  7.428   -3.284  1.00 36.56  ? 31  PRO A CB  1 
ATOM   243  C  CG  . PRO A 1 31 ? -10.779 7.677   -2.276  1.00 34.55  ? 31  PRO A CG  1 
ATOM   244  C  CD  . PRO A 1 31 ? -10.235 8.730   -1.356  1.00 33.40  ? 31  PRO A CD  1 
ATOM   245  N  N   . PHE A 1 32 ? -6.380  7.463   -3.724  1.00 34.29  ? 32  PHE A N   1 
ATOM   246  C  CA  . PHE A 1 32 ? -5.321  8.003   -4.493  1.00 38.00  ? 32  PHE A CA  1 
ATOM   247  C  C   . PHE A 1 32 ? -5.790  9.065   -5.497  1.00 38.70  ? 32  PHE A C   1 
ATOM   248  O  O   . PHE A 1 32 ? -5.138  10.101  -5.647  1.00 43.10  ? 32  PHE A O   1 
ATOM   249  C  CB  . PHE A 1 32 ? -4.673  6.898   -5.228  1.00 36.02  ? 32  PHE A CB  1 
ATOM   250  C  CG  . PHE A 1 32 ? -3.500  7.324   -6.007  1.00 37.25  ? 32  PHE A CG  1 
ATOM   251  C  CD1 . PHE A 1 32 ? -2.355  7.774   -5.356  1.00 37.99  ? 32  PHE A CD1 1 
ATOM   252  C  CD2 . PHE A 1 32 ? -3.515  7.267   -7.421  1.00 35.99  ? 32  PHE A CD2 1 
ATOM   253  C  CE1 . PHE A 1 32 ? -1.218  8.145   -6.087  1.00 40.72  ? 32  PHE A CE1 1 
ATOM   254  C  CE2 . PHE A 1 32 ? -2.385  7.626   -8.138  1.00 40.29  ? 32  PHE A CE2 1 
ATOM   255  C  CZ  . PHE A 1 32 ? -1.234  8.065   -7.482  1.00 37.43  ? 32  PHE A CZ  1 
ATOM   256  N  N   . GLN A 1 33 ? -6.893  8.803   -6.191  1.00 44.74  ? 33  GLN A N   1 
ATOM   257  C  CA  . GLN A 1 33 ? -7.350  9.704   -7.278  1.00 45.64  ? 33  GLN A CA  1 
ATOM   258  C  C   . GLN A 1 33 ? -7.901  11.006  -6.700  1.00 45.57  ? 33  GLN A C   1 
ATOM   259  O  O   . GLN A 1 33 ? -7.874  12.020  -7.361  1.00 43.22  ? 33  GLN A O   1 
ATOM   260  C  CB  . GLN A 1 33 ? -8.404  9.047   -8.155  1.00 44.94  ? 33  GLN A CB  1 
ATOM   261  C  CG  . GLN A 1 33 ? -7.885  7.894   -8.989  1.00 50.87  ? 33  GLN A CG  1 
ATOM   262  C  CD  . GLN A 1 33 ? -6.957  8.374   -10.097 1.00 59.37  ? 33  GLN A CD  1 
ATOM   263  O  OE1 . GLN A 1 33 ? -5.930  7.754   -10.391 1.00 59.30  ? 33  GLN A OE1 1 
ATOM   264  N  NE2 . GLN A 1 33 ? -7.298  9.498   -10.689 1.00 59.98  ? 33  GLN A NE2 1 
ATOM   265  N  N   . GLU A 1 34 ? -8.365  10.999  -5.455  1.00 42.23  ? 34  GLU A N   1 
ATOM   266  C  CA  . GLU A 1 34 ? -8.868  12.213  -4.875  1.00 48.12  ? 34  GLU A CA  1 
ATOM   267  C  C   . GLU A 1 34 ? -7.686  13.055  -4.447  1.00 47.28  ? 34  GLU A C   1 
ATOM   268  O  O   . GLU A 1 34 ? -7.709  14.274  -4.568  1.00 52.19  ? 34  GLU A O   1 
ATOM   269  C  CB  . GLU A 1 34 ? -9.838  11.941  -3.709  1.00 53.83  ? 34  GLU A CB  1 
ATOM   270  C  CG  . GLU A 1 34 ? -11.098 11.153  -4.109  1.00 65.52  ? 34  GLU A CG  1 
ATOM   271  C  CD  . GLU A 1 34 ? -11.907 11.809  -5.236  1.00 74.73  ? 34  GLU A CD  1 
ATOM   272  O  OE1 . GLU A 1 34 ? -12.151 11.145  -6.271  1.00 83.14  ? 34  GLU A OE1 1 
ATOM   273  O  OE2 . GLU A 1 34 ? -12.287 12.992  -5.104  1.00 66.02  ? 34  GLU A OE2 1 
ATOM   274  N  N   . LEU A 1 35 ? -6.635  12.413  -3.973  1.00 44.97  ? 35  LEU A N   1 
ATOM   275  C  CA  . LEU A 1 35 ? -5.406  13.126  -3.698  1.00 43.41  ? 35  LEU A CA  1 
ATOM   276  C  C   . LEU A 1 35 ? -4.909  13.849  -4.918  1.00 42.36  ? 35  LEU A C   1 
ATOM   277  O  O   . LEU A 1 35 ? -4.457  14.964  -4.828  1.00 48.63  ? 35  LEU A O   1 
ATOM   278  C  CB  . LEU A 1 35 ? -4.288  12.161  -3.269  1.00 45.41  ? 35  LEU A CB  1 
ATOM   279  C  CG  . LEU A 1 35 ? -4.221  11.706  -1.811  1.00 40.82  ? 35  LEU A CG  1 
ATOM   280  C  CD1 . LEU A 1 35 ? -3.123  10.667  -1.747  1.00 46.28  ? 35  LEU A CD1 1 
ATOM   281  C  CD2 . LEU A 1 35 ? -3.936  12.896  -0.914  1.00 42.22  ? 35  LEU A CD2 1 
ATOM   282  N  N   . LEU A 1 36 ? -4.921  13.171  -6.051  1.00 42.76  ? 36  LEU A N   1 
ATOM   283  C  CA  . LEU A 1 36 ? -4.465  13.784  -7.310  1.00 43.59  ? 36  LEU A CA  1 
ATOM   284  C  C   . LEU A 1 36 ? -5.268  15.022  -7.642  1.00 47.88  ? 36  LEU A C   1 
ATOM   285  O  O   . LEU A 1 36 ? -4.674  16.029  -7.993  1.00 46.05  ? 36  LEU A O   1 
ATOM   286  C  CB  . LEU A 1 36 ? -4.522  12.813  -8.478  1.00 43.79  ? 36  LEU A CB  1 
ATOM   287  C  CG  . LEU A 1 36 ? -3.412  11.773  -8.480  1.00 44.95  ? 36  LEU A CG  1 
ATOM   288  C  CD1 . LEU A 1 36 ? -3.657  10.733  -9.560  1.00 46.69  ? 36  LEU A CD1 1 
ATOM   289  C  CD2 . LEU A 1 36 ? -2.055  12.447  -8.629  1.00 45.68  ? 36  LEU A CD2 1 
ATOM   290  N  N   . ASN A 1 37 ? -6.594  14.947  -7.485  1.00 45.73  ? 37  ASN A N   1 
ATOM   291  C  CA  . ASN A 1 37 ? -7.445  16.099  -7.673  1.00 52.10  ? 37  ASN A CA  1 
ATOM   292  C  C   . ASN A 1 37 ? -7.124  17.231  -6.718  1.00 54.20  ? 37  ASN A C   1 
ATOM   293  O  O   . ASN A 1 37 ? -6.906  18.343  -7.159  1.00 62.12  ? 37  ASN A O   1 
ATOM   294  C  CB  . ASN A 1 37 ? -8.923  15.720  -7.533  1.00 57.66  ? 37  ASN A CB  1 
ATOM   295  C  CG  . ASN A 1 37 ? -9.351  14.647  -8.526  1.00 66.03  ? 37  ASN A CG  1 
ATOM   296  O  OD1 . ASN A 1 37 ? -8.771  14.503  -9.617  1.00 66.84  ? 37  ASN A OD1 1 
ATOM   297  N  ND2 . ASN A 1 37 ? -10.353 13.864  -8.139  1.00 71.70  ? 37  ASN A ND2 1 
ATOM   298  N  N   . GLU A 1 38 ? -7.110  16.980  -5.416  1.00 54.41  ? 38  GLU A N   1 
ATOM   299  C  CA  . GLU A 1 38 ? -6.812  18.055  -4.468  1.00 55.01  ? 38  GLU A CA  1 
ATOM   300  C  C   . GLU A 1 38 ? -5.436  18.656  -4.688  1.00 52.96  ? 38  GLU A C   1 
ATOM   301  O  O   . GLU A 1 38 ? -5.223  19.824  -4.379  1.00 49.55  ? 38  GLU A O   1 
ATOM   302  C  CB  . GLU A 1 38 ? -6.832  17.578  -3.036  1.00 56.86  ? 38  GLU A CB  1 
ATOM   303  C  CG  . GLU A 1 38 ? -8.180  17.244  -2.472  1.00 64.91  ? 38  GLU A CG  1 
ATOM   304  C  CD  . GLU A 1 38 ? -8.185  17.431  -0.962  1.00 74.71  ? 38  GLU A CD  1 
ATOM   305  O  OE1 . GLU A 1 38 ? -8.257  18.610  -0.543  1.00 84.24  ? 38  GLU A OE1 1 
ATOM   306  O  OE2 . GLU A 1 38 ? -8.093  16.421  -0.201  1.00 81.30  ? 38  GLU A OE2 1 
ATOM   307  N  N   . ILE A 1 39 ? -4.485  17.847  -5.148  1.00 49.62  ? 39  ILE A N   1 
ATOM   308  C  CA  . ILE A 1 39 ? -3.124  18.347  -5.367  1.00 52.59  ? 39  ILE A CA  1 
ATOM   309  C  C   . ILE A 1 39 ? -3.141  19.206  -6.637  1.00 58.22  ? 39  ILE A C   1 
ATOM   310  O  O   . ILE A 1 39 ? -2.603  20.318  -6.655  1.00 51.50  ? 39  ILE A O   1 
ATOM   311  C  CB  . ILE A 1 39 ? -2.089  17.207  -5.468  1.00 50.83  ? 39  ILE A CB  1 
ATOM   312  C  CG1 . ILE A 1 39 ? -1.814  16.603  -4.070  1.00 51.38  ? 39  ILE A CG1 1 
ATOM   313  C  CG2 . ILE A 1 39 ? -0.781  17.676  -6.108  1.00 49.94  ? 39  ILE A CG2 1 
ATOM   314  C  CD1 . ILE A 1 39 ? -0.852  15.432  -4.101  1.00 45.18  ? 39  ILE A CD1 1 
ATOM   315  N  N   . ALA A 1 40 ? -3.783  18.685  -7.678  1.00 56.27  ? 40  ALA A N   1 
ATOM   316  C  CA  . ALA A 1 40 ? -3.864  19.382  -8.971  1.00 64.23  ? 40  ALA A CA  1 
ATOM   317  C  C   . ALA A 1 40 ? -4.619  20.692  -8.884  1.00 63.25  ? 40  ALA A C   1 
ATOM   318  O  O   . ALA A 1 40 ? -4.415  21.564  -9.704  1.00 67.20  ? 40  ALA A O   1 
ATOM   319  C  CB  . ALA A 1 40 ? -4.522  18.501  -10.019 1.00 61.82  ? 40  ALA A CB  1 
ATOM   320  N  N   . SER A 1 41 ? -5.506  20.818  -7.905  1.00 69.63  ? 41  SER A N   1 
ATOM   321  C  CA  . SER A 1 41 ? -6.278  22.037  -7.745  1.00 68.17  ? 41  SER A CA  1 
ATOM   322  C  C   . SER A 1 41 ? -5.505  23.040  -6.907  1.00 70.06  ? 41  SER A C   1 
ATOM   323  O  O   . SER A 1 41 ? -5.752  24.237  -7.002  1.00 74.01  ? 41  SER A O   1 
ATOM   324  C  CB  . SER A 1 41 ? -7.658  21.757  -7.135  1.00 67.47  ? 41  SER A CB  1 
ATOM   325  O  OG  . SER A 1 41 ? -7.681  22.017  -5.741  1.00 73.76  ? 41  SER A OG  1 
ATOM   326  N  N   . LEU A 1 42 ? -4.576  22.560  -6.088  1.00 67.80  ? 42  LEU A N   1 
ATOM   327  C  CA  . LEU A 1 42 ? -3.753  23.457  -5.285  1.00 66.21  ? 42  LEU A CA  1 
ATOM   328  C  C   . LEU A 1 42 ? -2.589  24.020  -6.072  1.00 66.69  ? 42  LEU A C   1 
ATOM   329  O  O   . LEU A 1 42 ? -1.867  24.885  -5.577  1.00 67.33  ? 42  LEU A O   1 
ATOM   330  C  CB  . LEU A 1 42 ? -3.199  22.734  -4.076  1.00 66.05  ? 42  LEU A CB  1 
ATOM   331  C  CG  . LEU A 1 42 ? -4.225  22.372  -3.022  1.00 67.83  ? 42  LEU A CG  1 
ATOM   332  C  CD1 . LEU A 1 42 ? -3.634  21.273  -2.140  1.00 68.98  ? 42  LEU A CD1 1 
ATOM   333  C  CD2 . LEU A 1 42 ? -4.631  23.603  -2.214  1.00 61.13  ? 42  LEU A CD2 1 
ATOM   334  N  N   . LEU A 1 43 ? -2.378  23.495  -7.270  1.00 65.48  ? 43  LEU A N   1 
ATOM   335  C  CA  . LEU A 1 43 ? -1.307  23.947  -8.132  1.00 64.88  ? 43  LEU A CA  1 
ATOM   336  C  C   . LEU A 1 43 ? -1.926  24.614  -9.367  1.00 65.67  ? 43  LEU A C   1 
ATOM   337  O  O   . LEU A 1 43 ? -1.221  24.916  -10.328 1.00 61.61  ? 43  LEU A O   1 
ATOM   338  C  CB  . LEU A 1 43 ? -0.441  22.754  -8.540  1.00 63.10  ? 43  LEU A CB  1 
ATOM   339  C  CG  . LEU A 1 43 ? 0.256   22.000  -7.399  1.00 65.39  ? 43  LEU A CG  1 
ATOM   340  C  CD1 . LEU A 1 43 ? 0.576   20.585  -7.874  1.00 69.09  ? 43  LEU A CD1 1 
ATOM   341  C  CD2 . LEU A 1 43 ? 1.497   22.725  -6.902  1.00 59.81  ? 43  LEU A CD2 1 
ATOM   342  N  N   . GLY A 1 44 ? -3.242  24.836  -9.301  1.00 65.90  ? 44  GLY A N   1 
ATOM   343  C  CA  . GLY A 1 44 ? -4.055  25.272  -10.420 1.00 65.82  ? 44  GLY A CA  1 
ATOM   344  C  C   . GLY A 1 44 ? -3.586  24.719  -11.742 1.00 69.75  ? 44  GLY A C   1 
ATOM   345  O  O   . GLY A 1 44 ? -3.191  25.474  -12.611 1.00 79.70  ? 44  GLY A O   1 
ATOM   346  N  N   . VAL A 1 45 ? -3.561  23.399  -11.872 1.00 72.91  ? 45  VAL A N   1 
ATOM   347  C  CA  . VAL A 1 45 ? -3.443  22.758  -13.182 1.00 70.44  ? 45  VAL A CA  1 
ATOM   348  C  C   . VAL A 1 45 ? -4.542  21.736  -13.277 1.00 70.45  ? 45  VAL A C   1 
ATOM   349  O  O   . VAL A 1 45 ? -5.365  21.609  -12.367 1.00 73.13  ? 45  VAL A O   1 
ATOM   350  C  CB  . VAL A 1 45 ? -2.084  22.064  -13.430 1.00 70.49  ? 45  VAL A CB  1 
ATOM   351  C  CG1 . VAL A 1 45 ? -0.954  23.060  -13.280 1.00 65.83  ? 45  VAL A CG1 1 
ATOM   352  C  CG2 . VAL A 1 45 ? -1.897  20.855  -12.511 1.00 73.78  ? 45  VAL A CG2 1 
ATOM   353  N  N   . LYS A 1 46 ? -4.560  21.030  -14.394 1.00 74.78  ? 46  LYS A N   1 
ATOM   354  C  CA  . LYS A 1 46 ? -5.476  19.946  -14.591 1.00 83.41  ? 46  LYS A CA  1 
ATOM   355  C  C   . LYS A 1 46 ? -4.726  18.682  -14.245 1.00 86.37  ? 46  LYS A C   1 
ATOM   356  O  O   . LYS A 1 46 ? -3.556  18.532  -14.618 1.00 85.68  ? 46  LYS A O   1 
ATOM   357  C  CB  . LYS A 1 46 ? -5.951  19.913  -16.038 1.00 87.34  ? 46  LYS A CB  1 
ATOM   358  C  CG  . LYS A 1 46 ? -6.612  21.209  -16.491 1.00 95.36  ? 46  LYS A CG  1 
ATOM   359  C  CD  . LYS A 1 46 ? -7.960  21.456  -15.815 1.00 102.78 ? 46  LYS A CD  1 
ATOM   360  C  CE  . LYS A 1 46 ? -8.455  22.880  -16.062 1.00 108.16 ? 46  LYS A CE  1 
ATOM   361  N  NZ  . LYS A 1 46 ? -9.908  23.053  -15.782 1.00 107.39 ? 46  LYS A NZ  1 
ATOM   362  N  N   . LYS A 1 47 ? -5.393  17.782  -13.525 1.00 84.12  ? 47  LYS A N   1 
ATOM   363  C  CA  . LYS A 1 47 ? -4.779  16.530  -13.097 1.00 85.29  ? 47  LYS A CA  1 
ATOM   364  C  C   . LYS A 1 47 ? -4.009  15.892  -14.250 1.00 85.13  ? 47  LYS A C   1 
ATOM   365  O  O   . LYS A 1 47 ? -2.881  15.414  -14.083 1.00 77.69  ? 47  LYS A O   1 
ATOM   366  C  CB  . LYS A 1 47 ? -5.837  15.557  -12.586 1.00 82.26  ? 47  LYS A CB  1 
ATOM   367  C  CG  . LYS A 1 47 ? -5.294  14.152  -12.405 1.00 81.21  ? 47  LYS A CG  1 
ATOM   368  C  CD  . LYS A 1 47 ? -6.193  13.327  -11.519 1.00 86.11  ? 47  LYS A CD  1 
ATOM   369  C  CE  . LYS A 1 47 ? -7.513  13.022  -12.193 1.00 86.46  ? 47  LYS A CE  1 
ATOM   370  N  NZ  . LYS A 1 47 ? -8.413  12.299  -11.256 1.00 85.58  ? 47  LYS A NZ  1 
ATOM   371  N  N   . GLU A 1 48 ? -4.643  15.903  -15.418 1.00 81.04  ? 48  GLU A N   1 
ATOM   372  C  CA  . GLU A 1 48 ? -4.042  15.420  -16.647 1.00 80.67  ? 48  GLU A CA  1 
ATOM   373  C  C   . GLU A 1 48 ? -2.586  15.919  -16.805 1.00 80.23  ? 48  GLU A C   1 
ATOM   374  O  O   . GLU A 1 48 ? -1.724  15.180  -17.268 1.00 75.88  ? 48  GLU A O   1 
ATOM   375  C  CB  . GLU A 1 48 ? -4.925  15.839  -17.845 1.00 89.11  ? 48  GLU A CB  1 
ATOM   376  C  CG  . GLU A 1 48 ? -6.182  14.984  -18.087 1.00 93.99  ? 48  GLU A CG  1 
ATOM   377  C  CD  . GLU A 1 48 ? -7.242  15.069  -16.981 1.00 100.91 ? 48  GLU A CD  1 
ATOM   378  O  OE1 . GLU A 1 48 ? -7.549  16.195  -16.531 1.00 97.64  ? 48  GLU A OE1 1 
ATOM   379  O  OE2 . GLU A 1 48 ? -7.789  14.012  -16.565 1.00 102.85 ? 48  GLU A OE2 1 
ATOM   380  N  N   . GLU A 1 49 ? -2.309  17.155  -16.384 1.00 80.56  ? 49  GLU A N   1 
ATOM   381  C  CA  . GLU A 1 49 ? -0.976  17.774  -16.572 1.00 83.02  ? 49  GLU A CA  1 
ATOM   382  C  C   . GLU A 1 49 ? 0.139   17.260  -15.641 1.00 88.17  ? 49  GLU A C   1 
ATOM   383  O  O   . GLU A 1 49 ? 1.324   17.404  -15.955 1.00 81.90  ? 49  GLU A O   1 
ATOM   384  C  CB  . GLU A 1 49 ? -1.074  19.292  -16.423 1.00 80.17  ? 49  GLU A CB  1 
ATOM   385  C  CG  . GLU A 1 49 ? -2.086  19.929  -17.364 1.00 81.51  ? 49  GLU A CG  1 
ATOM   386  C  CD  . GLU A 1 49 ? -2.182  21.429  -17.195 1.00 84.25  ? 49  GLU A CD  1 
ATOM   387  O  OE1 . GLU A 1 49 ? -3.232  21.983  -17.569 1.00 92.24  ? 49  GLU A OE1 1 
ATOM   388  O  OE2 . GLU A 1 49 ? -1.221  22.056  -16.696 1.00 74.55  ? 49  GLU A OE2 1 
ATOM   389  N  N   . LEU A 1 50 ? -0.236  16.677  -14.499 1.00 86.74  ? 50  LEU A N   1 
ATOM   390  C  CA  . LEU A 1 50 ? 0.727   16.070  -13.569 1.00 77.31  ? 50  LEU A CA  1 
ATOM   391  C  C   . LEU A 1 50 ? 1.449   14.888  -14.210 1.00 75.72  ? 50  LEU A C   1 
ATOM   392  O  O   . LEU A 1 50 ? 2.556   14.533  -13.813 1.00 73.70  ? 50  LEU A O   1 
ATOM   393  C  CB  . LEU A 1 50 ? 0.019   15.616  -12.294 1.00 76.24  ? 50  LEU A CB  1 
ATOM   394  C  CG  . LEU A 1 50 ? -0.534  16.746  -11.423 1.00 73.29  ? 50  LEU A CG  1 
ATOM   395  C  CD1 . LEU A 1 50 ? -1.381  16.172  -10.309 1.00 75.44  ? 50  LEU A CD1 1 
ATOM   396  C  CD2 . LEU A 1 50 ? 0.579   17.614  -10.862 1.00 75.07  ? 50  LEU A CD2 1 
ATOM   397  N  N   . GLY A 1 51 ? 0.787   14.276  -15.184 1.00 73.06  ? 51  GLY A N   1 
ATOM   398  C  CA  . GLY A 1 51 ? 1.377   13.293  -16.070 1.00 73.73  ? 51  GLY A CA  1 
ATOM   399  C  C   . GLY A 1 51 ? 2.449   12.419  -15.474 1.00 81.17  ? 51  GLY A C   1 
ATOM   400  O  O   . GLY A 1 51 ? 2.154   11.519  -14.693 1.00 78.28  ? 51  GLY A O   1 
ATOM   401  N  N   . ASP A 1 52 ? 3.698   12.708  -15.838 1.00 88.56  ? 52  ASP A N   1 
ATOM   402  C  CA  . ASP A 1 52 ? 4.854   11.872  -15.471 1.00 87.36  ? 52  ASP A CA  1 
ATOM   403  C  C   . ASP A 1 52 ? 5.194   11.921  -13.963 1.00 76.63  ? 52  ASP A C   1 
ATOM   404  O  O   . ASP A 1 52 ? 5.982   11.110  -13.467 1.00 69.45  ? 52  ASP A O   1 
ATOM   405  C  CB  . ASP A 1 52 ? 6.083   12.273  -16.314 1.00 88.82  ? 52  ASP A CB  1 
ATOM   406  C  CG  . ASP A 1 52 ? 7.029   11.102  -16.567 1.00 95.72  ? 52  ASP A CG  1 
ATOM   407  O  OD1 . ASP A 1 52 ? 6.531   9.997   -16.850 1.00 93.04  ? 52  ASP A OD1 1 
ATOM   408  O  OD2 . ASP A 1 52 ? 8.268   11.276  -16.491 1.00 108.72 ? 52  ASP A OD2 1 
ATOM   409  N  N   . ARG A 1 53 ? 4.598   12.870  -13.245 1.00 72.62  ? 53  ARG A N   1 
ATOM   410  C  CA  . ARG A 1 53 ? 4.721   12.936  -11.790 1.00 72.31  ? 53  ARG A CA  1 
ATOM   411  C  C   . ARG A 1 53 ? 3.748   11.930  -11.079 1.00 69.09  ? 53  ARG A C   1 
ATOM   412  O  O   . ARG A 1 53 ? 3.790   11.788  -9.854  1.00 62.61  ? 53  ARG A O   1 
ATOM   413  C  CB  . ARG A 1 53 ? 4.497   14.389  -11.299 1.00 69.57  ? 53  ARG A CB  1 
ATOM   414  C  CG  . ARG A 1 53 ? 5.327   15.478  -12.000 1.00 72.59  ? 53  ARG A CG  1 
ATOM   415  C  CD  . ARG A 1 53 ? 5.031   16.898  -11.477 1.00 75.32  ? 53  ARG A CD  1 
ATOM   416  N  NE  . ARG A 1 53 ? 5.724   17.183  -10.202 1.00 87.49  ? 53  ARG A NE  1 
ATOM   417  C  CZ  . ARG A 1 53 ? 5.508   18.238  -9.397  1.00 84.58  ? 53  ARG A CZ  1 
ATOM   418  N  NH1 . ARG A 1 53 ? 4.608   19.161  -9.699  1.00 85.20  ? 53  ARG A NH1 1 
ATOM   419  N  NH2 . ARG A 1 53 ? 6.201   18.372  -8.265  1.00 85.34  ? 53  ARG A NH2 1 
ATOM   420  N  N   . ILE A 1 54 ? 2.895   11.232  -11.839 1.00 61.69  ? 54  ILE A N   1 
ATOM   421  C  CA  . ILE A 1 54 ? 1.858   10.377  -11.255 1.00 61.48  ? 54  ILE A CA  1 
ATOM   422  C  C   . ILE A 1 54 ? 2.478   9.077   -10.759 1.00 58.25  ? 54  ILE A C   1 
ATOM   423  O  O   . ILE A 1 54 ? 2.274   8.723   -9.617  1.00 56.22  ? 54  ILE A O   1 
ATOM   424  C  CB  . ILE A 1 54 ? 0.687   10.061  -12.235 1.00 59.81  ? 54  ILE A CB  1 
ATOM   425  C  CG1 . ILE A 1 54 ? -0.047  11.323  -12.685 1.00 63.00  ? 54  ILE A CG1 1 
ATOM   426  C  CG2 . ILE A 1 54 ? -0.317  9.107   -11.615 1.00 58.04  ? 54  ILE A CG2 1 
ATOM   427  C  CD1 . ILE A 1 54 ? -0.917  11.961  -11.640 1.00 70.22  ? 54  ILE A CD1 1 
ATOM   428  N  N   . ALA A 1 55 ? 3.215   8.371   -11.619 1.00 60.97  ? 55  ALA A N   1 
ATOM   429  C  CA  . ALA A 1 55 ? 3.842   7.092   -11.247 1.00 57.11  ? 55  ALA A CA  1 
ATOM   430  C  C   . ALA A 1 55 ? 4.984   7.343   -10.281 1.00 61.66  ? 55  ALA A C   1 
ATOM   431  O  O   . ALA A 1 55 ? 5.245   6.544   -9.400  1.00 66.46  ? 55  ALA A O   1 
ATOM   432  C  CB  . ALA A 1 55 ? 4.318   6.330   -12.460 1.00 56.92  ? 55  ALA A CB  1 
ATOM   433  N  N   . GLN A 1 56 ? 5.633   8.483   -10.422 1.00 59.46  ? 56  GLN A N   1 
ATOM   434  C  CA  . GLN A 1 56 ? 6.539   9.007   -9.393  1.00 63.32  ? 56  GLN A CA  1 
ATOM   435  C  C   . GLN A 1 56 ? 5.888   9.093   -7.981  1.00 53.08  ? 56  GLN A C   1 
ATOM   436  O  O   . GLN A 1 56 ? 6.492   8.721   -6.979  1.00 51.47  ? 56  GLN A O   1 
ATOM   437  C  CB  . GLN A 1 56 ? 6.985   10.417  -9.845  1.00 69.15  ? 56  GLN A CB  1 
ATOM   438  C  CG  . GLN A 1 56 ? 7.934   11.175  -8.934  1.00 75.43  ? 56  GLN A CG  1 
ATOM   439  C  CD  . GLN A 1 56 ? 9.306   10.535  -8.851  1.00 84.86  ? 56  GLN A CD  1 
ATOM   440  O  OE1 . GLN A 1 56 ? 10.098  10.869  -7.971  1.00 101.42 ? 56  GLN A OE1 1 
ATOM   441  N  NE2 . GLN A 1 56 ? 9.601   9.614   -9.769  1.00 86.18  ? 56  GLN A NE2 1 
ATOM   442  N  N   . PHE A 1 57 ? 4.675   9.646   -7.934  1.00 48.10  ? 57  PHE A N   1 
ATOM   443  C  CA  . PHE A 1 57 ? 3.929   9.907   -6.705  1.00 44.39  ? 57  PHE A CA  1 
ATOM   444  C  C   . PHE A 1 57 ? 3.469   8.595   -6.099  1.00 39.10  ? 57  PHE A C   1 
ATOM   445  O  O   . PHE A 1 57 ? 3.538   8.409   -4.880  1.00 39.44  ? 57  PHE A O   1 
ATOM   446  C  CB  . PHE A 1 57 ? 2.714   10.825  -7.012  1.00 40.99  ? 57  PHE A CB  1 
ATOM   447  C  CG  . PHE A 1 57 ? 1.832   11.155  -5.809  1.00 38.02  ? 57  PHE A CG  1 
ATOM   448  C  CD1 . PHE A 1 57 ? 2.364   11.402  -4.567  1.00 41.80  ? 57  PHE A CD1 1 
ATOM   449  C  CD2 . PHE A 1 57 ? 0.472   11.247  -5.969  1.00 36.39  ? 57  PHE A CD2 1 
ATOM   450  C  CE1 . PHE A 1 57 ? 1.524   11.693  -3.482  1.00 43.55  ? 57  PHE A CE1 1 
ATOM   451  C  CE2 . PHE A 1 57 ? -0.374  11.547  -4.922  1.00 37.27  ? 57  PHE A CE2 1 
ATOM   452  C  CZ  . PHE A 1 57 ? 0.145   11.759  -3.676  1.00 42.94  ? 57  PHE A CZ  1 
ATOM   453  N  N   . TYR A 1 58 ? 2.937   7.723   -6.951  1.00 40.11  ? 58  TYR A N   1 
ATOM   454  C  CA  . TYR A 1 58 ? 2.523   6.383   -6.532  1.00 41.49  ? 58  TYR A CA  1 
ATOM   455  C  C   . TYR A 1 58 ? 3.684   5.654   -5.902  1.00 41.40  ? 58  TYR A C   1 
ATOM   456  O  O   . TYR A 1 58 ? 3.582   5.107   -4.810  1.00 34.85  ? 58  TYR A O   1 
ATOM   457  C  CB  . TYR A 1 58 ? 1.990   5.576   -7.703  1.00 42.46  ? 58  TYR A CB  1 
ATOM   458  C  CG  . TYR A 1 58 ? 1.850   4.103   -7.417  1.00 47.27  ? 58  TYR A CG  1 
ATOM   459  C  CD1 . TYR A 1 58 ? 0.778   3.627   -6.711  1.00 42.72  ? 58  TYR A CD1 1 
ATOM   460  C  CD2 . TYR A 1 58 ? 2.803   3.177   -7.878  1.00 56.25  ? 58  TYR A CD2 1 
ATOM   461  C  CE1 . TYR A 1 58 ? 0.634   2.278   -6.454  1.00 43.46  ? 58  TYR A CE1 1 
ATOM   462  C  CE2 . TYR A 1 58 ? 2.679   1.808   -7.616  1.00 49.57  ? 58  TYR A CE2 1 
ATOM   463  C  CZ  . TYR A 1 58 ? 1.586   1.371   -6.900  1.00 50.67  ? 58  TYR A CZ  1 
ATOM   464  O  OH  . TYR A 1 58 ? 1.425   0.013   -6.637  1.00 53.42  ? 58  TYR A OH  1 
ATOM   465  N  N   . THR A 1 59 ? 4.819   5.713   -6.560  1.00 39.23  ? 59  THR A N   1 
ATOM   466  C  CA  . THR A 1 59 ? 6.032   5.129   -6.025  1.00 41.47  ? 59  THR A CA  1 
ATOM   467  C  C   . THR A 1 59 ? 6.547   5.699   -4.704  1.00 43.10  ? 59  THR A C   1 
ATOM   468  O  O   . THR A 1 59 ? 6.991   4.947   -3.826  1.00 40.75  ? 59  THR A O   1 
ATOM   469  C  CB  . THR A 1 59 ? 7.157   5.259   -7.039  1.00 51.41  ? 59  THR A CB  1 
ATOM   470  O  OG1 . THR A 1 59 ? 6.703   4.760   -8.300  1.00 57.46  ? 59  THR A OG1 1 
ATOM   471  C  CG2 . THR A 1 59 ? 8.392   4.474   -6.571  1.00 55.90  ? 59  THR A CG2 1 
ATOM   472  N  N   . ASP A 1 60 ? 6.536   7.022   -4.583  1.00 41.54  ? 60  ASP A N   1 
ATOM   473  C  CA  . ASP A 1 60 ? 6.988   7.675   -3.387  1.00 38.15  ? 60  ASP A CA  1 
ATOM   474  C  C   . ASP A 1 60 ? 6.142   7.310   -2.181  1.00 36.82  ? 60  ASP A C   1 
ATOM   475  O  O   . ASP A 1 60 ? 6.674   7.211   -1.106  1.00 34.33  ? 60  ASP A O   1 
ATOM   476  C  CB  . ASP A 1 60 ? 6.956   9.196   -3.526  1.00 45.55  ? 60  ASP A CB  1 
ATOM   477  C  CG  . ASP A 1 60 ? 7.997   9.729   -4.533  1.00 52.08  ? 60  ASP A CG  1 
ATOM   478  O  OD1 . ASP A 1 60 ? 8.853   8.944   -5.011  1.00 54.51  ? 60  ASP A OD1 1 
ATOM   479  O  OD2 . ASP A 1 60 ? 7.964   10.951  -4.797  1.00 50.07  ? 60  ASP A OD2 1 
ATOM   480  N  N   . LEU A 1 61 ? 4.829   7.232   -2.374  1.00 35.82  ? 61  LEU A N   1 
ATOM   481  C  CA  . LEU A 1 61 ? 3.936   6.909   -1.336  1.00 34.94  ? 61  LEU A CA  1 
ATOM   482  C  C   . LEU A 1 61 ? 4.319   5.501   -0.839  1.00 37.94  ? 61  LEU A C   1 
ATOM   483  O  O   . LEU A 1 61 ? 4.239   5.181   0.345   1.00 27.32  ? 61  LEU A O   1 
ATOM   484  C  CB  . LEU A 1 61 ? 2.473   6.937   -1.845  1.00 32.06  ? 61  LEU A CB  1 
ATOM   485  C  CG  . LEU A 1 61 ? 1.752   8.236   -2.197  1.00 30.64  ? 61  LEU A CG  1 
ATOM   486  C  CD1 . LEU A 1 61 ? 0.447   7.946   -2.894  1.00 28.18  ? 61  LEU A CD1 1 
ATOM   487  C  CD2 . LEU A 1 61 ? 1.417   9.133   -1.024  1.00 33.14  ? 61  LEU A CD2 1 
ATOM   488  N  N   . ASN A 1 62 ? 4.692   4.634   -1.754  1.00 39.71  ? 62  ASN A N   1 
ATOM   489  C  CA  . ASN A 1 62 ? 5.032   3.254   -1.357  1.00 39.58  ? 62  ASN A CA  1 
ATOM   490  C  C   . ASN A 1 62 ? 6.371   3.195   -0.636  1.00 39.01  ? 62  ASN A C   1 
ATOM   491  O  O   . ASN A 1 62 ? 6.528   2.434   0.317   1.00 36.09  ? 62  ASN A O   1 
ATOM   492  C  CB  . ASN A 1 62 ? 5.051   2.332   -2.561  1.00 32.64  ? 62  ASN A CB  1 
ATOM   493  C  CG  . ASN A 1 62 ? 3.667   1.867   -2.987  1.00 36.04  ? 62  ASN A CG  1 
ATOM   494  O  OD1 . ASN A 1 62 ? 3.118   0.992   -2.352  1.00 24.95  ? 62  ASN A OD1 1 
ATOM   495  N  ND2 . ASN A 1 62 ? 3.150   2.360   -4.149  1.00 26.82  ? 62  ASN A ND2 1 
ATOM   496  N  N   . ILE A 1 63 ? 7.308   4.016   -1.077  1.00 42.25  ? 63  ILE A N   1 
ATOM   497  C  CA  . ILE A 1 63 ? 8.682   4.109   -0.503  1.00 44.40  ? 63  ILE A CA  1 
ATOM   498  C  C   . ILE A 1 63 ? 8.738   4.753   0.877   1.00 40.66  ? 63  ILE A C   1 
ATOM   499  O  O   . ILE A 1 63 ? 9.476   4.263   1.754   1.00 51.33  ? 63  ILE A O   1 
ATOM   500  C  CB  . ILE A 1 63 ? 9.611   4.973   -1.419  1.00 48.78  ? 63  ILE A CB  1 
ATOM   501  C  CG1 . ILE A 1 63 ? 9.951   4.293   -2.743  1.00 49.95  ? 63  ILE A CG1 1 
ATOM   502  C  CG2 . ILE A 1 63 ? 10.933  5.293   -0.766  1.00 51.02  ? 63  ILE A CG2 1 
ATOM   503  C  CD1 . ILE A 1 63 ? 10.129  2.803   -2.639  1.00 53.59  ? 63  ILE A CD1 1 
ATOM   504  N  N   . ASP A 1 64 ? 7.960   5.823   1.069   1.00 31.56  ? 64  ASP A N   1 
ATOM   505  C  CA  . ASP A 1 64 ? 8.093   6.693   2.200   1.00 34.73  ? 64  ASP A CA  1 
ATOM   506  C  C   . ASP A 1 64 ? 7.320   6.104   3.393   1.00 30.43  ? 64  ASP A C   1 
ATOM   507  O  O   . ASP A 1 64 ? 6.101   5.951   3.350   1.00 30.43  ? 64  ASP A O   1 
ATOM   508  C  CB  . ASP A 1 64 ? 7.521   8.083   1.839   1.00 36.77  ? 64  ASP A CB  1 
ATOM   509  C  CG  . ASP A 1 64 ? 7.472   9.044   3.001   1.00 36.69  ? 64  ASP A CG  1 
ATOM   510  O  OD1 . ASP A 1 64 ? 7.025   8.685   4.110   1.00 41.74  ? 64  ASP A OD1 1 
ATOM   511  O  OD2 . ASP A 1 64 ? 7.803   10.223  2.801   1.00 44.95  ? 64  ASP A OD2 1 
ATOM   512  N  N   . GLY A 1 65 ? 8.000   5.879   4.480   1.00 35.38  ? 65  GLY A N   1 
ATOM   513  C  CA  . GLY A 1 65 ? 7.373   5.194   5.653   1.00 32.86  ? 65  GLY A CA  1 
ATOM   514  C  C   . GLY A 1 65 ? 6.227   5.871   6.355   1.00 32.30  ? 65  GLY A C   1 
ATOM   515  O  O   . GLY A 1 65 ? 5.539   5.238   7.177   1.00 39.69  ? 65  GLY A O   1 
ATOM   516  N  N   . ARG A 1 66 ? 6.011   7.166   6.102   1.00 37.43  ? 66  ARG A N   1 
ATOM   517  C  CA  . ARG A 1 66 ? 4.924   7.900   6.750   1.00 34.84  ? 66  ARG A CA  1 
ATOM   518  C  C   . ARG A 1 66 ? 3.547   7.404   6.236   1.00 34.13  ? 66  ARG A C   1 
ATOM   519  O  O   . ARG A 1 66 ? 2.521   7.606   6.905   1.00 34.94  ? 66  ARG A O   1 
ATOM   520  C  CB  . ARG A 1 66 ? 5.068   9.441   6.543   1.00 40.09  ? 66  ARG A CB  1 
ATOM   521  C  CG  . ARG A 1 66 ? 6.245   10.116  7.241   1.00 36.82  ? 66  ARG A CG  1 
ATOM   522  C  CD  . ARG A 1 66 ? 6.523   11.555  6.760   1.00 38.01  ? 66  ARG A CD  1 
ATOM   523  N  NE  . ARG A 1 66 ? 6.780   11.604  5.336   1.00 32.24  ? 66  ARG A NE  1 
ATOM   524  C  CZ  . ARG A 1 66 ? 6.909   12.702  4.598   1.00 36.55  ? 66  ARG A CZ  1 
ATOM   525  N  NH1 . ARG A 1 66 ? 6.804   13.897  5.134   1.00 41.54  ? 66  ARG A NH1 1 
ATOM   526  N  NH2 . ARG A 1 66 ? 7.114   12.589  3.279   1.00 32.62  ? 66  ARG A NH2 1 
ATOM   527  N  N   . PHE A 1 67 ? 3.519   6.712   5.092   1.00 31.87  ? 67  PHE A N   1 
ATOM   528  C  CA  . PHE A 1 67 ? 2.244   6.396   4.428   1.00 31.78  ? 67  PHE A CA  1 
ATOM   529  C  C   . PHE A 1 67 ? 1.989   4.944   4.508   1.00 28.33  ? 67  PHE A C   1 
ATOM   530  O  O   . PHE A 1 67 ? 2.886   4.127   4.418   1.00 35.57  ? 67  PHE A O   1 
ATOM   531  C  CB  . PHE A 1 67 ? 2.209   6.810   2.919   1.00 33.26  ? 67  PHE A CB  1 
ATOM   532  C  CG  . PHE A 1 67 ? 2.467   8.283   2.681   1.00 37.61  ? 67  PHE A CG  1 
ATOM   533  C  CD1 . PHE A 1 67 ? 1.414   9.185   2.532   1.00 43.49  ? 67  PHE A CD1 1 
ATOM   534  C  CD2 . PHE A 1 67 ? 3.766   8.773   2.596   1.00 40.45  ? 67  PHE A CD2 1 
ATOM   535  C  CE1 . PHE A 1 67 ? 1.659   10.542  2.310   1.00 42.36  ? 67  PHE A CE1 1 
ATOM   536  C  CE2 . PHE A 1 67 ? 4.015   10.116  2.397   1.00 39.20  ? 67  PHE A CE2 1 
ATOM   537  C  CZ  . PHE A 1 67 ? 2.959   11.013  2.280   1.00 36.89  ? 67  PHE A CZ  1 
ATOM   538  N  N   . LEU A 1 68 ? 0.717   4.647   4.695   1.00 32.04  ? 68  LEU A N   1 
ATOM   539  C  CA  . LEU A 1 68 ? 0.177   3.350   4.577   1.00 33.22  ? 68  LEU A CA  1 
ATOM   540  C  C   . LEU A 1 68 ? -0.791  3.265   3.404   1.00 32.11  ? 68  LEU A C   1 
ATOM   541  O  O   . LEU A 1 68 ? -1.579  4.203   3.147   1.00 29.05  ? 68  LEU A O   1 
ATOM   542  C  CB  . LEU A 1 68 ? -0.623  3.021   5.806   1.00 33.78  ? 68  LEU A CB  1 
ATOM   543  C  CG  . LEU A 1 68 ? 0.163   3.037   7.110   1.00 38.41  ? 68  LEU A CG  1 
ATOM   544  C  CD1 . LEU A 1 68 ? -0.750  2.555   8.201   1.00 38.81  ? 68  LEU A CD1 1 
ATOM   545  C  CD2 . LEU A 1 68 ? 1.396   2.133   7.045   1.00 40.13  ? 68  LEU A CD2 1 
ATOM   546  N  N   . ALA A 1 69 ? -0.715  2.134   2.698   1.00 29.35  ? 69  ALA A N   1 
ATOM   547  C  CA  . ALA A 1 69 ? -1.794  1.678   1.879   1.00 31.17  ? 69  ALA A CA  1 
ATOM   548  C  C   . ALA A 1 69 ? -2.742  0.888   2.784   1.00 33.93  ? 69  ALA A C   1 
ATOM   549  O  O   . ALA A 1 69 ? -2.378  -0.135  3.305   1.00 39.73  ? 69  ALA A O   1 
ATOM   550  C  CB  . ALA A 1 69 ? -1.238  0.830   0.776   1.00 32.67  ? 69  ALA A CB  1 
ATOM   551  N  N   . LEU A 1 70 ? -3.955  1.387   2.958   1.00 35.80  ? 70  LEU A N   1 
ATOM   552  C  CA  . LEU A 1 70 ? -4.962  0.746   3.791   1.00 37.01  ? 70  LEU A CA  1 
ATOM   553  C  C   . LEU A 1 70 ? -5.807  -0.162  2.931   1.00 34.93  ? 70  LEU A C   1 
ATOM   554  O  O   . LEU A 1 70 ? -6.005  0.143   1.752   1.00 34.90  ? 70  LEU A O   1 
ATOM   555  C  CB  . LEU A 1 70 ? -5.836  1.831   4.442   1.00 36.92  ? 70  LEU A CB  1 
ATOM   556  C  CG  . LEU A 1 70 ? -5.066  2.937   5.172   1.00 32.86  ? 70  LEU A CG  1 
ATOM   557  C  CD1 . LEU A 1 70 ? -5.816  4.209   5.301   1.00 32.82  ? 70  LEU A CD1 1 
ATOM   558  C  CD2 . LEU A 1 70 ? -4.654  2.475   6.532   1.00 37.41  ? 70  LEU A CD2 1 
ATOM   559  N  N   . SER A 1 71 ? -6.333  -1.240  3.524   0.70 29.61  ? 71  SER A N   1 
ATOM   560  C  CA  . SER A 1 71 ? -7.097  -2.266  2.808   0.70 33.49  ? 71  SER A CA  1 
ATOM   561  C  C   . SER A 1 71 ? -8.491  -1.818  2.537   0.70 33.51  ? 71  SER A C   1 
ATOM   562  O  O   . SER A 1 71 ? -9.137  -2.273  1.610   0.70 44.33  ? 71  SER A O   1 
ATOM   563  C  CB  . SER A 1 71 ? -7.168  -3.574  3.608   0.70 31.97  ? 71  SER A CB  1 
ATOM   564  O  OG  . SER A 1 71 ? -5.878  -3.878  4.064   0.70 36.00  ? 71  SER A OG  1 
ATOM   565  N  N   . ASP A 1 72 ? -8.956  -0.895  3.331   1.00 39.03  ? 72  ASP A N   1 
ATOM   566  C  CA  . ASP A 1 72 ? -10.277 -0.284  3.124   1.00 41.33  ? 72  ASP A CA  1 
ATOM   567  C  C   . ASP A 1 72 ? -10.691 0.062   1.686   1.00 37.44  ? 72  ASP A C   1 
ATOM   568  O  O   . ASP A 1 72 ? -9.976  0.724   0.971   1.00 52.12  ? 72  ASP A O   1 
ATOM   569  C  CB  . ASP A 1 72 ? -10.457 0.940   4.016   1.00 39.46  ? 72  ASP A CB  1 
ATOM   570  C  CG  . ASP A 1 72 ? -11.915 1.160   4.381   1.00 40.51  ? 72  ASP A CG  1 
ATOM   571  O  OD1 . ASP A 1 72 ? -12.660 0.164   4.508   1.00 38.46  ? 72  ASP A OD1 1 
ATOM   572  O  OD2 . ASP A 1 72 ? -12.314 2.317   4.557   1.00 43.92  ? 72  ASP A OD2 1 
ATOM   573  N  N   . GLN A 1 73 ? -11.893 -0.377  1.316   1.00 38.08  ? 73  GLN A N   1 
ATOM   574  C  CA  . GLN A 1 73 ? -12.400 -0.389  -0.061  1.00 33.71  ? 73  GLN A CA  1 
ATOM   575  C  C   . GLN A 1 73 ? -12.991 0.969   -0.441  1.00 31.70  ? 73  GLN A C   1 
ATOM   576  O  O   . GLN A 1 73 ? -13.794 1.528   0.291   1.00 27.53  ? 73  GLN A O   1 
ATOM   577  C  CB  . GLN A 1 73 ? -13.489 -1.509  -0.230  1.00 30.84  ? 73  GLN A CB  1 
ATOM   578  C  CG  . GLN A 1 73 ? -14.131 -1.603  -1.638  1.00 33.12  ? 73  GLN A CG  1 
ATOM   579  C  CD  . GLN A 1 73 ? -13.211 -2.192  -2.716  1.00 32.57  ? 73  GLN A CD  1 
ATOM   580  O  OE1 . GLN A 1 73 ? -12.757 -3.312  -2.588  1.00 30.70  ? 73  GLN A OE1 1 
ATOM   581  N  NE2 . GLN A 1 73 ? -12.951 -1.414  -3.841  1.00 35.28  ? 73  GLN A NE2 1 
ATOM   582  N  N   . THR A 1 74 ? -12.603 1.484   -1.601  1.00 34.34  ? 74  THR A N   1 
ATOM   583  C  CA  . THR A 1 74 ? -13.176 2.705   -2.157  1.00 31.16  ? 74  THR A CA  1 
ATOM   584  C  C   . THR A 1 74 ? -14.442 2.339   -2.925  1.00 30.19  ? 74  THR A C   1 
ATOM   585  O  O   . THR A 1 74 ? -14.505 1.341   -3.673  1.00 31.66  ? 74  THR A O   1 
ATOM   586  C  CB  . THR A 1 74 ? -12.148 3.426   -3.023  1.00 36.27  ? 74  THR A CB  1 
ATOM   587  O  OG1 . THR A 1 74 ? -10.974 3.731   -2.236  1.00 39.22  ? 74  THR A OG1 1 
ATOM   588  C  CG2 . THR A 1 74 ? -12.708 4.718   -3.585  1.00 35.62  ? 74  THR A CG2 1 
ATOM   589  N  N   . TRP A 1 75 ? -15.488 3.101   -2.681  1.00 30.50  ? 75  TRP A N   1 
ATOM   590  C  CA  . TRP A 1 75 ? -16.764 2.919   -3.337  1.00 33.31  ? 75  TRP A CA  1 
ATOM   591  C  C   . TRP A 1 75 ? -17.194 4.185   -4.106  1.00 33.66  ? 75  TRP A C   1 
ATOM   592  O  O   . TRP A 1 75 ? -16.754 5.300   -3.839  1.00 35.46  ? 75  TRP A O   1 
ATOM   593  C  CB  . TRP A 1 75 ? -17.807 2.638   -2.260  1.00 32.52  ? 75  TRP A CB  1 
ATOM   594  C  CG  . TRP A 1 75 ? -17.701 1.268   -1.673  1.00 31.28  ? 75  TRP A CG  1 
ATOM   595  C  CD1 . TRP A 1 75 ? -17.131 0.907   -0.499  1.00 32.77  ? 75  TRP A CD1 1 
ATOM   596  C  CD2 . TRP A 1 75 ? -18.224 0.060   -2.253  1.00 33.39  ? 75  TRP A CD2 1 
ATOM   597  N  NE1 . TRP A 1 75 ? -17.288 -0.462  -0.287  1.00 29.35  ? 75  TRP A NE1 1 
ATOM   598  C  CE2 . TRP A 1 75 ? -17.961 -0.993  -1.353  1.00 27.76  ? 75  TRP A CE2 1 
ATOM   599  C  CE3 . TRP A 1 75 ? -18.850 -0.231  -3.471  1.00 29.93  ? 75  TRP A CE3 1 
ATOM   600  C  CZ2 . TRP A 1 75 ? -18.318 -2.330  -1.634  1.00 28.93  ? 75  TRP A CZ2 1 
ATOM   601  C  CZ3 . TRP A 1 75 ? -19.199 -1.568  -3.758  1.00 32.82  ? 75  TRP A CZ3 1 
ATOM   602  C  CH2 . TRP A 1 75 ? -18.948 -2.590  -2.835  1.00 32.04  ? 75  TRP A CH2 1 
ATOM   603  N  N   . GLY A 1 76 ? -18.143 4.007   -4.997  1.00 36.24  ? 76  GLY A N   1 
ATOM   604  C  CA  . GLY A 1 76 ? -18.687 5.113   -5.758  1.00 37.98  ? 76  GLY A CA  1 
ATOM   605  C  C   . GLY A 1 76 ? -19.987 4.704   -6.446  1.00 37.85  ? 76  GLY A C   1 
ATOM   606  O  O   . GLY A 1 76 ? -20.454 3.587   -6.284  1.00 36.06  ? 76  GLY A O   1 
ATOM   607  N  N   . LEU A 1 77 ? -20.555 5.611   -7.231  1.00 36.71  ? 77  LEU A N   1 
ATOM   608  C  CA  . LEU A 1 77 ? -21.790 5.318   -7.964  1.00 41.58  ? 77  LEU A CA  1 
ATOM   609  C  C   . LEU A 1 77 ? -21.446 4.938   -9.389  1.00 42.44  ? 77  LEU A C   1 
ATOM   610  O  O   . LEU A 1 77 ? -20.580 5.562   -9.991  1.00 45.17  ? 77  LEU A O   1 
ATOM   611  C  CB  . LEU A 1 77 ? -22.706 6.535   -7.969  1.00 40.94  ? 77  LEU A CB  1 
ATOM   612  C  CG  . LEU A 1 77 ? -23.200 7.006   -6.618  1.00 40.58  ? 77  LEU A CG  1 
ATOM   613  C  CD1 . LEU A 1 77 ? -24.240 8.134   -6.728  1.00 45.22  ? 77  LEU A CD1 1 
ATOM   614  C  CD2 . LEU A 1 77 ? -23.749 5.822   -5.863  1.00 38.96  ? 77  LEU A CD2 1 
ATOM   615  N  N   . ARG A 1 78 ? -22.118 3.909   -9.911  1.00 41.55  ? 78  ARG A N   1 
ATOM   616  C  CA  . ARG A 1 78 ? -21.890 3.487   -11.282 1.00 49.65  ? 78  ARG A CA  1 
ATOM   617  C  C   . ARG A 1 78 ? -22.125 4.605   -12.296 1.00 49.56  ? 78  ARG A C   1 
ATOM   618  O  O   . ARG A 1 78 ? -21.432 4.672   -13.320 1.00 54.37  ? 78  ARG A O   1 
ATOM   619  C  CB  . ARG A 1 78 ? -22.799 2.311   -11.632 1.00 53.28  ? 78  ARG A CB  1 
ATOM   620  C  CG  . ARG A 1 78 ? -22.633 1.837   -13.061 1.00 57.75  ? 78  ARG A CG  1 
ATOM   621  C  CD  . ARG A 1 78 ? -23.096 0.419   -13.192 1.00 57.94  ? 78  ARG A CD  1 
ATOM   622  N  NE  . ARG A 1 78 ? -24.477 0.332   -12.768 1.00 64.74  ? 78  ARG A NE  1 
ATOM   623  C  CZ  . ARG A 1 78 ? -25.474 -0.166  -13.492 1.00 63.75  ? 78  ARG A CZ  1 
ATOM   624  N  NH1 . ARG A 1 78 ? -25.243 -0.655  -14.716 1.00 60.34  ? 78  ARG A NH1 1 
ATOM   625  N  NH2 . ARG A 1 78 ? -26.708 -0.183  -12.959 1.00 60.03  ? 78  ARG A NH2 1 
ATOM   626  N  N   . SER A 1 79 ? -23.108 5.462   -12.025 1.00 51.64  ? 79  SER A N   1 
ATOM   627  C  CA  . SER A 1 79 ? -23.389 6.603   -12.911 1.00 58.21  ? 79  SER A CA  1 
ATOM   628  C  C   . SER A 1 79 ? -22.371 7.744   -12.818 1.00 57.94  ? 79  SER A C   1 
ATOM   629  O  O   . SER A 1 79 ? -22.730 8.869   -13.116 1.00 70.08  ? 79  SER A O   1 
ATOM   630  C  CB  . SER A 1 79 ? -24.793 7.160   -12.631 1.00 58.27  ? 79  SER A CB  1 
ATOM   631  O  OG  . SER A 1 79 ? -24.893 7.628   -11.297 1.00 54.95  ? 79  SER A OG  1 
ATOM   632  N  N   . TRP A 1 80 ? -21.142 7.492   -12.357 1.00 56.29  ? 80  TRP A N   1 
ATOM   633  C  CA  . TRP A 1 80 ? -20.039 8.445   -12.551 1.00 55.19  ? 80  TRP A CA  1 
ATOM   634  C  C   . TRP A 1 80 ? -18.996 7.853   -13.500 1.00 57.75  ? 80  TRP A C   1 
ATOM   635  O  O   . TRP A 1 80 ? -17.960 8.463   -13.717 1.00 57.32  ? 80  TRP A O   1 
ATOM   636  C  CB  . TRP A 1 80 ? -19.315 8.836   -11.244 1.00 55.63  ? 80  TRP A CB  1 
ATOM   637  C  CG  . TRP A 1 80 ? -20.164 9.352   -10.145 1.00 50.49  ? 80  TRP A CG  1 
ATOM   638  C  CD1 . TRP A 1 80 ? -21.361 9.971   -10.261 1.00 52.24  ? 80  TRP A CD1 1 
ATOM   639  C  CD2 . TRP A 1 80 ? -19.882 9.274   -8.744  1.00 48.33  ? 80  TRP A CD2 1 
ATOM   640  N  NE1 . TRP A 1 80 ? -21.852 10.280  -9.012  1.00 50.70  ? 80  TRP A NE1 1 
ATOM   641  C  CE2 . TRP A 1 80 ? -20.953 9.870   -8.069  1.00 47.40  ? 80  TRP A CE2 1 
ATOM   642  C  CE3 . TRP A 1 80 ? -18.817 8.752   -7.992  1.00 51.54  ? 80  TRP A CE3 1 
ATOM   643  C  CZ2 . TRP A 1 80 ? -21.009 9.949   -6.673  1.00 56.65  ? 80  TRP A CZ2 1 
ATOM   644  C  CZ3 . TRP A 1 80 ? -18.869 8.825   -6.609  1.00 46.55  ? 80  TRP A CZ3 1 
ATOM   645  C  CH2 . TRP A 1 80 ? -19.948 9.417   -5.961  1.00 50.84  ? 80  TRP A CH2 1 
ATOM   646  N  N   . TYR A 1 81 ? -19.241 6.664   -14.042 1.00 57.23  ? 81  TYR A N   1 
ATOM   647  C  CA  . TYR A 1 81 ? -18.208 5.960   -14.784 1.00 65.59  ? 81  TYR A CA  1 
ATOM   648  C  C   . TYR A 1 81 ? -18.772 5.333   -16.042 1.00 69.44  ? 81  TYR A C   1 
ATOM   649  O  O   . TYR A 1 81 ? -19.937 5.549   -16.360 1.00 77.36  ? 81  TYR A O   1 
ATOM   650  C  CB  . TYR A 1 81 ? -17.564 4.894   -13.891 1.00 69.15  ? 81  TYR A CB  1 
ATOM   651  C  CG  . TYR A 1 81 ? -16.879 5.490   -12.672 1.00 72.68  ? 81  TYR A CG  1 
ATOM   652  C  CD1 . TYR A 1 81 ? -17.588 5.736   -11.493 1.00 66.47  ? 81  TYR A CD1 1 
ATOM   653  C  CD2 . TYR A 1 81 ? -15.531 5.828   -12.705 1.00 74.88  ? 81  TYR A CD2 1 
ATOM   654  C  CE1 . TYR A 1 81 ? -16.977 6.291   -10.398 1.00 66.05  ? 81  TYR A CE1 1 
ATOM   655  C  CE2 . TYR A 1 81 ? -14.909 6.397   -11.606 1.00 70.39  ? 81  TYR A CE2 1 
ATOM   656  C  CZ  . TYR A 1 81 ? -15.639 6.624   -10.462 1.00 72.18  ? 81  TYR A CZ  1 
ATOM   657  O  OH  . TYR A 1 81 ? -15.011 7.182   -9.380  1.00 75.27  ? 81  TYR A OH  1 
ATOM   658  N  N   . LYS B 1 3  ? 13.029  -24.027 -2.013  1.00 63.46  ? 3   LYS B N   1 
ATOM   659  C  CA  . LYS B 1 3  ? 13.528  -23.021 -1.049  1.00 65.34  ? 3   LYS B CA  1 
ATOM   660  C  C   . LYS B 1 3  ? 14.953  -23.366 -0.661  1.00 63.57  ? 3   LYS B C   1 
ATOM   661  O  O   . LYS B 1 3  ? 15.356  -24.520 -0.687  1.00 68.26  ? 3   LYS B O   1 
ATOM   662  C  CB  . LYS B 1 3  ? 12.665  -22.952 0.230   1.00 69.35  ? 3   LYS B CB  1 
ATOM   663  C  CG  . LYS B 1 3  ? 11.280  -22.349 0.053   1.00 75.35  ? 3   LYS B CG  1 
ATOM   664  C  CD  . LYS B 1 3  ? 11.347  -20.880 -0.347  1.00 71.89  ? 3   LYS B CD  1 
ATOM   665  C  CE  . LYS B 1 3  ? 9.982   -20.236 -0.227  1.00 74.20  ? 3   LYS B CE  1 
ATOM   666  N  NZ  . LYS B 1 3  ? 9.591   -20.016 1.193   1.00 71.06  ? 3   LYS B NZ  1 
ATOM   667  N  N   . GLN B 1 4  ? 15.697  -22.332 -0.306  1.00 66.36  ? 4   GLN B N   1 
ATOM   668  C  CA  . GLN B 1 4  ? 17.006  -22.442 0.322   1.00 70.12  ? 4   GLN B CA  1 
ATOM   669  C  C   . GLN B 1 4  ? 16.838  -22.372 1.845   1.00 62.03  ? 4   GLN B C   1 
ATOM   670  O  O   . GLN B 1 4  ? 17.795  -22.174 2.609   1.00 64.91  ? 4   GLN B O   1 
ATOM   671  C  CB  . GLN B 1 4  ? 17.951  -21.340 -0.208  1.00 76.24  ? 4   GLN B CB  1 
ATOM   672  C  CG  . GLN B 1 4  ? 17.549  -19.889 0.012   1.00 83.65  ? 4   GLN B CG  1 
ATOM   673  C  CD  . GLN B 1 4  ? 18.489  -18.931 -0.725  1.00 92.00  ? 4   GLN B CD  1 
ATOM   674  O  OE1 . GLN B 1 4  ? 18.686  -19.031 -1.946  1.00 94.23  ? 4   GLN B OE1 1 
ATOM   675  N  NE2 . GLN B 1 4  ? 19.082  -18.009 0.016   1.00 85.17  ? 4   GLN B NE2 1 
ATOM   676  N  N   . TYR B 1 5  ? 15.605  -22.563 2.287   1.00 60.10  ? 5   TYR B N   1 
ATOM   677  C  CA  . TYR B 1 5  ? 15.292  -22.427 3.680   1.00 62.82  ? 5   TYR B CA  1 
ATOM   678  C  C   . TYR B 1 5  ? 14.588  -23.684 4.183   1.00 62.48  ? 5   TYR B C   1 
ATOM   679  O  O   . TYR B 1 5  ? 13.607  -24.150 3.586   1.00 55.49  ? 5   TYR B O   1 
ATOM   680  C  CB  . TYR B 1 5  ? 14.422  -21.191 3.888   1.00 69.37  ? 5   TYR B CB  1 
ATOM   681  C  CG  . TYR B 1 5  ? 15.086  -19.897 3.440   1.00 70.41  ? 5   TYR B CG  1 
ATOM   682  C  CD1 . TYR B 1 5  ? 16.181  -19.373 4.139   1.00 76.62  ? 5   TYR B CD1 1 
ATOM   683  C  CD2 . TYR B 1 5  ? 14.641  -19.220 2.311   1.00 68.26  ? 5   TYR B CD2 1 
ATOM   684  C  CE1 . TYR B 1 5  ? 16.795  -18.194 3.734   1.00 80.72  ? 5   TYR B CE1 1 
ATOM   685  C  CE2 . TYR B 1 5  ? 15.243  -18.046 1.902   1.00 74.63  ? 5   TYR B CE2 1 
ATOM   686  C  CZ  . TYR B 1 5  ? 16.313  -17.529 2.617   1.00 76.85  ? 5   TYR B CZ  1 
ATOM   687  O  OH  . TYR B 1 5  ? 16.907  -16.360 2.197   1.00 75.56  ? 5   TYR B OH  1 
ATOM   688  N  N   . SER B 1 6  ? 15.126  -24.240 5.263   1.00 60.38  ? 6   SER B N   1 
ATOM   689  C  CA  . SER B 1 6  ? 14.402  -25.218 6.053   1.00 67.21  ? 6   SER B CA  1 
ATOM   690  C  C   . SER B 1 6  ? 13.303  -24.510 6.795   1.00 63.98  ? 6   SER B C   1 
ATOM   691  O  O   . SER B 1 6  ? 13.252  -23.280 6.857   1.00 69.71  ? 6   SER B O   1 
ATOM   692  C  CB  . SER B 1 6  ? 15.293  -25.862 7.097   1.00 65.69  ? 6   SER B CB  1 
ATOM   693  O  OG  . SER B 1 6  ? 15.332  -25.055 8.263   1.00 66.85  ? 6   SER B OG  1 
ATOM   694  N  N   . GLN B 1 7  ? 12.457  -25.301 7.420   1.00 60.38  ? 7   GLN B N   1 
ATOM   695  C  CA  . GLN B 1 7  ? 11.362  -24.774 8.184   1.00 58.43  ? 7   GLN B CA  1 
ATOM   696  C  C   . GLN B 1 7  ? 11.843  -24.212 9.521   1.00 62.44  ? 7   GLN B C   1 
ATOM   697  O  O   . GLN B 1 7  ? 11.217  -23.337 10.099  1.00 59.95  ? 7   GLN B O   1 
ATOM   698  C  CB  . GLN B 1 7  ? 10.360  -25.875 8.410   1.00 62.68  ? 7   GLN B CB  1 
ATOM   699  C  CG  . GLN B 1 7  ? 8.941   -25.416 8.295   1.00 64.12  ? 7   GLN B CG  1 
ATOM   700  C  CD  . GLN B 1 7  ? 8.158   -25.798 9.509   1.00 67.35  ? 7   GLN B CD  1 
ATOM   701  O  OE1 . GLN B 1 7  ? 8.394   -25.257 10.586  1.00 73.36  ? 7   GLN B OE1 1 
ATOM   702  N  NE2 . GLN B 1 7  ? 7.226   -26.730 9.355   1.00 66.78  ? 7   GLN B NE2 1 
ATOM   703  N  N   . GLU B 1 8  ? 12.959  -24.728 10.011  1.00 65.61  ? 8   GLU B N   1 
ATOM   704  C  CA  . GLU B 1 8  ? 13.572  -24.202 11.222  1.00 74.78  ? 8   GLU B CA  1 
ATOM   705  C  C   . GLU B 1 8  ? 14.079  -22.772 11.028  1.00 69.20  ? 8   GLU B C   1 
ATOM   706  O  O   . GLU B 1 8  ? 13.937  -21.927 11.917  1.00 60.07  ? 8   GLU B O   1 
ATOM   707  C  CB  . GLU B 1 8  ? 14.768  -25.072 11.639  1.00 88.83  ? 8   GLU B CB  1 
ATOM   708  C  CG  . GLU B 1 8  ? 14.432  -26.400 12.306  1.00 99.72  ? 8   GLU B CG  1 
ATOM   709  C  CD  . GLU B 1 8  ? 15.661  -27.063 12.936  1.00 110.81 ? 8   GLU B CD  1 
ATOM   710  O  OE1 . GLU B 1 8  ? 16.811  -26.649 12.621  1.00 106.01 ? 8   GLU B OE1 1 
ATOM   711  O  OE2 . GLU B 1 8  ? 15.482  -28.008 13.741  1.00 112.90 ? 8   GLU B OE2 1 
ATOM   712  N  N   . GLU B 1 9  ? 14.737  -22.543 9.889   1.00 60.25  ? 9   GLU B N   1 
ATOM   713  C  CA  . GLU B 1 9  ? 15.215  -21.223 9.505   1.00 60.97  ? 9   GLU B CA  1 
ATOM   714  C  C   . GLU B 1 9  ? 14.043  -20.210 9.370   1.00 60.97  ? 9   GLU B C   1 
ATOM   715  O  O   . GLU B 1 9  ? 14.102  -19.134 9.971   1.00 58.72  ? 9   GLU B O   1 
ATOM   716  C  CB  . GLU B 1 9  ? 15.976  -21.309 8.182   1.00 64.45  ? 9   GLU B CB  1 
ATOM   717  C  CG  . GLU B 1 9  ? 17.293  -22.087 8.217   1.00 71.72  ? 9   GLU B CG  1 
ATOM   718  C  CD  . GLU B 1 9  ? 17.829  -22.386 6.812   1.00 81.36  ? 9   GLU B CD  1 
ATOM   719  O  OE1 . GLU B 1 9  ? 18.822  -21.743 6.389   1.00 87.63  ? 9   GLU B OE1 1 
ATOM   720  O  OE2 . GLU B 1 9  ? 17.238  -23.246 6.112   1.00 78.16  ? 9   GLU B OE2 1 
ATOM   721  N  N   . LEU B 1 10 ? 13.002  -20.592 8.608   1.00 55.85  ? 10  LEU B N   1 
ATOM   722  C  CA  . LEU B 1 10 ? 11.795  -19.774 8.374   1.00 56.43  ? 10  LEU B CA  1 
ATOM   723  C  C   . LEU B 1 10 ? 11.137  -19.398 9.656   1.00 60.04  ? 10  LEU B C   1 
ATOM   724  O  O   . LEU B 1 10 ? 10.632  -18.289 9.783   1.00 64.22  ? 10  LEU B O   1 
ATOM   725  C  CB  . LEU B 1 10 ? 10.741  -20.503 7.537   1.00 53.21  ? 10  LEU B CB  1 
ATOM   726  C  CG  . LEU B 1 10 ? 11.137  -20.950 6.131   1.00 57.08  ? 10  LEU B CG  1 
ATOM   727  C  CD1 . LEU B 1 10 ? 10.041  -21.819 5.555   1.00 59.56  ? 10  LEU B CD1 1 
ATOM   728  C  CD2 . LEU B 1 10 ? 11.449  -19.796 5.189   1.00 60.79  ? 10  LEU B CD2 1 
ATOM   729  N  N   . LYS B 1 11 ? 11.128  -20.323 10.605  1.00 63.45  ? 11  LYS B N   1 
ATOM   730  C  CA  . LYS B 1 11 ? 10.567  -20.057 11.939  1.00 70.49  ? 11  LYS B CA  1 
ATOM   731  C  C   . LYS B 1 11 ? 11.259  -18.897 12.679  1.00 68.86  ? 11  LYS B C   1 
ATOM   732  O  O   . LYS B 1 11 ? 10.669  -18.276 13.559  1.00 67.52  ? 11  LYS B O   1 
ATOM   733  C  CB  . LYS B 1 11 ? 10.642  -21.318 12.807  1.00 74.68  ? 11  LYS B CB  1 
ATOM   734  C  CG  . LYS B 1 11 ? 9.463   -22.266 12.657  1.00 80.71  ? 11  LYS B CG  1 
ATOM   735  C  CD  . LYS B 1 11 ? 9.673   -23.523 13.500  1.00 92.84  ? 11  LYS B CD  1 
ATOM   736  C  CE  . LYS B 1 11 ? 9.556   -23.272 15.010  1.00 94.06  ? 11  LYS B CE  1 
ATOM   737  N  NZ  . LYS B 1 11 ? 10.573  -24.027 15.806  1.00 94.63  ? 11  LYS B NZ  1 
ATOM   738  N  N   . GLU B 1 12 ? 12.510  -18.607 12.336  1.00 72.59  ? 12  GLU B N   1 
ATOM   739  C  CA  . GLU B 1 12 ? 13.204  -17.491 12.966  1.00 76.82  ? 12  GLU B CA  1 
ATOM   740  C  C   . GLU B 1 12 ? 13.318  -16.236 12.065  1.00 76.32  ? 12  GLU B C   1 
ATOM   741  O  O   . GLU B 1 12 ? 14.019  -15.285 12.420  1.00 80.07  ? 12  GLU B O   1 
ATOM   742  C  CB  . GLU B 1 12 ? 14.567  -17.942 13.534  1.00 87.39  ? 12  GLU B CB  1 
ATOM   743  C  CG  . GLU B 1 12 ? 15.446  -18.811 12.635  1.00 93.66  ? 12  GLU B CG  1 
ATOM   744  C  CD  . GLU B 1 12 ? 16.625  -19.438 13.388  1.00 104.07 ? 12  GLU B CD  1 
ATOM   745  O  OE1 . GLU B 1 12 ? 17.372  -20.245 12.784  1.00 102.12 ? 12  GLU B OE1 1 
ATOM   746  O  OE2 . GLU B 1 12 ? 16.811  -19.135 14.593  1.00 107.04 ? 12  GLU B OE2 1 
ATOM   747  N  N   . MET B 1 13 ? 12.599  -16.214 10.936  1.00 63.27  ? 13  MET B N   1 
ATOM   748  C  CA  . MET B 1 13 ? 12.521  -15.029 10.070  1.00 63.25  ? 13  MET B CA  1 
ATOM   749  C  C   . MET B 1 13 ? 11.257  -14.201 10.302  1.00 65.67  ? 13  MET B C   1 
ATOM   750  O  O   . MET B 1 13 ? 10.187  -14.718 10.666  1.00 71.43  ? 13  MET B O   1 
ATOM   751  C  CB  . MET B 1 13 ? 12.515  -15.404 8.590   1.00 58.65  ? 13  MET B CB  1 
ATOM   752  C  CG  . MET B 1 13 ? 13.768  -16.041 8.059   1.00 56.46  ? 13  MET B CG  1 
ATOM   753  S  SD  . MET B 1 13 ? 13.331  -16.462 6.376   1.00 65.38  ? 13  MET B SD  1 
ATOM   754  C  CE  . MET B 1 13 ? 14.824  -17.253 5.835   1.00 64.12  ? 13  MET B CE  1 
ATOM   755  N  N   . ALA B 1 14 ? 11.391  -12.904 10.037  1.00 65.51  ? 14  ALA B N   1 
ATOM   756  C  CA  . ALA B 1 14 ? 10.259  -11.988 10.041  1.00 58.10  ? 14  ALA B CA  1 
ATOM   757  C  C   . ALA B 1 14 ? 9.350   -12.429 8.903   1.00 50.25  ? 14  ALA B C   1 
ATOM   758  O  O   . ALA B 1 14 ? 9.839   -12.844 7.838   1.00 46.41  ? 14  ALA B O   1 
ATOM   759  C  CB  . ALA B 1 14 ? 10.759  -10.567 9.828   1.00 57.77  ? 14  ALA B CB  1 
ATOM   760  N  N   . LEU B 1 15 ? 8.044   -12.358 9.122   1.00 46.27  ? 15  LEU B N   1 
ATOM   761  C  CA  . LEU B 1 15 ? 7.073   -12.773 8.091   1.00 45.12  ? 15  LEU B CA  1 
ATOM   762  C  C   . LEU B 1 15 ? 7.318   -12.111 6.739   1.00 45.08  ? 15  LEU B C   1 
ATOM   763  O  O   . LEU B 1 15 ? 7.067   -12.735 5.694   1.00 44.12  ? 15  LEU B O   1 
ATOM   764  C  CB  . LEU B 1 15 ? 5.622   -12.514 8.554   1.00 47.46  ? 15  LEU B CB  1 
ATOM   765  C  CG  . LEU B 1 15 ? 5.191   -13.158 9.890   1.00 52.48  ? 15  LEU B CG  1 
ATOM   766  C  CD1 . LEU B 1 15 ? 3.715   -12.945 10.167  1.00 54.12  ? 15  LEU B CD1 1 
ATOM   767  C  CD2 . LEU B 1 15 ? 5.509   -14.645 9.922   1.00 51.51  ? 15  LEU B CD2 1 
ATOM   768  N  N   . VAL B 1 16 ? 7.815   -10.862 6.757   1.00 47.54  ? 16  VAL B N   1 
ATOM   769  C  CA  . VAL B 1 16 ? 8.037   -10.074 5.517   1.00 44.33  ? 16  VAL B CA  1 
ATOM   770  C  C   . VAL B 1 16 ? 9.140   -10.696 4.643   1.00 46.85  ? 16  VAL B C   1 
ATOM   771  O  O   . VAL B 1 16 ? 9.078   -10.648 3.390   1.00 42.65  ? 16  VAL B O   1 
ATOM   772  C  CB  . VAL B 1 16 ? 8.300   -8.565  5.852   1.00 45.58  ? 16  VAL B CB  1 
ATOM   773  C  CG1 . VAL B 1 16 ? 9.709   -8.320  6.394   1.00 43.64  ? 16  VAL B CG1 1 
ATOM   774  C  CG2 . VAL B 1 16 ? 8.045   -7.680  4.634   1.00 47.38  ? 16  VAL B CG2 1 
ATOM   775  N  N   . GLU B 1 17 ? 10.112  -11.350 5.306   1.00 43.54  ? 17  GLU B N   1 
ATOM   776  C  CA  . GLU B 1 17 ? 11.200  -12.038 4.593   1.00 44.11  ? 17  GLU B CA  1 
ATOM   777  C  C   . GLU B 1 17 ? 10.741  -13.343 3.926   1.00 43.24  ? 17  GLU B C   1 
ATOM   778  O  O   . GLU B 1 17 ? 11.172  -13.700 2.821   1.00 49.00  ? 17  GLU B O   1 
ATOM   779  C  CB  . GLU B 1 17 ? 12.385  -12.255 5.525   1.00 44.06  ? 17  GLU B CB  1 
ATOM   780  C  CG  . GLU B 1 17 ? 12.959  -10.955 6.110   1.00 42.71  ? 17  GLU B CG  1 
ATOM   781  C  CD  . GLU B 1 17 ? 13.261  -9.899  5.041   1.00 48.25  ? 17  GLU B CD  1 
ATOM   782  O  OE1 . GLU B 1 17 ? 13.531  -10.258 3.857   1.00 45.35  ? 17  GLU B OE1 1 
ATOM   783  O  OE2 . GLU B 1 17 ? 13.201  -8.694  5.389   1.00 52.39  ? 17  GLU B OE2 1 
ATOM   784  N  N   . ILE B 1 18 ? 9.809   -14.015 4.570   1.00 47.46  ? 18  ILE B N   1 
ATOM   785  C  CA  . ILE B 1 18 ? 9.174   -15.200 3.987   1.00 44.55  ? 18  ILE B CA  1 
ATOM   786  C  C   . ILE B 1 18 ? 8.263   -14.761 2.827   1.00 40.94  ? 18  ILE B C   1 
ATOM   787  O  O   . ILE B 1 18 ? 8.270   -15.371 1.736   1.00 40.46  ? 18  ILE B O   1 
ATOM   788  C  CB  . ILE B 1 18 ? 8.323   -15.952 5.036   1.00 47.02  ? 18  ILE B CB  1 
ATOM   789  C  CG1 . ILE B 1 18 ? 9.104   -16.249 6.316   1.00 47.52  ? 18  ILE B CG1 1 
ATOM   790  C  CG2 . ILE B 1 18 ? 7.763   -17.239 4.449   1.00 47.61  ? 18  ILE B CG2 1 
ATOM   791  C  CD1 . ILE B 1 18 ? 8.208   -16.763 7.431   1.00 49.59  ? 18  ILE B CD1 1 
ATOM   792  N  N   . ALA B 1 19 ? 7.457   -13.728 3.073   1.00 37.23  ? 19  ALA B N   1 
ATOM   793  C  CA  . ALA B 1 19 ? 6.645   -13.115 1.998   1.00 40.18  ? 19  ALA B CA  1 
ATOM   794  C  C   . ALA B 1 19 ? 7.505   -12.797 0.793   1.00 35.52  ? 19  ALA B C   1 
ATOM   795  O  O   . ALA B 1 19 ? 7.162   -13.127 -0.327  1.00 35.49  ? 19  ALA B O   1 
ATOM   796  C  CB  . ALA B 1 19 ? 5.957   -11.848 2.491   1.00 42.74  ? 19  ALA B CB  1 
ATOM   797  N  N   . HIS B 1 20 ? 8.660   -12.195 1.045   1.00 41.14  ? 20  HIS B N   1 
ATOM   798  C  CA  . HIS B 1 20 ? 9.580   -11.830 -0.041  1.00 43.21  ? 20  HIS B CA  1 
ATOM   799  C  C   . HIS B 1 20 ? 9.931   -13.044 -0.882  1.00 45.02  ? 20  HIS B C   1 
ATOM   800  O  O   . HIS B 1 20 ? 9.890   -12.984 -2.119  1.00 40.67  ? 20  HIS B O   1 
ATOM   801  C  CB  . HIS B 1 20 ? 10.883  -11.178 0.501   1.00 44.90  ? 20  HIS B CB  1 
ATOM   802  C  CG  . HIS B 1 20 ? 11.816  -10.710 -0.582  1.00 46.51  ? 20  HIS B CG  1 
ATOM   803  N  ND1 . HIS B 1 20 ? 11.530  -9.638  -1.401  1.00 53.04  ? 20  HIS B ND1 1 
ATOM   804  C  CD2 . HIS B 1 20 ? 13.011  -11.178 -1.001  1.00 50.97  ? 20  HIS B CD2 1 
ATOM   805  C  CE1 . HIS B 1 20 ? 12.503  -9.463  -2.275  1.00 47.39  ? 20  HIS B CE1 1 
ATOM   806  N  NE2 . HIS B 1 20 ? 13.412  -10.385 -2.058  1.00 52.18  ? 20  HIS B NE2 1 
ATOM   807  N  N   . GLU B 1 21 ? 10.269  -14.147 -0.200  1.00 46.27  ? 21  GLU B N   1 
ATOM   808  C  CA  . GLU B 1 21 ? 10.646  -15.390 -0.880  1.00 49.43  ? 21  GLU B CA  1 
ATOM   809  C  C   . GLU B 1 21 ? 9.448   -15.976 -1.616  1.00 45.79  ? 21  GLU B C   1 
ATOM   810  O  O   . GLU B 1 21 ? 9.572   -16.464 -2.755  1.00 46.11  ? 21  GLU B O   1 
ATOM   811  C  CB  . GLU B 1 21 ? 11.303  -16.392 0.102   1.00 52.63  ? 21  GLU B CB  1 
ATOM   812  C  CG  . GLU B 1 21 ? 12.667  -15.927 0.631   1.00 55.67  ? 21  GLU B CG  1 
ATOM   813  C  CD  . GLU B 1 21 ? 13.714  -15.692 -0.482  1.00 60.21  ? 21  GLU B CD  1 
ATOM   814  O  OE1 . GLU B 1 21 ? 13.551  -16.202 -1.608  1.00 61.06  ? 21  GLU B OE1 1 
ATOM   815  O  OE2 . GLU B 1 21 ? 14.716  -14.987 -0.245  1.00 66.58  ? 21  GLU B OE2 1 
ATOM   816  N  N   . LEU B 1 22 ? 8.260   -15.855 -1.041  1.00 44.39  ? 22  LEU B N   1 
ATOM   817  C  CA  . LEU B 1 22 ? 7.050   -16.246 -1.803  1.00 45.15  ? 22  LEU B CA  1 
ATOM   818  C  C   . LEU B 1 22 ? 6.768   -15.390 -3.063  1.00 50.52  ? 22  LEU B C   1 
ATOM   819  O  O   . LEU B 1 22 ? 6.317   -15.925 -4.080  1.00 48.33  ? 22  LEU B O   1 
ATOM   820  C  CB  . LEU B 1 22 ? 5.823   -16.237 -0.928  1.00 49.89  ? 22  LEU B CB  1 
ATOM   821  C  CG  . LEU B 1 22 ? 5.767   -17.351 0.104   1.00 49.96  ? 22  LEU B CG  1 
ATOM   822  C  CD1 . LEU B 1 22 ? 4.586   -17.073 1.034   1.00 51.50  ? 22  LEU B CD1 1 
ATOM   823  C  CD2 . LEU B 1 22 ? 5.637   -18.672 -0.643  1.00 50.88  ? 22  LEU B CD2 1 
ATOM   824  N  N   . PHE B 1 23 ? 7.008   -14.079 -3.009  1.00 49.58  ? 23  PHE B N   1 
ATOM   825  C  CA  . PHE B 1 23 ? 6.682   -13.246 -4.178  1.00 49.74  ? 23  PHE B CA  1 
ATOM   826  C  C   . PHE B 1 23 ? 7.548   -13.725 -5.313  1.00 44.24  ? 23  PHE B C   1 
ATOM   827  O  O   . PHE B 1 23 ? 7.063   -13.929 -6.406  1.00 50.34  ? 23  PHE B O   1 
ATOM   828  C  CB  . PHE B 1 23 ? 6.880   -11.736 -3.927  1.00 47.82  ? 23  PHE B CB  1 
ATOM   829  C  CG  . PHE B 1 23 ? 5.797   -11.095 -3.067  1.00 46.58  ? 23  PHE B CG  1 
ATOM   830  C  CD1 . PHE B 1 23 ? 4.477   -11.049 -3.499  1.00 45.87  ? 23  PHE B CD1 1 
ATOM   831  C  CD2 . PHE B 1 23 ? 6.116   -10.494 -1.850  1.00 49.40  ? 23  PHE B CD2 1 
ATOM   832  C  CE1 . PHE B 1 23 ? 3.498   -10.451 -2.726  1.00 42.33  ? 23  PHE B CE1 1 
ATOM   833  C  CE2 . PHE B 1 23 ? 5.131   -9.891  -1.069  1.00 50.73  ? 23  PHE B CE2 1 
ATOM   834  C  CZ  . PHE B 1 23 ? 3.821   -9.877  -1.504  1.00 45.26  ? 23  PHE B CZ  1 
ATOM   835  N  N   . GLU B 1 24 ? 8.816   -13.971 -5.021  1.00 54.24  ? 24  GLU B N   1 
ATOM   836  C  CA  . GLU B 1 24 ? 9.754   -14.501 -6.012  1.00 65.74  ? 24  GLU B CA  1 
ATOM   837  C  C   . GLU B 1 24 ? 9.319   -15.886 -6.545  1.00 70.35  ? 24  GLU B C   1 
ATOM   838  O  O   . GLU B 1 24 ? 9.417   -16.147 -7.746  1.00 61.62  ? 24  GLU B O   1 
ATOM   839  C  CB  . GLU B 1 24 ? 11.175  -14.528 -5.437  1.00 69.48  ? 24  GLU B CB  1 
ATOM   840  C  CG  . GLU B 1 24 ? 11.638  -13.172 -4.909  1.00 75.28  ? 24  GLU B CG  1 
ATOM   841  C  CD  . GLU B 1 24 ? 13.146  -12.994 -4.914  1.00 83.16  ? 24  GLU B CD  1 
ATOM   842  O  OE1 . GLU B 1 24 ? 13.614  -11.994 -5.507  1.00 88.85  ? 24  GLU B OE1 1 
ATOM   843  O  OE2 . GLU B 1 24 ? 13.861  -13.843 -4.324  1.00 89.44  ? 24  GLU B OE2 1 
ATOM   844  N  N   . GLU B 1 25 ? 8.800   -16.738 -5.662  1.00 77.23  ? 25  GLU B N   1 
ATOM   845  C  CA  . GLU B 1 25 ? 8.115   -17.992 -6.076  1.00 83.97  ? 25  GLU B CA  1 
ATOM   846  C  C   . GLU B 1 25 ? 6.870   -17.731 -6.973  1.00 82.39  ? 25  GLU B C   1 
ATOM   847  O  O   . GLU B 1 25 ? 6.902   -18.024 -8.159  1.00 76.23  ? 25  GLU B O   1 
ATOM   848  C  CB  . GLU B 1 25 ? 7.705   -18.829 -4.842  1.00 94.15  ? 25  GLU B CB  1 
ATOM   849  C  CG  . GLU B 1 25 ? 7.880   -20.333 -4.995  1.00 100.80 ? 25  GLU B CG  1 
ATOM   850  C  CD  . GLU B 1 25 ? 9.312   -20.764 -4.743  1.00 102.42 ? 25  GLU B CD  1 
ATOM   851  O  OE1 . GLU B 1 25 ? 9.735   -20.749 -3.558  1.00 105.54 ? 25  GLU B OE1 1 
ATOM   852  O  OE2 . GLU B 1 25 ? 10.006  -21.106 -5.728  1.00 92.24  ? 25  GLU B OE2 1 
ATOM   853  N  N   . HIS B 1 26 ? 5.794   -17.168 -6.413  1.00 76.68  ? 26  HIS B N   1 
ATOM   854  C  CA  . HIS B 1 26 ? 4.548   -16.918 -7.153  1.00 71.01  ? 26  HIS B CA  1 
ATOM   855  C  C   . HIS B 1 26 ? 4.833   -16.198 -8.468  1.00 66.49  ? 26  HIS B C   1 
ATOM   856  O  O   . HIS B 1 26 ? 4.196   -16.475 -9.472  1.00 67.59  ? 26  HIS B O   1 
ATOM   857  C  CB  . HIS B 1 26 ? 3.571   -16.020 -6.351  1.00 76.84  ? 26  HIS B CB  1 
ATOM   858  C  CG  . HIS B 1 26 ? 2.819   -16.714 -5.243  1.00 80.06  ? 26  HIS B CG  1 
ATOM   859  N  ND1 . HIS B 1 26 ? 1.555   -17.247 -5.417  1.00 84.24  ? 26  HIS B ND1 1 
ATOM   860  C  CD2 . HIS B 1 26 ? 3.113   -16.877 -3.930  1.00 79.39  ? 26  HIS B CD2 1 
ATOM   861  C  CE1 . HIS B 1 26 ? 1.123   -17.739 -4.267  1.00 84.88  ? 26  HIS B CE1 1 
ATOM   862  N  NE2 . HIS B 1 26 ? 2.050   -17.527 -3.349  1.00 83.69  ? 26  HIS B NE2 1 
ATOM   863  N  N   . LYS B 1 27 ? 5.782   -15.262 -8.444  1.00 64.55  ? 27  LYS B N   1 
ATOM   864  C  CA  . LYS B 1 27 ? 6.063   -14.360 -9.572  1.00 64.74  ? 27  LYS B CA  1 
ATOM   865  C  C   . LYS B 1 27 ? 4.819   -13.597 -10.020 1.00 57.46  ? 27  LYS B C   1 
ATOM   866  O  O   . LYS B 1 27 ? 4.642   -13.293 -11.200 1.00 59.22  ? 27  LYS B O   1 
ATOM   867  C  CB  . LYS B 1 27 ? 6.692   -15.102 -10.755 1.00 71.97  ? 27  LYS B CB  1 
ATOM   868  C  CG  . LYS B 1 27 ? 8.170   -15.411 -10.577 1.00 84.08  ? 27  LYS B CG  1 
ATOM   869  C  CD  . LYS B 1 27 ? 8.878   -15.507 -11.924 1.00 92.71  ? 27  LYS B CD  1 
ATOM   870  C  CE  . LYS B 1 27 ? 10.394  -15.553 -11.765 1.00 101.64 ? 27  LYS B CE  1 
ATOM   871  N  NZ  . LYS B 1 27 ? 10.846  -16.820 -11.120 1.00 103.82 ? 27  LYS B NZ  1 
ATOM   872  N  N   . LYS B 1 28 ? 3.957   -13.268 -9.072  1.00 52.79  ? 28  LYS B N   1 
ATOM   873  C  CA  . LYS B 1 28 ? 2.800   -12.455 -9.386  1.00 53.38  ? 28  LYS B CA  1 
ATOM   874  C  C   . LYS B 1 28 ? 2.252   -11.811 -8.116  1.00 47.18  ? 28  LYS B C   1 
ATOM   875  O  O   . LYS B 1 28 ? 2.498   -12.306 -7.011  1.00 48.85  ? 28  LYS B O   1 
ATOM   876  C  CB  . LYS B 1 28 ? 1.728   -13.334 -10.077 1.00 53.49  ? 28  LYS B CB  1 
ATOM   877  C  CG  . LYS B 1 28 ? 1.251   -14.477 -9.207  1.00 48.95  ? 28  LYS B CG  1 
ATOM   878  C  CD  . LYS B 1 28 ? 0.035   -15.173 -9.793  1.00 51.93  ? 28  LYS B CD  1 
ATOM   879  C  CE  . LYS B 1 28 ? -0.443  -16.252 -8.821  1.00 54.22  ? 28  LYS B CE  1 
ATOM   880  N  NZ  . LYS B 1 28 ? -1.231  -17.360 -9.445  1.00 57.31  ? 28  LYS B NZ  1 
ATOM   881  N  N   . PRO B 1 29 ? 1.482   -10.729 -8.265  1.00 44.87  ? 29  PRO B N   1 
ATOM   882  C  CA  . PRO B 1 29 ? 0.818   -10.151 -7.094  1.00 43.25  ? 29  PRO B CA  1 
ATOM   883  C  C   . PRO B 1 29 ? -0.022  -11.159 -6.360  1.00 42.51  ? 29  PRO B C   1 
ATOM   884  O  O   . PRO B 1 29 ? -0.622  -12.051 -7.004  1.00 40.14  ? 29  PRO B O   1 
ATOM   885  C  CB  . PRO B 1 29 ? -0.123  -9.100  -7.669  1.00 45.87  ? 29  PRO B CB  1 
ATOM   886  C  CG  . PRO B 1 29 ? 0.257   -8.892  -9.086  1.00 47.58  ? 29  PRO B CG  1 
ATOM   887  C  CD  . PRO B 1 29 ? 1.116   -10.055 -9.515  1.00 46.59  ? 29  PRO B CD  1 
ATOM   888  N  N   . VAL B 1 30 ? -0.109  -10.969 -5.036  1.00 39.72  ? 30  VAL B N   1 
ATOM   889  C  CA  . VAL B 1 30 ? -0.846  -11.821 -4.151  1.00 41.65  ? 30  VAL B CA  1 
ATOM   890  C  C   . VAL B 1 30 ? -1.597  -10.980 -3.085  1.00 43.31  ? 30  VAL B C   1 
ATOM   891  O  O   . VAL B 1 30 ? -1.033  -10.008 -2.555  1.00 38.17  ? 30  VAL B O   1 
ATOM   892  C  CB  . VAL B 1 30 ? 0.127   -12.776 -3.455  1.00 49.13  ? 30  VAL B CB  1 
ATOM   893  C  CG1 . VAL B 1 30 ? -0.608  -13.853 -2.648  1.00 50.43  ? 30  VAL B CG1 1 
ATOM   894  C  CG2 . VAL B 1 30 ? 1.070   -13.400 -4.480  1.00 46.87  ? 30  VAL B CG2 1 
ATOM   895  N  N   . PRO B 1 31 ? -2.869  -11.356 -2.765  1.00 38.90  ? 31  PRO B N   1 
ATOM   896  C  CA  . PRO B 1 31 ? -3.587  -10.668 -1.722  1.00 43.99  ? 31  PRO B CA  1 
ATOM   897  C  C   . PRO B 1 31 ? -2.919  -10.985 -0.399  1.00 44.86  ? 31  PRO B C   1 
ATOM   898  O  O   . PRO B 1 31 ? -2.377  -12.083 -0.244  1.00 48.82  ? 31  PRO B O   1 
ATOM   899  C  CB  . PRO B 1 31 ? -5.008  -11.286 -1.773  1.00 42.26  ? 31  PRO B CB  1 
ATOM   900  C  CG  . PRO B 1 31 ? -5.085  -11.985 -3.073  1.00 42.13  ? 31  PRO B CG  1 
ATOM   901  C  CD  . PRO B 1 31 ? -3.685  -12.460 -3.319  1.00 41.33  ? 31  PRO B CD  1 
ATOM   902  N  N   . PHE B 1 32 ? -2.930  -10.008 0.499   1.00 36.57  ? 32  PHE B N   1 
ATOM   903  C  CA  . PHE B 1 32 ? -2.449  -10.172 1.865   1.00 42.22  ? 32  PHE B CA  1 
ATOM   904  C  C   . PHE B 1 32 ? -2.892  -11.446 2.601   1.00 44.74  ? 32  PHE B C   1 
ATOM   905  O  O   . PHE B 1 32 ? -2.111  -12.033 3.401   1.00 50.46  ? 32  PHE B O   1 
ATOM   906  C  CB  . PHE B 1 32 ? -2.876  -8.951  2.679   1.00 39.80  ? 32  PHE B CB  1 
ATOM   907  C  CG  . PHE B 1 32 ? -2.205  -8.841  4.002   1.00 41.66  ? 32  PHE B CG  1 
ATOM   908  C  CD1 . PHE B 1 32 ? -0.838  -8.709  4.084   1.00 41.88  ? 32  PHE B CD1 1 
ATOM   909  C  CD2 . PHE B 1 32 ? -2.940  -8.882  5.172   1.00 41.07  ? 32  PHE B CD2 1 
ATOM   910  C  CE1 . PHE B 1 32 ? -0.197  -8.624  5.307   1.00 44.80  ? 32  PHE B CE1 1 
ATOM   911  C  CE2 . PHE B 1 32 ? -2.307  -8.787  6.389   1.00 42.71  ? 32  PHE B CE2 1 
ATOM   912  C  CZ  . PHE B 1 32 ? -0.944  -8.663  6.466   1.00 41.05  ? 32  PHE B CZ  1 
ATOM   913  N  N   . GLN B 1 33 ? -4.143  -11.854 2.399   1.00 47.33  ? 33  GLN B N   1 
ATOM   914  C  CA  . GLN B 1 33 ? -4.711  -12.999 3.157   1.00 44.96  ? 33  GLN B CA  1 
ATOM   915  C  C   . GLN B 1 33 ? -4.170  -14.295 2.632   1.00 42.23  ? 33  GLN B C   1 
ATOM   916  O  O   . GLN B 1 33 ? -4.034  -15.225 3.378   1.00 40.60  ? 33  GLN B O   1 
ATOM   917  C  CB  . GLN B 1 33 ? -6.235  -13.032 3.118   1.00 42.82  ? 33  GLN B CB  1 
ATOM   918  C  CG  . GLN B 1 33 ? -6.881  -11.981 4.010   1.00 48.72  ? 33  GLN B CG  1 
ATOM   919  C  CD  . GLN B 1 33 ? -6.522  -12.124 5.494   1.00 51.68  ? 33  GLN B CD  1 
ATOM   920  O  OE1 . GLN B 1 33 ? -6.322  -13.228 6.003   1.00 60.95  ? 33  GLN B OE1 1 
ATOM   921  N  NE2 . GLN B 1 33 ? -6.427  -10.997 6.185   1.00 52.07  ? 33  GLN B NE2 1 
ATOM   922  N  N   . GLU B 1 34 ? -3.827  -14.312 1.351   1.00 44.67  ? 34  GLU B N   1 
ATOM   923  C  CA  . GLU B 1 34 ? -3.251  -15.456 0.687   1.00 55.84  ? 34  GLU B CA  1 
ATOM   924  C  C   . GLU B 1 34 ? -1.788  -15.631 1.089   1.00 57.73  ? 34  GLU B C   1 
ATOM   925  O  O   . GLU B 1 34 ? -1.319  -16.741 1.215   1.00 58.08  ? 34  GLU B O   1 
ATOM   926  C  CB  . GLU B 1 34 ? -3.367  -15.283 -0.840  1.00 63.75  ? 34  GLU B CB  1 
ATOM   927  C  CG  . GLU B 1 34 ? -2.941  -16.482 -1.677  1.00 74.74  ? 34  GLU B CG  1 
ATOM   928  C  CD  . GLU B 1 34 ? -3.600  -17.767 -1.203  1.00 94.48  ? 34  GLU B CD  1 
ATOM   929  O  OE1 . GLU B 1 34 ? -4.849  -17.768 -1.064  1.00 106.04 ? 34  GLU B OE1 1 
ATOM   930  O  OE2 . GLU B 1 34 ? -2.876  -18.766 -0.948  1.00 98.82  ? 34  GLU B OE2 1 
ATOM   931  N  N   . LEU B 1 35 ? -1.060  -14.531 1.254   1.00 50.29  ? 35  LEU B N   1 
ATOM   932  C  CA  . LEU B 1 35 ? 0.255   -14.615 1.820   1.00 47.54  ? 35  LEU B CA  1 
ATOM   933  C  C   . LEU B 1 35 ? 0.206   -15.155 3.220   1.00 49.52  ? 35  LEU B C   1 
ATOM   934  O  O   . LEU B 1 35 ? 0.983   -16.030 3.554   1.00 50.20  ? 35  LEU B O   1 
ATOM   935  C  CB  . LEU B 1 35 ? 0.892   -13.244 1.905   1.00 44.77  ? 35  LEU B CB  1 
ATOM   936  C  CG  . LEU B 1 35 ? 1.292   -12.632 0.589   1.00 46.47  ? 35  LEU B CG  1 
ATOM   937  C  CD1 . LEU B 1 35 ? 1.516   -11.146 0.850   1.00 52.12  ? 35  LEU B CD1 1 
ATOM   938  C  CD2 . LEU B 1 35 ? 2.540   -13.299 0.023   1.00 42.82  ? 35  LEU B CD2 1 
ATOM   939  N  N   . LEU B 1 36 ? -0.643  -14.573 4.065   1.00 45.91  ? 36  LEU B N   1 
ATOM   940  C  CA  . LEU B 1 36 ? -0.687  -14.965 5.482   1.00 48.23  ? 36  LEU B CA  1 
ATOM   941  C  C   . LEU B 1 36 ? -0.993  -16.470 5.644   1.00 48.30  ? 36  LEU B C   1 
ATOM   942  O  O   . LEU B 1 36 ? -0.365  -17.144 6.455   1.00 51.39  ? 36  LEU B O   1 
ATOM   943  C  CB  . LEU B 1 36 ? -1.715  -14.158 6.267   1.00 51.47  ? 36  LEU B CB  1 
ATOM   944  C  CG  . LEU B 1 36 ? -1.412  -12.828 6.966   1.00 58.27  ? 36  LEU B CG  1 
ATOM   945  C  CD1 . LEU B 1 36 ? -2.681  -12.344 7.663   1.00 54.48  ? 36  LEU B CD1 1 
ATOM   946  C  CD2 . LEU B 1 36 ? -0.294  -12.918 7.996   1.00 60.70  ? 36  LEU B CD2 1 
ATOM   947  N  N   . ASN B 1 37 ? -1.953  -16.983 4.882   1.00 48.82  ? 37  ASN B N   1 
ATOM   948  C  CA  . ASN B 1 37 ? -2.285  -18.411 4.899   1.00 52.21  ? 37  ASN B CA  1 
ATOM   949  C  C   . ASN B 1 37 ? -1.100  -19.242 4.495   1.00 59.82  ? 37  ASN B C   1 
ATOM   950  O  O   . ASN B 1 37 ? -0.710  -20.155 5.214   1.00 59.41  ? 37  ASN B O   1 
ATOM   951  C  CB  . ASN B 1 37 ? -3.437  -18.747 3.941   1.00 53.76  ? 37  ASN B CB  1 
ATOM   952  C  CG  . ASN B 1 37 ? -4.742  -18.122 4.348   1.00 55.74  ? 37  ASN B CG  1 
ATOM   953  O  OD1 . ASN B 1 37 ? -4.995  -17.877 5.543   1.00 59.79  ? 37  ASN B OD1 1 
ATOM   954  N  ND2 . ASN B 1 37 ? -5.592  -17.850 3.358   1.00 53.87  ? 37  ASN B ND2 1 
ATOM   955  N  N   . GLU B 1 38 ? -0.539  -18.920 3.326   1.00 57.92  ? 38  GLU B N   1 
ATOM   956  C  CA  . GLU B 1 38 ? 0.559   -19.683 2.786   1.00 60.75  ? 38  GLU B CA  1 
ATOM   957  C  C   . GLU B 1 38 ? 1.829   -19.644 3.671   1.00 58.25  ? 38  GLU B C   1 
ATOM   958  O  O   . GLU B 1 38 ? 2.561   -20.630 3.771   1.00 55.20  ? 38  GLU B O   1 
ATOM   959  C  CB  . GLU B 1 38 ? 0.847   -19.202 1.374   1.00 58.74  ? 38  GLU B CB  1 
ATOM   960  C  CG  . GLU B 1 38 ? 2.073   -19.840 0.762   1.00 66.12  ? 38  GLU B CG  1 
ATOM   961  C  CD  . GLU B 1 38 ? 2.083   -19.764 -0.765  1.00 74.77  ? 38  GLU B CD  1 
ATOM   962  O  OE1 . GLU B 1 38 ? 1.353   -18.904 -1.342  1.00 66.20  ? 38  GLU B OE1 1 
ATOM   963  O  OE2 . GLU B 1 38 ? 2.837   -20.572 -1.381  1.00 80.40  ? 38  GLU B OE2 1 
ATOM   964  N  N   . ILE B 1 39 ? 2.079   -18.498 4.287   1.00 55.30  ? 39  ILE B N   1 
ATOM   965  C  CA  . ILE B 1 39 ? 3.129   -18.353 5.277   1.00 57.31  ? 39  ILE B CA  1 
ATOM   966  C  C   . ILE B 1 39 ? 2.768   -19.156 6.525   1.00 59.19  ? 39  ILE B C   1 
ATOM   967  O  O   . ILE B 1 39 ? 3.634   -19.755 7.132   1.00 63.35  ? 39  ILE B O   1 
ATOM   968  C  CB  . ILE B 1 39 ? 3.375   -16.859 5.617   1.00 54.76  ? 39  ILE B CB  1 
ATOM   969  C  CG1 . ILE B 1 39 ? 4.120   -16.167 4.463   1.00 55.89  ? 39  ILE B CG1 1 
ATOM   970  C  CG2 . ILE B 1 39 ? 4.103   -16.665 6.947   1.00 50.05  ? 39  ILE B CG2 1 
ATOM   971  C  CD1 . ILE B 1 39 ? 4.185   -14.666 4.599   1.00 58.25  ? 39  ILE B CD1 1 
ATOM   972  N  N   . ALA B 1 40 ? 1.501   -19.169 6.913   1.00 66.27  ? 40  ALA B N   1 
ATOM   973  C  CA  . ALA B 1 40 ? 1.083   -19.960 8.085   1.00 67.18  ? 40  ALA B CA  1 
ATOM   974  C  C   . ALA B 1 40 ? 1.320   -21.448 7.823   1.00 67.80  ? 40  ALA B C   1 
ATOM   975  O  O   . ALA B 1 40 ? 1.764   -22.181 8.711   1.00 58.56  ? 40  ALA B O   1 
ATOM   976  C  CB  . ALA B 1 40 ? -0.375  -19.707 8.430   1.00 66.36  ? 40  ALA B CB  1 
ATOM   977  N  N   . SER B 1 41 ? 1.035   -21.863 6.590   1.00 63.05  ? 41  SER B N   1 
ATOM   978  C  CA  . SER B 1 41 ? 1.269   -23.224 6.139   1.00 62.40  ? 41  SER B CA  1 
ATOM   979  C  C   . SER B 1 41 ? 2.754   -23.618 6.254   1.00 68.82  ? 41  SER B C   1 
ATOM   980  O  O   . SER B 1 41 ? 3.107   -24.420 7.116   1.00 73.14  ? 41  SER B O   1 
ATOM   981  C  CB  . SER B 1 41 ? 0.748   -23.370 4.716   1.00 64.39  ? 41  SER B CB  1 
ATOM   982  O  OG  . SER B 1 41 ? 1.188   -24.569 4.127   1.00 73.10  ? 41  SER B OG  1 
ATOM   983  N  N   . LEU B 1 42 ? 3.618   -23.045 5.407   1.00 69.27  ? 42  LEU B N   1 
ATOM   984  C  CA  . LEU B 1 42 ? 5.089   -23.220 5.498   1.00 65.50  ? 42  LEU B CA  1 
ATOM   985  C  C   . LEU B 1 42 ? 5.623   -23.330 6.923   1.00 63.94  ? 42  LEU B C   1 
ATOM   986  O  O   . LEU B 1 42 ? 6.583   -24.061 7.174   1.00 61.24  ? 42  LEU B O   1 
ATOM   987  C  CB  . LEU B 1 42 ? 5.821   -22.034 4.851   1.00 61.79  ? 42  LEU B CB  1 
ATOM   988  C  CG  . LEU B 1 42 ? 5.834   -21.884 3.339   1.00 63.33  ? 42  LEU B CG  1 
ATOM   989  C  CD1 . LEU B 1 42 ? 6.256   -20.464 2.967   1.00 62.34  ? 42  LEU B CD1 1 
ATOM   990  C  CD2 . LEU B 1 42 ? 6.733   -22.919 2.677   1.00 68.16  ? 42  LEU B CD2 1 
ATOM   991  N  N   . LEU B 1 43 ? 5.036   -22.550 7.830   1.00 61.41  ? 43  LEU B N   1 
ATOM   992  C  CA  . LEU B 1 43 ? 5.462   -22.504 9.220   1.00 64.21  ? 43  LEU B CA  1 
ATOM   993  C  C   . LEU B 1 43 ? 4.822   -23.612 10.075  1.00 68.74  ? 43  LEU B C   1 
ATOM   994  O  O   . LEU B 1 43 ? 5.184   -23.775 11.246  1.00 60.09  ? 43  LEU B O   1 
ATOM   995  C  CB  . LEU B 1 43 ? 5.112   -21.138 9.841   1.00 60.90  ? 43  LEU B CB  1 
ATOM   996  C  CG  . LEU B 1 43 ? 5.991   -19.919 9.545   1.00 57.58  ? 43  LEU B CG  1 
ATOM   997  C  CD1 . LEU B 1 43 ? 5.547   -18.771 10.453  1.00 54.03  ? 43  LEU B CD1 1 
ATOM   998  C  CD2 . LEU B 1 43 ? 7.471   -20.228 9.729   1.00 55.71  ? 43  LEU B CD2 1 
ATOM   999  N  N   . GLY B 1 44 ? 3.855   -24.336 9.504   1.00 72.62  ? 44  GLY B N   1 
ATOM   1000 C  CA  . GLY B 1 44 ? 3.002   -25.258 10.258  1.00 75.08  ? 44  GLY B CA  1 
ATOM   1001 C  C   . GLY B 1 44 ? 2.333   -24.647 11.490  1.00 77.79  ? 44  GLY B C   1 
ATOM   1002 O  O   . GLY B 1 44 ? 2.286   -25.286 12.542  1.00 77.80  ? 44  GLY B O   1 
ATOM   1003 N  N   . VAL B 1 45 ? 1.829   -23.417 11.379  1.00 73.73  ? 45  VAL B N   1 
ATOM   1004 C  CA  . VAL B 1 45 ? 1.055   -22.804 12.464  1.00 76.61  ? 45  VAL B CA  1 
ATOM   1005 C  C   . VAL B 1 45 ? -0.356  -22.436 12.000  1.00 81.34  ? 45  VAL B C   1 
ATOM   1006 O  O   . VAL B 1 45 ? -0.679  -22.519 10.810  1.00 77.43  ? 45  VAL B O   1 
ATOM   1007 C  CB  . VAL B 1 45 ? 1.742   -21.564 13.105  1.00 78.88  ? 45  VAL B CB  1 
ATOM   1008 C  CG1 . VAL B 1 45 ? 2.960   -21.979 13.920  1.00 75.86  ? 45  VAL B CG1 1 
ATOM   1009 C  CG2 . VAL B 1 45 ? 2.108   -20.525 12.052  1.00 86.44  ? 45  VAL B CG2 1 
ATOM   1010 N  N   . LYS B 1 46 ? -1.188  -22.069 12.974  1.00 86.83  ? 46  LYS B N   1 
ATOM   1011 C  CA  . LYS B 1 46 ? -2.560  -21.653 12.749  1.00 88.23  ? 46  LYS B CA  1 
ATOM   1012 C  C   . LYS B 1 46 ? -2.560  -20.147 12.654  1.00 83.77  ? 46  LYS B C   1 
ATOM   1013 O  O   . LYS B 1 46 ? -2.063  -19.481 13.555  1.00 84.23  ? 46  LYS B O   1 
ATOM   1014 C  CB  . LYS B 1 46 ? -3.449  -22.073 13.928  1.00 92.17  ? 46  LYS B CB  1 
ATOM   1015 C  CG  . LYS B 1 46 ? -3.398  -23.555 14.290  1.00 99.02  ? 46  LYS B CG  1 
ATOM   1016 C  CD  . LYS B 1 46 ? -4.265  -24.422 13.379  1.00 99.65  ? 46  LYS B CD  1 
ATOM   1017 C  CE  . LYS B 1 46 ? -5.729  -24.409 13.801  1.00 98.21  ? 46  LYS B CE  1 
ATOM   1018 N  NZ  . LYS B 1 46 ? -6.635  -24.626 12.644  1.00 97.83  ? 46  LYS B NZ  1 
ATOM   1019 N  N   . LYS B 1 47 ? -3.137  -19.610 11.589  1.00 89.09  ? 47  LYS B N   1 
ATOM   1020 C  CA  . LYS B 1 47 ? -3.061  -18.172 11.323  1.00 92.06  ? 47  LYS B CA  1 
ATOM   1021 C  C   . LYS B 1 47 ? -3.313  -17.309 12.564  1.00 90.77  ? 47  LYS B C   1 
ATOM   1022 O  O   . LYS B 1 47 ? -2.532  -16.394 12.849  1.00 88.46  ? 47  LYS B O   1 
ATOM   1023 C  CB  . LYS B 1 47 ? -4.000  -17.773 10.176  1.00 92.92  ? 47  LYS B CB  1 
ATOM   1024 C  CG  . LYS B 1 47 ? -3.835  -16.324 9.739   1.00 87.48  ? 47  LYS B CG  1 
ATOM   1025 C  CD  . LYS B 1 47 ? -4.191  -16.128 8.278   1.00 86.66  ? 47  LYS B CD  1 
ATOM   1026 C  CE  . LYS B 1 47 ? -5.633  -16.481 7.968   1.00 83.90  ? 47  LYS B CE  1 
ATOM   1027 N  NZ  . LYS B 1 47 ? -5.989  -16.037 6.588   1.00 83.82  ? 47  LYS B NZ  1 
ATOM   1028 N  N   . GLU B 1 48 ? -4.366  -17.618 13.322  1.00 92.63  ? 48  GLU B N   1 
ATOM   1029 C  CA  . GLU B 1 48 ? -4.672  -16.864 14.565  1.00 94.29  ? 48  GLU B CA  1 
ATOM   1030 C  C   . GLU B 1 48 ? -3.575  -16.976 15.630  1.00 88.70  ? 48  GLU B C   1 
ATOM   1031 O  O   . GLU B 1 48 ? -3.619  -16.311 16.664  1.00 87.02  ? 48  GLU B O   1 
ATOM   1032 C  CB  . GLU B 1 48 ? -6.045  -17.250 15.164  1.00 94.17  ? 48  GLU B CB  1 
ATOM   1033 C  CG  . GLU B 1 48 ? -6.211  -18.701 15.604  1.00 92.03  ? 48  GLU B CG  1 
ATOM   1034 C  CD  . GLU B 1 48 ? -6.437  -19.664 14.448  1.00 94.09  ? 48  GLU B CD  1 
ATOM   1035 O  OE1 . GLU B 1 48 ? -6.412  -19.227 13.277  1.00 89.02  ? 48  GLU B OE1 1 
ATOM   1036 O  OE2 . GLU B 1 48 ? -6.637  -20.870 14.700  1.00 97.67  ? 48  GLU B OE2 1 
ATOM   1037 N  N   . GLU B 1 49 ? -2.587  -17.820 15.369  1.00 93.98  ? 49  GLU B N   1 
ATOM   1038 C  CA  . GLU B 1 49 ? -1.462  -17.996 16.269  1.00 96.09  ? 49  GLU B CA  1 
ATOM   1039 C  C   . GLU B 1 49 ? -0.258  -17.155 15.832  1.00 89.93  ? 49  GLU B C   1 
ATOM   1040 O  O   . GLU B 1 49 ? 0.772   -17.169 16.480  1.00 85.02  ? 49  GLU B O   1 
ATOM   1041 C  CB  . GLU B 1 49 ? -1.091  -19.475 16.323  1.00 102.64 ? 49  GLU B CB  1 
ATOM   1042 C  CG  . GLU B 1 49 ? -0.895  -20.026 17.722  1.00 103.00 ? 49  GLU B CG  1 
ATOM   1043 C  CD  . GLU B 1 49 ? -0.621  -21.512 17.682  1.00 103.57 ? 49  GLU B CD  1 
ATOM   1044 O  OE1 . GLU B 1 49 ? 0.349   -21.917 17.004  1.00 103.00 ? 49  GLU B OE1 1 
ATOM   1045 O  OE2 . GLU B 1 49 ? -1.382  -22.268 18.312  1.00 106.20 ? 49  GLU B OE2 1 
ATOM   1046 N  N   . LEU B 1 50 ? -0.386  -16.427 14.730  1.00 87.21  ? 50  LEU B N   1 
ATOM   1047 C  CA  . LEU B 1 50 ? 0.633   -15.456 14.352  1.00 86.77  ? 50  LEU B CA  1 
ATOM   1048 C  C   . LEU B 1 50 ? 0.459   -14.174 15.169  1.00 85.94  ? 50  LEU B C   1 
ATOM   1049 O  O   . LEU B 1 50 ? 1.437   -13.495 15.488  1.00 84.51  ? 50  LEU B O   1 
ATOM   1050 C  CB  . LEU B 1 50 ? 0.569   -15.178 12.849  1.00 84.75  ? 50  LEU B CB  1 
ATOM   1051 C  CG  . LEU B 1 50 ? 0.871   -16.440 12.034  1.00 83.34  ? 50  LEU B CG  1 
ATOM   1052 C  CD1 . LEU B 1 50 ? 0.318   -16.355 10.621  1.00 84.07  ? 50  LEU B CD1 1 
ATOM   1053 C  CD2 . LEU B 1 50 ? 2.367   -16.708 12.006  1.00 82.58  ? 50  LEU B CD2 1 
ATOM   1054 N  N   . GLY B 1 51 ? -0.790  -13.858 15.505  1.00 86.05  ? 51  GLY B N   1 
ATOM   1055 C  CA  . GLY B 1 51 ? -1.101  -12.776 16.425  1.00 83.23  ? 51  GLY B CA  1 
ATOM   1056 C  C   . GLY B 1 51 ? -0.556  -11.431 15.997  1.00 87.51  ? 51  GLY B C   1 
ATOM   1057 O  O   . GLY B 1 51 ? -0.740  -11.007 14.855  1.00 95.92  ? 51  GLY B O   1 
ATOM   1058 N  N   . ASP B 1 52 ? 0.152   -10.781 16.918  1.00 95.73  ? 52  ASP B N   1 
ATOM   1059 C  CA  . ASP B 1 52 ? 0.664   -9.409  16.738  1.00 94.31  ? 52  ASP B CA  1 
ATOM   1060 C  C   . ASP B 1 52 ? 1.671   -9.302  15.608  1.00 84.08  ? 52  ASP B C   1 
ATOM   1061 O  O   . ASP B 1 52 ? 1.919   -8.204  15.087  1.00 82.29  ? 52  ASP B O   1 
ATOM   1062 C  CB  . ASP B 1 52 ? 1.297   -8.905  18.042  1.00 104.96 ? 52  ASP B CB  1 
ATOM   1063 C  CG  . ASP B 1 52 ? 0.294   -8.847  19.196  1.00 116.17 ? 52  ASP B CG  1 
ATOM   1064 O  OD1 . ASP B 1 52 ? -0.770  -8.209  19.030  1.00 122.08 ? 52  ASP B OD1 1 
ATOM   1065 O  OD2 . ASP B 1 52 ? 0.563   -9.446  20.266  1.00 119.48 ? 52  ASP B OD2 1 
ATOM   1066 N  N   . ARG B 1 53 ? 2.248   -10.440 15.224  1.00 72.45  ? 53  ARG B N   1 
ATOM   1067 C  CA  A ARG B 1 53 ? 3.141   -10.485 14.083  0.50 70.53  ? 53  ARG B CA  1 
ATOM   1068 C  CA  B ARG B 1 53 ? 3.150   -10.482 14.082  0.50 72.45  ? 53  ARG B CA  1 
ATOM   1069 C  C   . ARG B 1 53 ? 2.385   -10.176 12.775  1.00 67.84  ? 53  ARG B C   1 
ATOM   1070 O  O   . ARG B 1 53 ? 2.988   -9.768  11.785  1.00 60.63  ? 53  ARG B O   1 
ATOM   1071 C  CB  A ARG B 1 53 ? 3.883   -11.829 14.028  0.50 67.12  ? 53  ARG B CB  1 
ATOM   1072 C  CB  B ARG B 1 53 ? 3.897   -11.831 14.024  0.50 71.51  ? 53  ARG B CB  1 
ATOM   1073 C  CG  A ARG B 1 53 ? 4.824   -12.039 15.213  0.50 64.60  ? 53  ARG B CG  1 
ATOM   1074 C  CG  B ARG B 1 53 ? 5.026   -11.914 12.990  0.50 72.47  ? 53  ARG B CG  1 
ATOM   1075 C  CD  A ARG B 1 53 ? 6.092   -12.795 14.831  0.50 63.51  ? 53  ARG B CD  1 
ATOM   1076 C  CD  B ARG B 1 53 ? 6.325   -11.188 13.366  0.50 69.85  ? 53  ARG B CD  1 
ATOM   1077 N  NE  A ARG B 1 53 ? 6.680   -12.306 13.575  0.50 65.28  ? 53  ARG B NE  1 
ATOM   1078 N  NE  B ARG B 1 53 ? 7.084   -10.777 12.177  0.50 65.65  ? 53  ARG B NE  1 
ATOM   1079 C  CZ  A ARG B 1 53 ? 7.627   -11.368 13.460  0.50 62.76  ? 53  ARG B CZ  1 
ATOM   1080 C  CZ  B ARG B 1 53 ? 6.574   -9.966  11.254  0.50 62.68  ? 53  ARG B CZ  1 
ATOM   1081 N  NH1 A ARG B 1 53 ? 8.160   -10.778 14.521  0.50 61.18  ? 53  ARG B NH1 1 
ATOM   1082 N  NH1 B ARG B 1 53 ? 5.343   -9.548  11.421  0.50 55.22  ? 53  ARG B NH1 1 
ATOM   1083 N  NH2 A ARG B 1 53 ? 8.054   -11.020 12.259  0.50 61.99  ? 53  ARG B NH2 1 
ATOM   1084 N  NH2 B ARG B 1 53 ? 7.257   -9.585  10.170  0.50 62.90  ? 53  ARG B NH2 1 
ATOM   1085 N  N   . ILE B 1 54 ? 1.060   -10.339 12.772  1.00 64.67  ? 54  ILE B N   1 
ATOM   1086 C  CA  . ILE B 1 54 ? 0.272   -9.998  11.587  1.00 59.50  ? 54  ILE B CA  1 
ATOM   1087 C  C   . ILE B 1 54 ? 0.306   -8.480  11.284  1.00 61.71  ? 54  ILE B C   1 
ATOM   1088 O  O   . ILE B 1 54 ? 0.632   -8.068  10.161  1.00 57.57  ? 54  ILE B O   1 
ATOM   1089 C  CB  . ILE B 1 54 ? -1.158  -10.511 11.699  1.00 57.78  ? 54  ILE B CB  1 
ATOM   1090 C  CG1 . ILE B 1 54 ? -1.177  -12.018 11.482  1.00 60.09  ? 54  ILE B CG1 1 
ATOM   1091 C  CG2 . ILE B 1 54 ? -2.067  -9.871  10.662  1.00 60.36  ? 54  ILE B CG2 1 
ATOM   1092 C  CD1 . ILE B 1 54 ? -2.550  -12.640 11.710  1.00 59.36  ? 54  ILE B CD1 1 
ATOM   1093 N  N   . ALA B 1 55 ? 0.004   -7.663  12.287  1.00 55.61  ? 55  ALA B N   1 
ATOM   1094 C  CA  . ALA B 1 55 ? 0.127   -6.202  12.189  1.00 52.50  ? 55  ALA B CA  1 
ATOM   1095 C  C   . ALA B 1 55 ? 1.547   -5.673  11.885  1.00 51.75  ? 55  ALA B C   1 
ATOM   1096 O  O   . ALA B 1 55 ? 1.710   -4.678  11.165  1.00 47.25  ? 55  ALA B O   1 
ATOM   1097 C  CB  . ALA B 1 55 ? -0.388  -5.560  13.465  1.00 52.21  ? 55  ALA B CB  1 
ATOM   1098 N  N   . GLN B 1 56 ? 2.568   -6.332  12.416  1.00 51.96  ? 56  GLN B N   1 
ATOM   1099 C  CA  . GLN B 1 56 ? 3.966   -5.946  12.150  1.00 55.82  ? 56  GLN B CA  1 
ATOM   1100 C  C   . GLN B 1 56 ? 4.325   -6.196  10.682  1.00 53.93  ? 56  GLN B C   1 
ATOM   1101 O  O   . GLN B 1 56 ? 5.115   -5.454  10.074  1.00 49.72  ? 56  GLN B O   1 
ATOM   1102 C  CB  . GLN B 1 56 ? 4.929   -6.720  13.087  1.00 64.66  ? 56  GLN B CB  1 
ATOM   1103 C  CG  . GLN B 1 56 ? 6.438   -6.530  12.855  1.00 68.64  ? 56  GLN B CG  1 
ATOM   1104 C  CD  . GLN B 1 56 ? 6.924   -5.119  13.183  1.00 73.25  ? 56  GLN B CD  1 
ATOM   1105 O  OE1 . GLN B 1 56 ? 6.471   -4.495  14.141  1.00 70.24  ? 56  GLN B OE1 1 
ATOM   1106 N  NE2 . GLN B 1 56 ? 7.853   -4.618  12.390  1.00 75.01  ? 56  GLN B NE2 1 
ATOM   1107 N  N   . PHE B 1 57 ? 3.727   -7.255  10.147  1.00 47.85  ? 57  PHE B N   1 
ATOM   1108 C  CA  . PHE B 1 57 ? 3.927   -7.708  8.788   1.00 45.25  ? 57  PHE B CA  1 
ATOM   1109 C  C   . PHE B 1 57 ? 3.318   -6.724  7.758   1.00 39.50  ? 57  PHE B C   1 
ATOM   1110 O  O   . PHE B 1 57 ? 3.983   -6.379  6.775   1.00 38.93  ? 57  PHE B O   1 
ATOM   1111 C  CB  . PHE B 1 57 ? 3.325   -9.124  8.662   1.00 42.37  ? 57  PHE B CB  1 
ATOM   1112 C  CG  . PHE B 1 57 ? 3.331   -9.694  7.270   1.00 42.04  ? 57  PHE B CG  1 
ATOM   1113 C  CD1 . PHE B 1 57 ? 4.372   -9.473  6.399   1.00 42.26  ? 57  PHE B CD1 1 
ATOM   1114 C  CD2 . PHE B 1 57 ? 2.290   -10.518 6.861   1.00 41.63  ? 57  PHE B CD2 1 
ATOM   1115 C  CE1 . PHE B 1 57 ? 4.352   -10.020 5.114   1.00 41.07  ? 57  PHE B CE1 1 
ATOM   1116 C  CE2 . PHE B 1 57 ? 2.273   -11.074 5.581   1.00 45.52  ? 57  PHE B CE2 1 
ATOM   1117 C  CZ  . PHE B 1 57 ? 3.312   -10.822 4.711   1.00 40.01  ? 57  PHE B CZ  1 
ATOM   1118 N  N   . TYR B 1 58 ? 2.067   -6.334  7.954   0.50 31.98  ? 58  TYR B N   1 
ATOM   1119 C  CA  . TYR B 1 58 ? 1.417   -5.388  7.080   0.50 30.58  ? 58  TYR B CA  1 
ATOM   1120 C  C   . TYR B 1 58 ? 2.197   -4.096  7.143   0.50 29.73  ? 58  TYR B C   1 
ATOM   1121 O  O   . TYR B 1 58 ? 2.532   -3.471  6.164   0.50 23.83  ? 58  TYR B O   1 
ATOM   1122 C  CB  . TYR B 1 58 ? -0.013  -5.195  7.578   0.50 34.54  ? 58  TYR B CB  1 
ATOM   1123 C  CG  . TYR B 1 58 ? -0.656  -3.942  7.112   0.50 31.69  ? 58  TYR B CG  1 
ATOM   1124 C  CD1 . TYR B 1 58 ? -1.250  -3.875  5.885   0.50 32.38  ? 58  TYR B CD1 1 
ATOM   1125 C  CD2 . TYR B 1 58 ? -0.669  -2.826  7.911   0.50 32.72  ? 58  TYR B CD2 1 
ATOM   1126 C  CE1 . TYR B 1 58 ? -1.831  -2.701  5.438   0.50 32.25  ? 58  TYR B CE1 1 
ATOM   1127 C  CE2 . TYR B 1 58 ? -1.263  -1.669  7.489   0.50 33.83  ? 58  TYR B CE2 1 
ATOM   1128 C  CZ  . TYR B 1 58 ? -1.842  -1.622  6.252   0.50 33.14  ? 58  TYR B CZ  1 
ATOM   1129 O  OH  . TYR B 1 58 ? -2.416  -0.443  5.854   0.50 38.84  ? 58  TYR B OH  1 
ATOM   1130 N  N   . THR B 1 59 ? 2.601   -3.754  8.345   1.00 33.65  ? 59  THR B N   1 
ATOM   1131 C  CA  . THR B 1 59 ? 3.403   -2.568  8.573   1.00 36.37  ? 59  THR B CA  1 
ATOM   1132 C  C   . THR B 1 59 ? 4.693   -2.628  7.884   1.00 37.73  ? 59  THR B C   1 
ATOM   1133 O  O   . THR B 1 59 ? 5.104   -1.625  7.296   1.00 38.52  ? 59  THR B O   1 
ATOM   1134 C  CB  . THR B 1 59 ? 3.720   -2.341  10.035  1.00 39.72  ? 59  THR B CB  1 
ATOM   1135 O  OG1 . THR B 1 59 ? 2.556   -1.794  10.655  1.00 46.74  ? 59  THR B OG1 1 
ATOM   1136 C  CG2 . THR B 1 59 ? 4.822   -1.367  10.182  1.00 41.18  ? 59  THR B CG2 1 
ATOM   1137 N  N   . ASP B 1 60 ? 5.364   -3.769  7.996   1.00 39.18  ? 60  ASP B N   1 
ATOM   1138 C  CA  . ASP B 1 60 ? 6.649   -3.973  7.329   1.00 37.06  ? 60  ASP B CA  1 
ATOM   1139 C  C   . ASP B 1 60 ? 6.517   -3.871  5.807   1.00 37.16  ? 60  ASP B C   1 
ATOM   1140 O  O   . ASP B 1 60 ? 7.441   -3.446  5.198   1.00 32.77  ? 60  ASP B O   1 
ATOM   1141 C  CB  . ASP B 1 60 ? 7.280   -5.346  7.598   1.00 41.97  ? 60  ASP B CB  1 
ATOM   1142 C  CG  . ASP B 1 60 ? 7.846   -5.514  9.018   1.00 48.27  ? 60  ASP B CG  1 
ATOM   1143 O  OD1 . ASP B 1 60 ? 7.753   -4.588  9.860   1.00 49.73  ? 60  ASP B OD1 1 
ATOM   1144 O  OD2 . ASP B 1 60 ? 8.372   -6.621  9.277   1.00 55.86  ? 60  ASP B OD2 1 
ATOM   1145 N  N   . LEU B 1 61 ? 5.407   -4.344  5.219   1.00 33.27  ? 61  LEU B N   1 
ATOM   1146 C  CA  . LEU B 1 61 ? 5.255   -4.334  3.782   1.00 30.87  ? 61  LEU B CA  1 
ATOM   1147 C  C   . LEU B 1 61 ? 5.129   -2.879  3.389   1.00 32.55  ? 61  LEU B C   1 
ATOM   1148 O  O   . LEU B 1 61 ? 5.571   -2.490  2.339   1.00 31.46  ? 61  LEU B O   1 
ATOM   1149 C  CB  . LEU B 1 61 ? 4.002   -5.081  3.342   1.00 29.77  ? 61  LEU B CB  1 
ATOM   1150 C  CG  . LEU B 1 61 ? 3.957   -6.589  3.392   1.00 29.19  ? 61  LEU B CG  1 
ATOM   1151 C  CD1 . LEU B 1 61 ? 2.556   -7.095  3.305   1.00 27.42  ? 61  LEU B CD1 1 
ATOM   1152 C  CD2 . LEU B 1 61 ? 4.746   -7.270  2.288   1.00 35.16  ? 61  LEU B CD2 1 
ATOM   1153 N  N   . ASN B 1 62 ? 4.494   -2.082  4.235   1.00 33.62  ? 62  ASN B N   1 
ATOM   1154 C  CA  . ASN B 1 62 ? 4.318   -0.682  3.947   1.00 37.68  ? 62  ASN B CA  1 
ATOM   1155 C  C   . ASN B 1 62 ? 5.579   0.140   3.999   1.00 38.59  ? 62  ASN B C   1 
ATOM   1156 O  O   . ASN B 1 62 ? 5.815   0.876   3.035   1.00 35.51  ? 62  ASN B O   1 
ATOM   1157 C  CB  . ASN B 1 62 ? 3.262   -0.067  4.835   1.00 36.09  ? 62  ASN B CB  1 
ATOM   1158 C  CG  . ASN B 1 62 ? 1.890   -0.261  4.270   1.00 36.90  ? 62  ASN B CG  1 
ATOM   1159 O  OD1 . ASN B 1 62 ? 1.142   -1.111  4.744   1.00 45.44  ? 62  ASN B OD1 1 
ATOM   1160 N  ND2 . ASN B 1 62 ? 1.595   0.441   3.191   1.00 30.87  ? 62  ASN B ND2 1 
ATOM   1161 N  N   . ILE B 1 63 ? 6.394   -0.003  5.044   0.50 28.45  ? 63  ILE B N   1 
ATOM   1162 C  CA  . ILE B 1 63 ? 7.549   0.845   5.175   0.50 29.20  ? 63  ILE B CA  1 
ATOM   1163 C  C   . ILE B 1 63 ? 8.768   0.426   4.370   0.50 27.02  ? 63  ILE B C   1 
ATOM   1164 O  O   . ILE B 1 63 ? 9.635   1.234   4.101   0.50 27.02  ? 63  ILE B O   1 
ATOM   1165 C  CB  . ILE B 1 63 ? 7.963   0.994   6.634   0.50 31.95  ? 63  ILE B CB  1 
ATOM   1166 C  CG1 . ILE B 1 63 ? 8.530   -0.293  7.134   0.50 31.73  ? 63  ILE B CG1 1 
ATOM   1167 C  CG2 . ILE B 1 63 ? 6.761   1.332   7.496   0.50 33.54  ? 63  ILE B CG2 1 
ATOM   1168 C  CD1 . ILE B 1 63 ? 9.093   -0.147  8.520   0.50 34.43  ? 63  ILE B CD1 1 
ATOM   1169 N  N   . ASP B 1 64 ? 8.831   -0.836  3.997   1.00 32.42  ? 64  ASP B N   1 
ATOM   1170 C  CA  . ASP B 1 64 ? 9.948   -1.414  3.284   1.00 32.50  ? 64  ASP B CA  1 
ATOM   1171 C  C   . ASP B 1 64 ? 9.783   -1.193  1.777   1.00 31.17  ? 64  ASP B C   1 
ATOM   1172 O  O   . ASP B 1 64 ? 8.752   -1.576  1.212   1.00 29.56  ? 64  ASP B O   1 
ATOM   1173 C  CB  . ASP B 1 64 ? 10.094  -2.914  3.539   1.00 33.00  ? 64  ASP B CB  1 
ATOM   1174 C  CG  . ASP B 1 64 ? 11.392  -3.530  2.894   1.00 38.62  ? 64  ASP B CG  1 
ATOM   1175 O  OD1 . ASP B 1 64 ? 11.636  -3.483  1.642   1.00 42.12  ? 64  ASP B OD1 1 
ATOM   1176 O  OD2 . ASP B 1 64 ? 12.183  -4.095  3.654   1.00 40.76  ? 64  ASP B OD2 1 
ATOM   1177 N  N   . GLY B 1 65 ? 10.815  -0.652  1.145   1.00 35.94  ? 65  GLY B N   1 
ATOM   1178 C  CA  . GLY B 1 65 ? 10.745  -0.210  -0.294  1.00 36.11  ? 65  GLY B CA  1 
ATOM   1179 C  C   . GLY B 1 65 ? 10.741  -1.281  -1.342  1.00 35.27  ? 65  GLY B C   1 
ATOM   1180 O  O   . GLY B 1 65 ? 10.578  -0.981  -2.568  1.00 46.20  ? 65  GLY B O   1 
ATOM   1181 N  N   . ARG B 1 66 ? 10.966  -2.520  -0.930  1.00 36.28  ? 66  ARG B N   1 
ATOM   1182 C  CA  . ARG B 1 66 ? 10.857  -3.662  -1.852  1.00 37.60  ? 66  ARG B CA  1 
ATOM   1183 C  C   . ARG B 1 66 ? 9.414   -3.862  -2.331  1.00 37.82  ? 66  ARG B C   1 
ATOM   1184 O  O   . ARG B 1 66 ? 9.167   -4.458  -3.405  1.00 35.36  ? 66  ARG B O   1 
ATOM   1185 C  CB  . ARG B 1 66 ? 11.302  -4.989  -1.158  1.00 41.24  ? 66  ARG B CB  1 
ATOM   1186 C  CG  . ARG B 1 66 ? 12.779  -5.418  -1.248  1.00 37.33  ? 66  ARG B CG  1 
ATOM   1187 C  CD  . ARG B 1 66 ? 13.029  -6.659  -0.333  1.00 40.88  ? 66  ARG B CD  1 
ATOM   1188 N  NE  . ARG B 1 66 ? 12.869  -6.354  1.087   1.00 36.39  ? 66  ARG B NE  1 
ATOM   1189 C  CZ  . ARG B 1 66 ? 12.808  -7.244  2.094   1.00 41.53  ? 66  ARG B CZ  1 
ATOM   1190 N  NH1 . ARG B 1 66 ? 12.942  -8.555  1.911   1.00 44.39  ? 66  ARG B NH1 1 
ATOM   1191 N  NH2 . ARG B 1 66 ? 12.653  -6.798  3.337   1.00 36.88  ? 66  ARG B NH2 1 
ATOM   1192 N  N   . PHE B 1 67 ? 8.440   -3.396  -1.541  1.00 33.12  ? 67  PHE B N   1 
ATOM   1193 C  CA  . PHE B 1 67 ? 7.039   -3.787  -1.778  1.00 32.25  ? 67  PHE B CA  1 
ATOM   1194 C  C   . PHE B 1 67 ? 6.192   -2.619  -2.206  1.00 28.65  ? 67  PHE B C   1 
ATOM   1195 O  O   . PHE B 1 67 ? 6.291   -1.507  -1.629  1.00 29.87  ? 67  PHE B O   1 
ATOM   1196 C  CB  . PHE B 1 67 ? 6.409   -4.430  -0.523  1.00 36.84  ? 67  PHE B CB  1 
ATOM   1197 C  CG  . PHE B 1 67 ? 7.268   -5.471  0.103   1.00 36.58  ? 67  PHE B CG  1 
ATOM   1198 C  CD1 . PHE B 1 67 ? 7.369   -6.766  -0.468  1.00 38.53  ? 67  PHE B CD1 1 
ATOM   1199 C  CD2 . PHE B 1 67 ? 8.032   -5.165  1.227   1.00 39.48  ? 67  PHE B CD2 1 
ATOM   1200 C  CE1 . PHE B 1 67 ? 8.193   -7.720  0.094   1.00 39.76  ? 67  PHE B CE1 1 
ATOM   1201 C  CE2 . PHE B 1 67 ? 8.877   -6.125  1.787   1.00 40.79  ? 67  PHE B CE2 1 
ATOM   1202 C  CZ  . PHE B 1 67 ? 8.944   -7.407  1.232   1.00 41.38  ? 67  PHE B CZ  1 
ATOM   1203 N  N   . LEU B 1 68 ? 5.383   -2.889  -3.238  1.00 29.41  ? 68  LEU B N   1 
ATOM   1204 C  CA  . LEU B 1 68 ? 4.275   -2.042  -3.686  1.00 30.40  ? 68  LEU B CA  1 
ATOM   1205 C  C   . LEU B 1 68 ? 2.931   -2.535  -3.311  1.00 26.89  ? 68  LEU B C   1 
ATOM   1206 O  O   . LEU B 1 68 ? 2.625   -3.721  -3.438  1.00 32.38  ? 68  LEU B O   1 
ATOM   1207 C  CB  . LEU B 1 68 ? 4.225   -1.983  -5.253  1.00 36.57  ? 68  LEU B CB  1 
ATOM   1208 C  CG  . LEU B 1 68 ? 5.485   -1.517  -5.913  1.00 37.90  ? 68  LEU B CG  1 
ATOM   1209 C  CD1 . LEU B 1 68 ? 5.260   -1.329  -7.417  1.00 41.60  ? 68  LEU B CD1 1 
ATOM   1210 C  CD2 . LEU B 1 68 ? 5.886   -0.220  -5.231  1.00 43.51  ? 68  LEU B CD2 1 
ATOM   1211 N  N   . ALA B 1 69 ? 2.052   -1.606  -2.992  1.00 25.98  ? 69  ALA B N   1 
ATOM   1212 C  CA  . ALA B 1 69 ? 0.663   -1.966  -2.792  1.00 25.87  ? 69  ALA B CA  1 
ATOM   1213 C  C   . ALA B 1 69 ? 0.078   -1.656  -4.110  1.00 28.89  ? 69  ALA B C   1 
ATOM   1214 O  O   . ALA B 1 69 ? 0.122   -0.502  -4.468  1.00 28.63  ? 69  ALA B O   1 
ATOM   1215 C  CB  . ALA B 1 69 ? 0.021   -1.072  -1.800  1.00 25.41  ? 69  ALA B CB  1 
ATOM   1216 N  N   . LEU B 1 70 ? -0.586  -2.639  -4.731  1.00 32.58  ? 70  LEU B N   1 
ATOM   1217 C  CA  . LEU B 1 70 ? -1.089  -2.486  -6.081  1.00 37.70  ? 70  LEU B CA  1 
ATOM   1218 C  C   . LEU B 1 70 ? -2.566  -2.185  -5.997  1.00 36.58  ? 70  LEU B C   1 
ATOM   1219 O  O   . LEU B 1 70 ? -3.298  -2.651  -5.096  1.00 26.37  ? 70  LEU B O   1 
ATOM   1220 C  CB  . LEU B 1 70 ? -0.774  -3.747  -6.914  1.00 39.53  ? 70  LEU B CB  1 
ATOM   1221 C  CG  . LEU B 1 70 ? 0.745   -4.047  -7.005  1.00 41.46  ? 70  LEU B CG  1 
ATOM   1222 C  CD1 . LEU B 1 70 ? 0.998   -5.510  -7.295  1.00 43.69  ? 70  LEU B CD1 1 
ATOM   1223 C  CD2 . LEU B 1 70 ? 1.464   -3.175  -8.052  1.00 42.55  ? 70  LEU B CD2 1 
ATOM   1224 N  N   . SER B 1 71 ? -3.037  -1.392  -6.938  1.00 29.08  ? 71  SER B N   1 
ATOM   1225 C  CA  . SER B 1 71 ? -4.425  -0.994  -6.876  1.00 35.51  ? 71  SER B CA  1 
ATOM   1226 C  C   . SER B 1 71 ? -5.285  -1.918  -7.720  1.00 34.88  ? 71  SER B C   1 
ATOM   1227 O  O   . SER B 1 71 ? -6.274  -1.481  -8.257  1.00 49.01  ? 71  SER B O   1 
ATOM   1228 C  CB  . SER B 1 71 ? -4.617  0.454   -7.299  1.00 36.95  ? 71  SER B CB  1 
ATOM   1229 O  OG  . SER B 1 71 ? -4.034  0.650   -8.585  1.00 44.83  ? 71  SER B OG  1 
ATOM   1230 N  N   . ASP B 1 72 ? -4.905  -3.183  -7.853  1.00 35.16  ? 72  ASP B N   1 
ATOM   1231 C  CA  . ASP B 1 72 ? -5.787  -4.177  -8.449  1.00 39.16  ? 72  ASP B CA  1 
ATOM   1232 C  C   . ASP B 1 72 ? -6.787  -4.840  -7.462  1.00 39.84  ? 72  ASP B C   1 
ATOM   1233 O  O   . ASP B 1 72 ? -6.397  -5.283  -6.368  1.00 59.84  ? 72  ASP B O   1 
ATOM   1234 C  CB  . ASP B 1 72 ? -4.929  -5.250  -9.085  1.00 42.63  ? 72  ASP B CB  1 
ATOM   1235 C  CG  . ASP B 1 72 ? -5.742  -6.153  -9.973  1.00 43.54  ? 72  ASP B CG  1 
ATOM   1236 O  OD1 . ASP B 1 72 ? -6.707  -5.661  -10.615 1.00 51.13  ? 72  ASP B OD1 1 
ATOM   1237 O  OD2 . ASP B 1 72 ? -5.426  -7.340  -10.024 1.00 44.23  ? 72  ASP B OD2 1 
ATOM   1238 N  N   . GLN B 1 73 ? -8.066  -4.931  -7.838  1.00 39.83  ? 73  GLN B N   1 
ATOM   1239 C  CA  . GLN B 1 73 ? -9.120  -5.419  -6.917  1.00 37.67  ? 73  GLN B CA  1 
ATOM   1240 C  C   . GLN B 1 73 ? -9.153  -6.930  -6.706  1.00 33.45  ? 73  GLN B C   1 
ATOM   1241 O  O   . GLN B 1 73 ? -9.255  -7.692  -7.636  1.00 39.84  ? 73  GLN B O   1 
ATOM   1242 C  CB  . GLN B 1 73 ? -10.520 -4.959  -7.428  1.00 37.39  ? 73  GLN B CB  1 
ATOM   1243 C  CG  . GLN B 1 73 ? -11.695 -5.395  -6.541  1.00 35.49  ? 73  GLN B CG  1 
ATOM   1244 C  CD  . GLN B 1 73 ? -11.769 -4.635  -5.250  1.00 34.28  ? 73  GLN B CD  1 
ATOM   1245 O  OE1 . GLN B 1 73 ? -11.772 -5.181  -4.059  1.00 31.23  ? 73  GLN B OE1 1 
ATOM   1246 N  NE2 . GLN B 1 73 ? -11.804 -3.362  -5.427  1.00 26.36  ? 73  GLN B NE2 1 
ATOM   1247 N  N   . THR B 1 74 ? -9.159  -7.358  -5.450  1.00 39.94  ? 74  THR B N   1 
ATOM   1248 C  CA  . THR B 1 74 ? -9.434  -8.739  -5.119  1.00 33.11  ? 74  THR B CA  1 
ATOM   1249 C  C   . THR B 1 74 ? -10.974 -9.011  -5.194  1.00 31.72  ? 74  THR B C   1 
ATOM   1250 O  O   . THR B 1 74 ? -11.843 -8.227  -4.712  1.00 35.10  ? 74  THR B O   1 
ATOM   1251 C  CB  . THR B 1 74 ? -8.754  -9.065  -3.785  1.00 40.58  ? 74  THR B CB  1 
ATOM   1252 O  OG1 . THR B 1 74 ? -7.335  -8.794  -3.884  1.00 41.95  ? 74  THR B OG1 1 
ATOM   1253 C  CG2 . THR B 1 74 ? -8.973  -10.490 -3.375  1.00 41.75  ? 74  THR B CG2 1 
ATOM   1254 N  N   . TRP B 1 75 ? -11.313 -10.099 -5.867  1.00 31.11  ? 75  TRP B N   1 
ATOM   1255 C  CA  . TRP B 1 75 ? -12.667 -10.515 -6.052  1.00 32.61  ? 75  TRP B CA  1 
ATOM   1256 C  C   . TRP B 1 75 ? -12.860 -11.938 -5.551  1.00 38.95  ? 75  TRP B C   1 
ATOM   1257 O  O   . TRP B 1 75 ? -11.950 -12.759 -5.575  1.00 45.12  ? 75  TRP B O   1 
ATOM   1258 C  CB  . TRP B 1 75 ? -13.028 -10.521 -7.510  1.00 36.30  ? 75  TRP B CB  1 
ATOM   1259 C  CG  . TRP B 1 75 ? -13.211 -9.176  -8.122  1.00 34.50  ? 75  TRP B CG  1 
ATOM   1260 C  CD1 . TRP B 1 75 ? -12.285 -8.469  -8.834  1.00 36.50  ? 75  TRP B CD1 1 
ATOM   1261 C  CD2 . TRP B 1 75 ? -14.388 -8.364  -8.083  1.00 34.10  ? 75  TRP B CD2 1 
ATOM   1262 N  NE1 . TRP B 1 75 ? -12.832 -7.290  -9.276  1.00 30.88  ? 75  TRP B NE1 1 
ATOM   1263 C  CE2 . TRP B 1 75 ? -14.112 -7.190  -8.799  1.00 30.72  ? 75  TRP B CE2 1 
ATOM   1264 C  CE3 . TRP B 1 75 ? -15.633 -8.491  -7.471  1.00 34.39  ? 75  TRP B CE3 1 
ATOM   1265 C  CZ2 . TRP B 1 75 ? -15.054 -6.178  -8.960  1.00 28.56  ? 75  TRP B CZ2 1 
ATOM   1266 C  CZ3 . TRP B 1 75 ? -16.582 -7.467  -7.670  1.00 32.98  ? 75  TRP B CZ3 1 
ATOM   1267 C  CH2 . TRP B 1 75 ? -16.274 -6.338  -8.365  1.00 28.11  ? 75  TRP B CH2 1 
ATOM   1268 N  N   . GLY B 1 76 ? -14.081 -12.234 -5.155  1.00 34.90  ? 76  GLY B N   1 
ATOM   1269 C  CA  . GLY B 1 76 ? -14.441 -13.563 -4.734  1.00 37.37  ? 76  GLY B CA  1 
ATOM   1270 C  C   . GLY B 1 76 ? -15.925 -13.765 -4.993  1.00 37.66  ? 76  GLY B C   1 
ATOM   1271 O  O   . GLY B 1 76 ? -16.609 -12.873 -5.543  1.00 38.36  ? 76  GLY B O   1 
ATOM   1272 N  N   . LEU B 1 77 ? -16.419 -14.943 -4.620  1.00 37.18  ? 77  LEU B N   1 
ATOM   1273 C  CA  . LEU B 1 77 ? -17.828 -15.267 -4.794  1.00 38.58  ? 77  LEU B CA  1 
ATOM   1274 C  C   . LEU B 1 77 ? -18.535 -15.087 -3.482  1.00 38.80  ? 77  LEU B C   1 
ATOM   1275 O  O   . LEU B 1 77 ? -17.968 -15.352 -2.443  1.00 40.59  ? 77  LEU B O   1 
ATOM   1276 C  CB  . LEU B 1 77 ? -18.013 -16.708 -5.242  1.00 39.63  ? 77  LEU B CB  1 
ATOM   1277 C  CG  . LEU B 1 77 ? -17.322 -17.150 -6.495  1.00 39.56  ? 77  LEU B CG  1 
ATOM   1278 C  CD1 . LEU B 1 77 ? -17.649 -18.632 -6.724  1.00 44.63  ? 77  LEU B CD1 1 
ATOM   1279 C  CD2 . LEU B 1 77 ? -17.795 -16.305 -7.629  1.00 41.25  ? 77  LEU B CD2 1 
ATOM   1280 N  N   . ARG B 1 78 ? -19.793 -14.666 -3.560  1.00 44.02  ? 78  ARG B N   1 
ATOM   1281 C  CA  . ARG B 1 78 ? -20.600 -14.374 -2.382  1.00 46.50  ? 78  ARG B CA  1 
ATOM   1282 C  C   . ARG B 1 78 ? -20.807 -15.609 -1.557  1.00 45.50  ? 78  ARG B C   1 
ATOM   1283 O  O   . ARG B 1 78 ? -20.831 -15.544 -0.333  1.00 52.66  ? 78  ARG B O   1 
ATOM   1284 C  CB  . ARG B 1 78 ? -21.976 -13.846 -2.788  1.00 43.31  ? 78  ARG B CB  1 
ATOM   1285 C  CG  . ARG B 1 78 ? -22.706 -13.124 -1.673  1.00 48.28  ? 78  ARG B CG  1 
ATOM   1286 C  CD  . ARG B 1 78 ? -24.042 -12.504 -2.108  1.00 47.89  ? 78  ARG B CD  1 
ATOM   1287 N  NE  . ARG B 1 78 ? -24.917 -13.501 -2.726  1.00 55.13  ? 78  ARG B NE  1 
ATOM   1288 C  CZ  . ARG B 1 78 ? -25.934 -14.148 -2.139  1.00 56.92  ? 78  ARG B CZ  1 
ATOM   1289 N  NH1 . ARG B 1 78 ? -26.290 -13.923 -0.870  1.00 58.37  ? 78  ARG B NH1 1 
ATOM   1290 N  NH2 . ARG B 1 78 ? -26.610 -15.039 -2.850  1.00 60.31  ? 78  ARG B NH2 1 
ATOM   1291 N  N   . SER B 1 79 ? -20.985 -16.713 -2.269  1.00 48.98  ? 79  SER B N   1 
ATOM   1292 C  CA  . SER B 1 79 ? -21.272 -18.021 -1.719  1.00 53.10  ? 79  SER B CA  1 
ATOM   1293 C  C   . SER B 1 79 ? -20.195 -18.542 -0.793  1.00 53.54  ? 79  SER B C   1 
ATOM   1294 O  O   . SER B 1 79 ? -20.463 -19.463 -0.054  1.00 61.32  ? 79  SER B O   1 
ATOM   1295 C  CB  . SER B 1 79 ? -21.507 -19.034 -2.861  1.00 54.91  ? 79  SER B CB  1 
ATOM   1296 O  OG  . SER B 1 79 ? -20.303 -19.408 -3.515  1.00 48.60  ? 79  SER B OG  1 
ATOM   1297 N  N   . TRP B 1 80 ? -18.987 -17.974 -0.847  1.00 60.98  ? 80  TRP B N   1 
ATOM   1298 C  CA  . TRP B 1 80 ? -17.909 -18.302 0.109   1.00 61.96  ? 80  TRP B CA  1 
ATOM   1299 C  C   . TRP B 1 80 ? -17.989 -17.573 1.482   1.00 68.38  ? 80  TRP B C   1 
ATOM   1300 O  O   . TRP B 1 80 ? -17.044 -17.691 2.282   1.00 65.31  ? 80  TRP B O   1 
ATOM   1301 C  CB  . TRP B 1 80 ? -16.527 -17.982 -0.488  1.00 59.18  ? 80  TRP B CB  1 
ATOM   1302 C  CG  . TRP B 1 80 ? -16.174 -18.674 -1.765  1.00 56.80  ? 80  TRP B CG  1 
ATOM   1303 C  CD1 . TRP B 1 80 ? -16.755 -19.782 -2.277  1.00 57.84  ? 80  TRP B CD1 1 
ATOM   1304 C  CD2 . TRP B 1 80 ? -15.128 -18.304 -2.689  1.00 60.86  ? 80  TRP B CD2 1 
ATOM   1305 N  NE1 . TRP B 1 80 ? -16.173 -20.112 -3.485  1.00 60.71  ? 80  TRP B NE1 1 
ATOM   1306 C  CE2 . TRP B 1 80 ? -15.161 -19.227 -3.750  1.00 59.12  ? 80  TRP B CE2 1 
ATOM   1307 C  CE3 . TRP B 1 80 ? -14.176 -17.272 -2.726  1.00 63.12  ? 80  TRP B CE3 1 
ATOM   1308 C  CZ2 . TRP B 1 80 ? -14.279 -19.160 -4.833  1.00 60.47  ? 80  TRP B CZ2 1 
ATOM   1309 C  CZ3 . TRP B 1 80 ? -13.302 -17.203 -3.817  1.00 59.40  ? 80  TRP B CZ3 1 
ATOM   1310 C  CH2 . TRP B 1 80 ? -13.365 -18.138 -4.853  1.00 57.91  ? 80  TRP B CH2 1 
ATOM   1311 N  N   . TYR B 1 81 ? -19.068 -16.815 1.743   1.00 66.71  ? 81  TYR B N   1 
ATOM   1312 C  CA  . TYR B 1 81 ? -19.168 -15.930 2.927   1.00 70.43  ? 81  TYR B CA  1 
ATOM   1313 C  C   . TYR B 1 81 ? -20.606 -15.700 3.384   1.00 68.93  ? 81  TYR B C   1 
ATOM   1314 O  O   . TYR B 1 81 ? -21.336 -16.644 3.680   1.00 78.88  ? 81  TYR B O   1 
ATOM   1315 C  CB  . TYR B 1 81 ? -18.565 -14.557 2.620   1.00 73.45  ? 81  TYR B CB  1 
ATOM   1316 C  CG  . TYR B 1 81 ? -17.144 -14.592 2.123   1.00 70.36  ? 81  TYR B CG  1 
ATOM   1317 C  CD1 . TYR B 1 81 ? -16.079 -14.479 3.002   1.00 71.32  ? 81  TYR B CD1 1 
ATOM   1318 C  CD2 . TYR B 1 81 ? -16.868 -14.728 0.768   1.00 69.81  ? 81  TYR B CD2 1 
ATOM   1319 C  CE1 . TYR B 1 81 ? -14.771 -14.502 2.546   1.00 70.76  ? 81  TYR B CE1 1 
ATOM   1320 C  CE2 . TYR B 1 81 ? -15.569 -14.758 0.304   1.00 68.68  ? 81  TYR B CE2 1 
ATOM   1321 C  CZ  . TYR B 1 81 ? -14.526 -14.646 1.199   1.00 71.39  ? 81  TYR B CZ  1 
ATOM   1322 O  OH  . TYR B 1 81 ? -13.239 -14.678 0.739   1.00 74.34  ? 81  TYR B OH  1 
HETATM 1323 NI NI  . NI  C 2 .  ? 4.732   3.516   2.386   0.80 45.89  ? 101 NI  A NI  1 
HETATM 1324 NI NI  . NI  D 2 .  ? 6.442   -0.348  0.857   1.00 59.19  ? 101 NI  B NI  1 
HETATM 1325 O  O   . HOH E 3 .  ? -9.699  -2.641  -2.972  1.00 57.95  ? 201 HOH A O   1 
HETATM 1326 O  O   . HOH E 3 .  ? -10.189 0.188   -3.032  1.00 30.57  ? 202 HOH A O   1 
HETATM 1327 O  O   . HOH E 3 .  ? 8.811   10.609  0.650   1.00 48.25  ? 203 HOH A O   1 
HETATM 1328 O  O   . HOH E 3 .  ? 3.713   0.069   -0.137  1.00 38.59  ? 204 HOH A O   1 
HETATM 1329 O  O   . HOH E 3 .  ? 6.132   12.657  -5.016  1.00 52.85  ? 205 HOH A O   1 
HETATM 1330 O  O   . HOH E 3 .  ? -18.036 7.254   -17.640 1.00 62.48  ? 206 HOH A O   1 
HETATM 1331 O  O   . HOH E 3 .  ? -7.754  -0.266  6.342   1.00 51.10  ? 207 HOH A O   1 
HETATM 1332 O  O   . HOH E 3 .  ? 10.099  12.629  -3.281  1.00 52.29  ? 208 HOH A O   1 
HETATM 1333 O  O   . HOH E 3 .  ? -24.182 8.848   -16.092 1.00 60.48  ? 209 HOH A O   1 
HETATM 1334 O  O   . HOH E 3 .  ? -14.036 16.233  10.465  1.00 62.70  ? 210 HOH A O   1 
HETATM 1335 O  O   . HOH F 3 .  ? -1.425  -0.079  -8.697  1.00 51.96  ? 201 HOH B O   1 
HETATM 1336 O  O   . HOH F 3 .  ? -9.060  -5.371  -3.308  1.00 23.97  ? 202 HOH B O   1 
HETATM 1337 O  O   . HOH F 3 .  ? 7.678   -14.422 13.225  1.00 62.16  ? 203 HOH B O   1 
HETATM 1338 O  O   . HOH F 3 .  ? -1.971  1.030   -4.734  1.00 35.36  ? 204 HOH B O   1 
HETATM 1339 O  O   . HOH F 3 .  ? 13.880  -19.654 -0.630  1.00 66.47  ? 205 HOH B O   1 
HETATM 1340 O  O   . HOH F 3 .  ? -7.986  -15.717 4.376   1.00 69.19  ? 206 HOH B O   1 
HETATM 1341 O  O   . HOH F 3 .  ? 12.114  -28.203 6.288   1.00 63.18  ? 207 HOH B O   1 
HETATM 1342 O  O   . HOH F 3 .  ? 7.908   0.496   -2.734  1.00 52.61  ? 208 HOH B O   1 
HETATM 1343 O  O   . HOH F 3 .  ? -12.480 -2.851  -7.964  1.00 41.29  ? 209 HOH B O   1 
HETATM 1344 O  O   . HOH F 3 .  ? 15.870  -12.824 4.187   1.00 52.77  ? 210 HOH B O   1 
# 
loop_
_pdbx_poly_seq_scheme.asym_id 
_pdbx_poly_seq_scheme.entity_id 
_pdbx_poly_seq_scheme.seq_id 
_pdbx_poly_seq_scheme.mon_id 
_pdbx_poly_seq_scheme.ndb_seq_num 
_pdbx_poly_seq_scheme.pdb_seq_num 
_pdbx_poly_seq_scheme.auth_seq_num 
_pdbx_poly_seq_scheme.pdb_mon_id 
_pdbx_poly_seq_scheme.auth_mon_id 
_pdbx_poly_seq_scheme.pdb_strand_id 
_pdbx_poly_seq_scheme.pdb_ins_code 
_pdbx_poly_seq_scheme.hetero 
A 1 1  GLY 1  1  ?  ?   ?   A . n 
A 1 2  ILE 2  2  ?  ?   ?   A . n 
A 1 3  LYS 3  3  3  LYS LYS A . n 
A 1 4  GLN 4  4  4  GLN GLN A . n 
A 1 5  TYR 5  5  5  TYR TYR A . n 
A 1 6  SER 6  6  6  SER SER A . n 
A 1 7  GLN 7  7  7  GLN GLN A . n 
A 1 8  GLU 8  8  8  GLU GLU A . n 
A 1 9  GLU 9  9  9  GLU GLU A . n 
A 1 10 LEU 10 10 10 LEU LEU A . n 
A 1 11 LYS 11 11 11 LYS LYS A . n 
A 1 12 GLU 12 12 12 GLU GLU A . n 
A 1 13 MET 13 13 13 MET MET A . n 
A 1 14 ALA 14 14 14 ALA ALA A . n 
A 1 15 LEU 15 15 15 LEU LEU A . n 
A 1 16 VAL 16 16 16 VAL VAL A . n 
A 1 17 GLU 17 17 17 GLU GLU A . n 
A 1 18 ILE 18 18 18 ILE ILE A . n 
A 1 19 ALA 19 19 19 ALA ALA A . n 
A 1 20 HIS 20 20 20 HIS HIS A . n 
A 1 21 GLU 21 21 21 GLU GLU A . n 
A 1 22 LEU 22 22 22 LEU LEU A . n 
A 1 23 PHE 23 23 23 PHE PHE A . n 
A 1 24 GLU 24 24 24 GLU GLU A . n 
A 1 25 GLU 25 25 25 GLU GLU A . n 
A 1 26 HIS 26 26 26 HIS HIS A . n 
A 1 27 LYS 27 27 27 LYS LYS A . n 
A 1 28 LYS 28 28 28 LYS LYS A . n 
A 1 29 PRO 29 29 29 PRO PRO A . n 
A 1 30 VAL 30 30 30 VAL VAL A . n 
A 1 31 PRO 31 31 31 PRO PRO A . n 
A 1 32 PHE 32 32 32 PHE PHE A . n 
A 1 33 GLN 33 33 33 GLN GLN A . n 
A 1 34 GLU 34 34 34 GLU GLU A . n 
A 1 35 LEU 35 35 35 LEU LEU A . n 
A 1 36 LEU 36 36 36 LEU LEU A . n 
A 1 37 ASN 37 37 37 ASN ASN A . n 
A 1 38 GLU 38 38 38 GLU GLU A . n 
A 1 39 ILE 39 39 39 ILE ILE A . n 
A 1 40 ALA 40 40 40 ALA ALA A . n 
A 1 41 SER 41 41 41 SER SER A . n 
A 1 42 LEU 42 42 42 LEU LEU A . n 
A 1 43 LEU 43 43 43 LEU LEU A . n 
A 1 44 GLY 44 44 44 GLY GLY A . n 
A 1 45 VAL 45 45 45 VAL VAL A . n 
A 1 46 LYS 46 46 46 LYS LYS A . n 
A 1 47 LYS 47 47 47 LYS LYS A . n 
A 1 48 GLU 48 48 48 GLU GLU A . n 
A 1 49 GLU 49 49 49 GLU GLU A . n 
A 1 50 LEU 50 50 50 LEU LEU A . n 
A 1 51 GLY 51 51 51 GLY GLY A . n 
A 1 52 ASP 52 52 52 ASP ASP A . n 
A 1 53 ARG 53 53 53 ARG ARG A . n 
A 1 54 ILE 54 54 54 ILE ILE A . n 
A 1 55 ALA 55 55 55 ALA ALA A . n 
A 1 56 GLN 56 56 56 GLN GLN A . n 
A 1 57 PHE 57 57 57 PHE PHE A . n 
A 1 58 TYR 58 58 58 TYR TYR A . n 
A 1 59 THR 59 59 59 THR THR A . n 
A 1 60 ASP 60 60 60 ASP ASP A . n 
A 1 61 LEU 61 61 61 LEU LEU A . n 
A 1 62 ASN 62 62 62 ASN ASN A . n 
A 1 63 ILE 63 63 63 ILE ILE A . n 
A 1 64 ASP 64 64 64 ASP ASP A . n 
A 1 65 GLY 65 65 65 GLY GLY A . n 
A 1 66 ARG 66 66 66 ARG ARG A . n 
A 1 67 PHE 67 67 67 PHE PHE A . n 
A 1 68 LEU 68 68 68 LEU LEU A . n 
A 1 69 ALA 69 69 69 ALA ALA A . n 
A 1 70 LEU 70 70 70 LEU LEU A . n 
A 1 71 SER 71 71 71 SER SER A . n 
A 1 72 ASP 72 72 72 ASP ASP A . n 
A 1 73 GLN 73 73 73 GLN GLN A . n 
A 1 74 THR 74 74 74 THR THR A . n 
A 1 75 TRP 75 75 75 TRP TRP A . n 
A 1 76 GLY 76 76 76 GLY GLY A . n 
A 1 77 LEU 77 77 77 LEU LEU A . n 
A 1 78 ARG 78 78 78 ARG ARG A . n 
A 1 79 SER 79 79 79 SER SER A . n 
A 1 80 TRP 80 80 80 TRP TRP A . n 
A 1 81 TYR 81 81 81 TYR TYR A . n 
A 1 82 PRO 82 82 ?  ?   ?   A . n 
A 1 83 TYR 83 83 ?  ?   ?   A . n 
A 1 84 ASP 84 84 ?  ?   ?   A . n 
A 1 85 GLN 85 85 ?  ?   ?   A . n 
A 1 86 LEU 86 86 ?  ?   ?   A . n 
A 1 87 ASP 87 87 ?  ?   ?   A . n 
A 1 88 GLU 88 88 ?  ?   ?   A . n 
A 1 89 GLU 89 89 ?  ?   ?   A . n 
A 1 90 THR 90 90 ?  ?   ?   A . n 
A 1 91 GLN 91 91 ?  ?   ?   A . n 
A 1 92 LEU 92 92 ?  ?   ?   A . n 
A 1 93 GLU 93 93 ?  ?   ?   A . n 
A 1 94 HIS 94 94 ?  ?   ?   A . n 
A 1 95 HIS 95 95 ?  ?   ?   A . n 
A 1 96 HIS 96 96 ?  ?   ?   A . n 
A 1 97 HIS 97 97 ?  ?   ?   A . n 
A 1 98 HIS 98 98 ?  ?   ?   A . n 
A 1 99 HIS 99 99 ?  ?   ?   A . n 
B 1 1  GLY 1  1  ?  ?   ?   B . n 
B 1 2  ILE 2  2  ?  ?   ?   B . n 
B 1 3  LYS 3  3  3  LYS LYS B . n 
B 1 4  GLN 4  4  4  GLN GLN B . n 
B 1 5  TYR 5  5  5  TYR TYR B . n 
B 1 6  SER 6  6  6  SER SER B . n 
B 1 7  GLN 7  7  7  GLN GLN B . n 
B 1 8  GLU 8  8  8  GLU GLU B . n 
B 1 9  GLU 9  9  9  GLU GLU B . n 
B 1 10 LEU 10 10 10 LEU LEU B . n 
B 1 11 LYS 11 11 11 LYS LYS B . n 
B 1 12 GLU 12 12 12 GLU GLU B . n 
B 1 13 MET 13 13 13 MET MET B . n 
B 1 14 ALA 14 14 14 ALA ALA B . n 
B 1 15 LEU 15 15 15 LEU LEU B . n 
B 1 16 VAL 16 16 16 VAL VAL B . n 
B 1 17 GLU 17 17 17 GLU GLU B . n 
B 1 18 ILE 18 18 18 ILE ILE B . n 
B 1 19 ALA 19 19 19 ALA ALA B . n 
B 1 20 HIS 20 20 20 HIS HIS B . n 
B 1 21 GLU 21 21 21 GLU GLU B . n 
B 1 22 LEU 22 22 22 LEU LEU B . n 
B 1 23 PHE 23 23 23 PHE PHE B . n 
B 1 24 GLU 24 24 24 GLU GLU B . n 
B 1 25 GLU 25 25 25 GLU GLU B . n 
B 1 26 HIS 26 26 26 HIS HIS B . n 
B 1 27 LYS 27 27 27 LYS LYS B . n 
B 1 28 LYS 28 28 28 LYS LYS B . n 
B 1 29 PRO 29 29 29 PRO PRO B . n 
B 1 30 VAL 30 30 30 VAL VAL B . n 
B 1 31 PRO 31 31 31 PRO PRO B . n 
B 1 32 PHE 32 32 32 PHE PHE B . n 
B 1 33 GLN 33 33 33 GLN GLN B . n 
B 1 34 GLU 34 34 34 GLU GLU B . n 
B 1 35 LEU 35 35 35 LEU LEU B . n 
B 1 36 LEU 36 36 36 LEU LEU B . n 
B 1 37 ASN 37 37 37 ASN ASN B . n 
B 1 38 GLU 38 38 38 GLU GLU B . n 
B 1 39 ILE 39 39 39 ILE ILE B . n 
B 1 40 ALA 40 40 40 ALA ALA B . n 
B 1 41 SER 41 41 41 SER SER B . n 
B 1 42 LEU 42 42 42 LEU LEU B . n 
B 1 43 LEU 43 43 43 LEU LEU B . n 
B 1 44 GLY 44 44 44 GLY GLY B . n 
B 1 45 VAL 45 45 45 VAL VAL B . n 
B 1 46 LYS 46 46 46 LYS LYS B . n 
B 1 47 LYS 47 47 47 LYS LYS B . n 
B 1 48 GLU 48 48 48 GLU GLU B . n 
B 1 49 GLU 49 49 49 GLU GLU B . n 
B 1 50 LEU 50 50 50 LEU LEU B . n 
B 1 51 GLY 51 51 51 GLY GLY B . n 
B 1 52 ASP 52 52 52 ASP ASP B . n 
B 1 53 ARG 53 53 53 ARG ARG B . n 
B 1 54 ILE 54 54 54 ILE ILE B . n 
B 1 55 ALA 55 55 55 ALA ALA B . n 
B 1 56 GLN 56 56 56 GLN GLN B . n 
B 1 57 PHE 57 57 57 PHE PHE B . n 
B 1 58 TYR 58 58 58 TYR TYR B . n 
B 1 59 THR 59 59 59 THR THR B . n 
B 1 60 ASP 60 60 60 ASP ASP B . n 
B 1 61 LEU 61 61 61 LEU LEU B . n 
B 1 62 ASN 62 62 62 ASN ASN B . n 
B 1 63 ILE 63 63 63 ILE ILE B . n 
B 1 64 ASP 64 64 64 ASP ASP B . n 
B 1 65 GLY 65 65 65 GLY GLY B . n 
B 1 66 ARG 66 66 66 ARG ARG B . n 
B 1 67 PHE 67 67 67 PHE PHE B . n 
B 1 68 LEU 68 68 68 LEU LEU B . n 
B 1 69 ALA 69 69 69 ALA ALA B . n 
B 1 70 LEU 70 70 70 LEU LEU B . n 
B 1 71 SER 71 71 71 SER SER B . n 
B 1 72 ASP 72 72 72 ASP ASP B . n 
B 1 73 GLN 73 73 73 GLN GLN B . n 
B 1 74 THR 74 74 74 THR THR B . n 
B 1 75 TRP 75 75 75 TRP TRP B . n 
B 1 76 GLY 76 76 76 GLY GLY B . n 
B 1 77 LEU 77 77 77 LEU LEU B . n 
B 1 78 ARG 78 78 78 ARG ARG B . n 
B 1 79 SER 79 79 79 SER SER B . n 
B 1 80 TRP 80 80 80 TRP TRP B . n 
B 1 81 TYR 81 81 81 TYR TYR B . n 
B 1 82 PRO 82 82 ?  ?   ?   B . n 
B 1 83 TYR 83 83 ?  ?   ?   B . n 
B 1 84 ASP 84 84 ?  ?   ?   B . n 
B 1 85 GLN 85 85 ?  ?   ?   B . n 
B 1 86 LEU 86 86 ?  ?   ?   B . n 
B 1 87 ASP 87 87 ?  ?   ?   B . n 
B 1 88 GLU 88 88 ?  ?   ?   B . n 
B 1 89 GLU 89 89 ?  ?   ?   B . n 
B 1 90 THR 90 90 ?  ?   ?   B . n 
B 1 91 GLN 91 91 ?  ?   ?   B . n 
B 1 92 LEU 92 92 ?  ?   ?   B . n 
B 1 93 GLU 93 93 ?  ?   ?   B . n 
B 1 94 HIS 94 94 ?  ?   ?   B . n 
B 1 95 HIS 95 95 ?  ?   ?   B . n 
B 1 96 HIS 96 96 ?  ?   ?   B . n 
B 1 97 HIS 97 97 ?  ?   ?   B . n 
B 1 98 HIS 98 98 ?  ?   ?   B . n 
B 1 99 HIS 99 99 ?  ?   ?   B . n 
# 
loop_
_pdbx_nonpoly_scheme.asym_id 
_pdbx_nonpoly_scheme.entity_id 
_pdbx_nonpoly_scheme.mon_id 
_pdbx_nonpoly_scheme.ndb_seq_num 
_pdbx_nonpoly_scheme.pdb_seq_num 
_pdbx_nonpoly_scheme.auth_seq_num 
_pdbx_nonpoly_scheme.pdb_mon_id 
_pdbx_nonpoly_scheme.auth_mon_id 
_pdbx_nonpoly_scheme.pdb_strand_id 
_pdbx_nonpoly_scheme.pdb_ins_code 
C 2 NI  1  101 2  NI  NI  A . 
D 2 NI  1  101 1  NI  NI  B . 
E 3 HOH 1  201 5  HOH HOH A . 
E 3 HOH 2  202 7  HOH HOH A . 
E 3 HOH 3  203 10 HOH HOH A . 
E 3 HOH 4  204 11 HOH HOH A . 
E 3 HOH 5  205 12 HOH HOH A . 
E 3 HOH 6  206 15 HOH HOH A . 
E 3 HOH 7  207 16 HOH HOH A . 
E 3 HOH 8  208 17 HOH HOH A . 
E 3 HOH 9  209 19 HOH HOH A . 
E 3 HOH 10 210 20 HOH HOH A . 
F 3 HOH 1  201 1  HOH HOH B . 
F 3 HOH 2  202 2  HOH HOH B . 
F 3 HOH 3  203 3  HOH HOH B . 
F 3 HOH 4  204 4  HOH HOH B . 
F 3 HOH 5  205 6  HOH HOH B . 
F 3 HOH 6  206 8  HOH HOH B . 
F 3 HOH 7  207 9  HOH HOH B . 
F 3 HOH 8  208 13 HOH HOH B . 
F 3 HOH 9  209 14 HOH HOH B . 
F 3 HOH 10 210 18 HOH HOH B . 
# 
loop_
_pdbx_struct_assembly.id 
_pdbx_struct_assembly.details 
_pdbx_struct_assembly.method_details 
_pdbx_struct_assembly.oligomeric_details 
_pdbx_struct_assembly.oligomeric_count 
1 software_defined_assembly PISA dimeric    2 
2 software_defined_assembly PISA dimeric    2 
3 software_defined_assembly PISA tetrameric 4 
# 
loop_
_pdbx_struct_assembly_gen.assembly_id 
_pdbx_struct_assembly_gen.oper_expression 
_pdbx_struct_assembly_gen.asym_id_list 
1 1,2 A,C,E       
2 1,2 B,D,F       
3 1,2 A,B,C,D,E,F 
# 
loop_
_pdbx_struct_assembly_prop.biol_id 
_pdbx_struct_assembly_prop.type 
_pdbx_struct_assembly_prop.value 
_pdbx_struct_assembly_prop.details 
1 'ABSA (A^2)' 2980  ? 
1 MORE         -21   ? 
1 'SSA (A^2)'  9230  ? 
2 'ABSA (A^2)' 2950  ? 
2 MORE         -21   ? 
2 'SSA (A^2)'  9400  ? 
3 'ABSA (A^2)' 8540  ? 
3 MORE         -53   ? 
3 'SSA (A^2)'  16030 ? 
# 
loop_
_pdbx_struct_oper_list.id 
_pdbx_struct_oper_list.type 
_pdbx_struct_oper_list.name 
_pdbx_struct_oper_list.symmetry_operation 
_pdbx_struct_oper_list.matrix[1][1] 
_pdbx_struct_oper_list.matrix[1][2] 
_pdbx_struct_oper_list.matrix[1][3] 
_pdbx_struct_oper_list.vector[1] 
_pdbx_struct_oper_list.matrix[2][1] 
_pdbx_struct_oper_list.matrix[2][2] 
_pdbx_struct_oper_list.matrix[2][3] 
_pdbx_struct_oper_list.vector[2] 
_pdbx_struct_oper_list.matrix[3][1] 
_pdbx_struct_oper_list.matrix[3][2] 
_pdbx_struct_oper_list.matrix[3][3] 
_pdbx_struct_oper_list.vector[3] 
1 'identity operation'         1_555 x,y,z       1.0000000000  0.0000000000  0.0000000000  0.0000000000   0.0000000000  1.0000000000 0.0000000000 0.0000000000  0.0000000000  0.0000000000 1.0000000000  0.0000000000  
2 'crystal symmetry operation' 3_554 -x,y,-z-1/2 -0.8012810960 -0.5757778122 -0.1625684968 -16.2978655798 -0.5757778122 0.6682866219 0.4710338651 -4.1134861905 -0.1625684968 0.4710338651 -0.8670055258 -5.3530660795 
# 
loop_
_pdbx_struct_conn_angle.id 
_pdbx_struct_conn_angle.ptnr1_label_atom_id 
_pdbx_struct_conn_angle.ptnr1_label_alt_id 
_pdbx_struct_conn_angle.ptnr1_label_asym_id 
_pdbx_struct_conn_angle.ptnr1_label_comp_id 
_pdbx_struct_conn_angle.ptnr1_label_seq_id 
_pdbx_struct_conn_angle.ptnr1_auth_atom_id 
_pdbx_struct_conn_angle.ptnr1_auth_asym_id 
_pdbx_struct_conn_angle.ptnr1_auth_comp_id 
_pdbx_struct_conn_angle.ptnr1_auth_seq_id 
_pdbx_struct_conn_angle.ptnr1_PDB_ins_code 
_pdbx_struct_conn_angle.ptnr1_symmetry 
_pdbx_struct_conn_angle.ptnr2_label_atom_id 
_pdbx_struct_conn_angle.ptnr2_label_alt_id 
_pdbx_struct_conn_angle.ptnr2_label_asym_id 
_pdbx_struct_conn_angle.ptnr2_label_comp_id 
_pdbx_struct_conn_angle.ptnr2_label_seq_id 
_pdbx_struct_conn_angle.ptnr2_auth_atom_id 
_pdbx_struct_conn_angle.ptnr2_auth_asym_id 
_pdbx_struct_conn_angle.ptnr2_auth_comp_id 
_pdbx_struct_conn_angle.ptnr2_auth_seq_id 
_pdbx_struct_conn_angle.ptnr2_PDB_ins_code 
_pdbx_struct_conn_angle.ptnr2_symmetry 
_pdbx_struct_conn_angle.ptnr3_label_atom_id 
_pdbx_struct_conn_angle.ptnr3_label_alt_id 
_pdbx_struct_conn_angle.ptnr3_label_asym_id 
_pdbx_struct_conn_angle.ptnr3_label_comp_id 
_pdbx_struct_conn_angle.ptnr3_label_seq_id 
_pdbx_struct_conn_angle.ptnr3_auth_atom_id 
_pdbx_struct_conn_angle.ptnr3_auth_asym_id 
_pdbx_struct_conn_angle.ptnr3_auth_comp_id 
_pdbx_struct_conn_angle.ptnr3_auth_seq_id 
_pdbx_struct_conn_angle.ptnr3_PDB_ins_code 
_pdbx_struct_conn_angle.ptnr3_symmetry 
_pdbx_struct_conn_angle.value 
_pdbx_struct_conn_angle.value_esd 
1 O ? B LEU 61 ? B LEU 61 ? 1_555 NI ? D NI . ? B NI 101 ? 1_555 O ? B ASN 62 ? B ASN 62 ? 1_555 80.6  ? 
2 O ? B LEU 61 ? B LEU 61 ? 1_555 NI ? D NI . ? B NI 101 ? 1_555 O ? B ASP 64 ? B ASP 64 ? 1_555 80.9  ? 
3 O ? B ASN 62 ? B ASN 62 ? 1_555 NI ? D NI . ? B NI 101 ? 1_555 O ? B ASP 64 ? B ASP 64 ? 1_555 108.7 ? 
4 O ? B LEU 61 ? B LEU 61 ? 1_555 NI ? D NI . ? B NI 101 ? 1_555 O ? B PHE 67 ? B PHE 67 ? 1_555 98.2  ? 
5 O ? B ASN 62 ? B ASN 62 ? 1_555 NI ? D NI . ? B NI 101 ? 1_555 O ? B PHE 67 ? B PHE 67 ? 1_555 162.3 ? 
6 O ? B ASP 64 ? B ASP 64 ? 1_555 NI ? D NI . ? B NI 101 ? 1_555 O ? B PHE 67 ? B PHE 67 ? 1_555 88.5  ? 
# 
loop_
_pdbx_audit_revision_history.ordinal 
_pdbx_audit_revision_history.data_content_type 
_pdbx_audit_revision_history.major_revision 
_pdbx_audit_revision_history.minor_revision 
_pdbx_audit_revision_history.revision_date 
1 'Structure model' 1 0 2014-07-02 
2 'Structure model' 1 1 2014-08-20 
3 'Structure model' 1 2 2023-09-20 
# 
_pdbx_audit_revision_details.ordinal             1 
_pdbx_audit_revision_details.revision_ordinal    1 
_pdbx_audit_revision_details.data_content_type   'Structure model' 
_pdbx_audit_revision_details.provider            repository 
_pdbx_audit_revision_details.type                'Initial release' 
_pdbx_audit_revision_details.description         ? 
_pdbx_audit_revision_details.details             ? 
# 
loop_
_pdbx_audit_revision_group.ordinal 
_pdbx_audit_revision_group.revision_ordinal 
_pdbx_audit_revision_group.data_content_type 
_pdbx_audit_revision_group.group 
1 2 'Structure model' 'Database references'    
2 3 'Structure model' 'Data collection'        
3 3 'Structure model' 'Database references'    
4 3 'Structure model' 'Derived calculations'   
5 3 'Structure model' 'Refinement description' 
# 
loop_
_pdbx_audit_revision_category.ordinal 
_pdbx_audit_revision_category.revision_ordinal 
_pdbx_audit_revision_category.data_content_type 
_pdbx_audit_revision_category.category 
1 3 'Structure model' chem_comp_atom                
2 3 'Structure model' chem_comp_bond                
3 3 'Structure model' database_2                    
4 3 'Structure model' pdbx_initial_refinement_model 
5 3 'Structure model' pdbx_struct_conn_angle        
6 3 'Structure model' struct_conn                   
7 3 'Structure model' struct_ref_seq_dif            
8 3 'Structure model' struct_site                   
# 
loop_
_pdbx_audit_revision_item.ordinal 
_pdbx_audit_revision_item.revision_ordinal 
_pdbx_audit_revision_item.data_content_type 
_pdbx_audit_revision_item.item 
1  3 'Structure model' '_database_2.pdbx_DOI'                        
2  3 'Structure model' '_database_2.pdbx_database_accession'         
3  3 'Structure model' '_pdbx_struct_conn_angle.ptnr1_auth_comp_id'  
4  3 'Structure model' '_pdbx_struct_conn_angle.ptnr1_auth_seq_id'   
5  3 'Structure model' '_pdbx_struct_conn_angle.ptnr1_label_comp_id' 
6  3 'Structure model' '_pdbx_struct_conn_angle.ptnr1_label_seq_id'  
7  3 'Structure model' '_pdbx_struct_conn_angle.ptnr3_auth_comp_id'  
8  3 'Structure model' '_pdbx_struct_conn_angle.ptnr3_auth_seq_id'   
9  3 'Structure model' '_pdbx_struct_conn_angle.ptnr3_label_comp_id' 
10 3 'Structure model' '_pdbx_struct_conn_angle.ptnr3_label_seq_id'  
11 3 'Structure model' '_pdbx_struct_conn_angle.value'               
12 3 'Structure model' '_struct_conn.pdbx_dist_value'                
13 3 'Structure model' '_struct_conn.ptnr1_auth_asym_id'             
14 3 'Structure model' '_struct_conn.ptnr1_auth_comp_id'             
15 3 'Structure model' '_struct_conn.ptnr1_auth_seq_id'              
16 3 'Structure model' '_struct_conn.ptnr1_label_asym_id'            
17 3 'Structure model' '_struct_conn.ptnr1_label_comp_id'            
18 3 'Structure model' '_struct_conn.ptnr1_label_seq_id'             
19 3 'Structure model' '_struct_conn.ptnr2_auth_asym_id'             
20 3 'Structure model' '_struct_conn.ptnr2_label_asym_id'            
21 3 'Structure model' '_struct_ref_seq_dif.details'                 
22 3 'Structure model' '_struct_site.pdbx_auth_asym_id'              
23 3 'Structure model' '_struct_site.pdbx_auth_comp_id'              
24 3 'Structure model' '_struct_site.pdbx_auth_seq_id'               
# 
loop_
_software.name 
_software.classification 
_software.version 
_software.citation_id 
_software.pdbx_ordinal 
MAR345dtb 'data collection' .        ? 1 
MOLREP    phasing           .        ? 2 
REFMAC    refinement        5.7.0029 ? 3 
MOSFLM    'data reduction'  .        ? 4 
SCALA     'data scaling'    .        ? 5 
# 
loop_
_pdbx_validate_torsion.id 
_pdbx_validate_torsion.PDB_model_num 
_pdbx_validate_torsion.auth_comp_id 
_pdbx_validate_torsion.auth_asym_id 
_pdbx_validate_torsion.auth_seq_id 
_pdbx_validate_torsion.PDB_ins_code 
_pdbx_validate_torsion.label_alt_id 
_pdbx_validate_torsion.phi 
_pdbx_validate_torsion.psi 
1 1 GLU A 25 ? ? -64.22 -72.88 
2 1 SER A 79 ? ? -74.13 22.46  
3 1 SER B 41 ? ? -59.27 -70.51 
4 1 LEU B 42 ? ? -35.02 -37.99 
5 1 SER B 71 ? ? -94.53 30.78  
# 
loop_
_pdbx_unobs_or_zero_occ_residues.id 
_pdbx_unobs_or_zero_occ_residues.PDB_model_num 
_pdbx_unobs_or_zero_occ_residues.polymer_flag 
_pdbx_unobs_or_zero_occ_residues.occupancy_flag 
_pdbx_unobs_or_zero_occ_residues.auth_asym_id 
_pdbx_unobs_or_zero_occ_residues.auth_comp_id 
_pdbx_unobs_or_zero_occ_residues.auth_seq_id 
_pdbx_unobs_or_zero_occ_residues.PDB_ins_code 
_pdbx_unobs_or_zero_occ_residues.label_asym_id 
_pdbx_unobs_or_zero_occ_residues.label_comp_id 
_pdbx_unobs_or_zero_occ_residues.label_seq_id 
1  1 Y 1 A GLY 1  ? A GLY 1  
2  1 Y 1 A ILE 2  ? A ILE 2  
3  1 Y 1 A PRO 82 ? A PRO 82 
4  1 Y 1 A TYR 83 ? A TYR 83 
5  1 Y 1 A ASP 84 ? A ASP 84 
6  1 Y 1 A GLN 85 ? A GLN 85 
7  1 Y 1 A LEU 86 ? A LEU 86 
8  1 Y 1 A ASP 87 ? A ASP 87 
9  1 Y 1 A GLU 88 ? A GLU 88 
10 1 Y 1 A GLU 89 ? A GLU 89 
11 1 Y 1 A THR 90 ? A THR 90 
12 1 Y 1 A GLN 91 ? A GLN 91 
13 1 Y 1 A LEU 92 ? A LEU 92 
14 1 Y 1 A GLU 93 ? A GLU 93 
15 1 Y 1 A HIS 94 ? A HIS 94 
16 1 Y 1 A HIS 95 ? A HIS 95 
17 1 Y 1 A HIS 96 ? A HIS 96 
18 1 Y 1 A HIS 97 ? A HIS 97 
19 1 Y 1 A HIS 98 ? A HIS 98 
20 1 Y 1 A HIS 99 ? A HIS 99 
21 1 Y 1 B GLY 1  ? B GLY 1  
22 1 Y 1 B ILE 2  ? B ILE 2  
23 1 Y 1 B PRO 82 ? B PRO 82 
24 1 Y 1 B TYR 83 ? B TYR 83 
25 1 Y 1 B ASP 84 ? B ASP 84 
26 1 Y 1 B GLN 85 ? B GLN 85 
27 1 Y 1 B LEU 86 ? B LEU 86 
28 1 Y 1 B ASP 87 ? B ASP 87 
29 1 Y 1 B GLU 88 ? B GLU 88 
30 1 Y 1 B GLU 89 ? B GLU 89 
31 1 Y 1 B THR 90 ? B THR 90 
32 1 Y 1 B GLN 91 ? B GLN 91 
33 1 Y 1 B LEU 92 ? B LEU 92 
34 1 Y 1 B GLU 93 ? B GLU 93 
35 1 Y 1 B HIS 94 ? B HIS 94 
36 1 Y 1 B HIS 95 ? B HIS 95 
37 1 Y 1 B HIS 96 ? B HIS 96 
38 1 Y 1 B HIS 97 ? B HIS 97 
39 1 Y 1 B HIS 98 ? B HIS 98 
40 1 Y 1 B HIS 99 ? B HIS 99 
# 
loop_
_chem_comp_atom.comp_id 
_chem_comp_atom.atom_id 
_chem_comp_atom.type_symbol 
_chem_comp_atom.pdbx_aromatic_flag 
_chem_comp_atom.pdbx_stereo_config 
_chem_comp_atom.pdbx_ordinal 
ALA N    N  N N 1   
ALA CA   C  N S 2   
ALA C    C  N N 3   
ALA O    O  N N 4   
ALA CB   C  N N 5   
ALA OXT  O  N N 6   
ALA H    H  N N 7   
ALA H2   H  N N 8   
ALA HA   H  N N 9   
ALA HB1  H  N N 10  
ALA HB2  H  N N 11  
ALA HB3  H  N N 12  
ALA HXT  H  N N 13  
ARG N    N  N N 14  
ARG CA   C  N S 15  
ARG C    C  N N 16  
ARG O    O  N N 17  
ARG CB   C  N N 18  
ARG CG   C  N N 19  
ARG CD   C  N N 20  
ARG NE   N  N N 21  
ARG CZ   C  N N 22  
ARG NH1  N  N N 23  
ARG NH2  N  N N 24  
ARG OXT  O  N N 25  
ARG H    H  N N 26  
ARG H2   H  N N 27  
ARG HA   H  N N 28  
ARG HB2  H  N N 29  
ARG HB3  H  N N 30  
ARG HG2  H  N N 31  
ARG HG3  H  N N 32  
ARG HD2  H  N N 33  
ARG HD3  H  N N 34  
ARG HE   H  N N 35  
ARG HH11 H  N N 36  
ARG HH12 H  N N 37  
ARG HH21 H  N N 38  
ARG HH22 H  N N 39  
ARG HXT  H  N N 40  
ASN N    N  N N 41  
ASN CA   C  N S 42  
ASN C    C  N N 43  
ASN O    O  N N 44  
ASN CB   C  N N 45  
ASN CG   C  N N 46  
ASN OD1  O  N N 47  
ASN ND2  N  N N 48  
ASN OXT  O  N N 49  
ASN H    H  N N 50  
ASN H2   H  N N 51  
ASN HA   H  N N 52  
ASN HB2  H  N N 53  
ASN HB3  H  N N 54  
ASN HD21 H  N N 55  
ASN HD22 H  N N 56  
ASN HXT  H  N N 57  
ASP N    N  N N 58  
ASP CA   C  N S 59  
ASP C    C  N N 60  
ASP O    O  N N 61  
ASP CB   C  N N 62  
ASP CG   C  N N 63  
ASP OD1  O  N N 64  
ASP OD2  O  N N 65  
ASP OXT  O  N N 66  
ASP H    H  N N 67  
ASP H2   H  N N 68  
ASP HA   H  N N 69  
ASP HB2  H  N N 70  
ASP HB3  H  N N 71  
ASP HD2  H  N N 72  
ASP HXT  H  N N 73  
GLN N    N  N N 74  
GLN CA   C  N S 75  
GLN C    C  N N 76  
GLN O    O  N N 77  
GLN CB   C  N N 78  
GLN CG   C  N N 79  
GLN CD   C  N N 80  
GLN OE1  O  N N 81  
GLN NE2  N  N N 82  
GLN OXT  O  N N 83  
GLN H    H  N N 84  
GLN H2   H  N N 85  
GLN HA   H  N N 86  
GLN HB2  H  N N 87  
GLN HB3  H  N N 88  
GLN HG2  H  N N 89  
GLN HG3  H  N N 90  
GLN HE21 H  N N 91  
GLN HE22 H  N N 92  
GLN HXT  H  N N 93  
GLU N    N  N N 94  
GLU CA   C  N S 95  
GLU C    C  N N 96  
GLU O    O  N N 97  
GLU CB   C  N N 98  
GLU CG   C  N N 99  
GLU CD   C  N N 100 
GLU OE1  O  N N 101 
GLU OE2  O  N N 102 
GLU OXT  O  N N 103 
GLU H    H  N N 104 
GLU H2   H  N N 105 
GLU HA   H  N N 106 
GLU HB2  H  N N 107 
GLU HB3  H  N N 108 
GLU HG2  H  N N 109 
GLU HG3  H  N N 110 
GLU HE2  H  N N 111 
GLU HXT  H  N N 112 
GLY N    N  N N 113 
GLY CA   C  N N 114 
GLY C    C  N N 115 
GLY O    O  N N 116 
GLY OXT  O  N N 117 
GLY H    H  N N 118 
GLY H2   H  N N 119 
GLY HA2  H  N N 120 
GLY HA3  H  N N 121 
GLY HXT  H  N N 122 
HIS N    N  N N 123 
HIS CA   C  N S 124 
HIS C    C  N N 125 
HIS O    O  N N 126 
HIS CB   C  N N 127 
HIS CG   C  Y N 128 
HIS ND1  N  Y N 129 
HIS CD2  C  Y N 130 
HIS CE1  C  Y N 131 
HIS NE2  N  Y N 132 
HIS OXT  O  N N 133 
HIS H    H  N N 134 
HIS H2   H  N N 135 
HIS HA   H  N N 136 
HIS HB2  H  N N 137 
HIS HB3  H  N N 138 
HIS HD1  H  N N 139 
HIS HD2  H  N N 140 
HIS HE1  H  N N 141 
HIS HE2  H  N N 142 
HIS HXT  H  N N 143 
HOH O    O  N N 144 
HOH H1   H  N N 145 
HOH H2   H  N N 146 
ILE N    N  N N 147 
ILE CA   C  N S 148 
ILE C    C  N N 149 
ILE O    O  N N 150 
ILE CB   C  N S 151 
ILE CG1  C  N N 152 
ILE CG2  C  N N 153 
ILE CD1  C  N N 154 
ILE OXT  O  N N 155 
ILE H    H  N N 156 
ILE H2   H  N N 157 
ILE HA   H  N N 158 
ILE HB   H  N N 159 
ILE HG12 H  N N 160 
ILE HG13 H  N N 161 
ILE HG21 H  N N 162 
ILE HG22 H  N N 163 
ILE HG23 H  N N 164 
ILE HD11 H  N N 165 
ILE HD12 H  N N 166 
ILE HD13 H  N N 167 
ILE HXT  H  N N 168 
LEU N    N  N N 169 
LEU CA   C  N S 170 
LEU C    C  N N 171 
LEU O    O  N N 172 
LEU CB   C  N N 173 
LEU CG   C  N N 174 
LEU CD1  C  N N 175 
LEU CD2  C  N N 176 
LEU OXT  O  N N 177 
LEU H    H  N N 178 
LEU H2   H  N N 179 
LEU HA   H  N N 180 
LEU HB2  H  N N 181 
LEU HB3  H  N N 182 
LEU HG   H  N N 183 
LEU HD11 H  N N 184 
LEU HD12 H  N N 185 
LEU HD13 H  N N 186 
LEU HD21 H  N N 187 
LEU HD22 H  N N 188 
LEU HD23 H  N N 189 
LEU HXT  H  N N 190 
LYS N    N  N N 191 
LYS CA   C  N S 192 
LYS C    C  N N 193 
LYS O    O  N N 194 
LYS CB   C  N N 195 
LYS CG   C  N N 196 
LYS CD   C  N N 197 
LYS CE   C  N N 198 
LYS NZ   N  N N 199 
LYS OXT  O  N N 200 
LYS H    H  N N 201 
LYS H2   H  N N 202 
LYS HA   H  N N 203 
LYS HB2  H  N N 204 
LYS HB3  H  N N 205 
LYS HG2  H  N N 206 
LYS HG3  H  N N 207 
LYS HD2  H  N N 208 
LYS HD3  H  N N 209 
LYS HE2  H  N N 210 
LYS HE3  H  N N 211 
LYS HZ1  H  N N 212 
LYS HZ2  H  N N 213 
LYS HZ3  H  N N 214 
LYS HXT  H  N N 215 
MET N    N  N N 216 
MET CA   C  N S 217 
MET C    C  N N 218 
MET O    O  N N 219 
MET CB   C  N N 220 
MET CG   C  N N 221 
MET SD   S  N N 222 
MET CE   C  N N 223 
MET OXT  O  N N 224 
MET H    H  N N 225 
MET H2   H  N N 226 
MET HA   H  N N 227 
MET HB2  H  N N 228 
MET HB3  H  N N 229 
MET HG2  H  N N 230 
MET HG3  H  N N 231 
MET HE1  H  N N 232 
MET HE2  H  N N 233 
MET HE3  H  N N 234 
MET HXT  H  N N 235 
NI  NI   NI N N 236 
PHE N    N  N N 237 
PHE CA   C  N S 238 
PHE C    C  N N 239 
PHE O    O  N N 240 
PHE CB   C  N N 241 
PHE CG   C  Y N 242 
PHE CD1  C  Y N 243 
PHE CD2  C  Y N 244 
PHE CE1  C  Y N 245 
PHE CE2  C  Y N 246 
PHE CZ   C  Y N 247 
PHE OXT  O  N N 248 
PHE H    H  N N 249 
PHE H2   H  N N 250 
PHE HA   H  N N 251 
PHE HB2  H  N N 252 
PHE HB3  H  N N 253 
PHE HD1  H  N N 254 
PHE HD2  H  N N 255 
PHE HE1  H  N N 256 
PHE HE2  H  N N 257 
PHE HZ   H  N N 258 
PHE HXT  H  N N 259 
PRO N    N  N N 260 
PRO CA   C  N S 261 
PRO C    C  N N 262 
PRO O    O  N N 263 
PRO CB   C  N N 264 
PRO CG   C  N N 265 
PRO CD   C  N N 266 
PRO OXT  O  N N 267 
PRO H    H  N N 268 
PRO HA   H  N N 269 
PRO HB2  H  N N 270 
PRO HB3  H  N N 271 
PRO HG2  H  N N 272 
PRO HG3  H  N N 273 
PRO HD2  H  N N 274 
PRO HD3  H  N N 275 
PRO HXT  H  N N 276 
SER N    N  N N 277 
SER CA   C  N S 278 
SER C    C  N N 279 
SER O    O  N N 280 
SER CB   C  N N 281 
SER OG   O  N N 282 
SER OXT  O  N N 283 
SER H    H  N N 284 
SER H2   H  N N 285 
SER HA   H  N N 286 
SER HB2  H  N N 287 
SER HB3  H  N N 288 
SER HG   H  N N 289 
SER HXT  H  N N 290 
THR N    N  N N 291 
THR CA   C  N S 292 
THR C    C  N N 293 
THR O    O  N N 294 
THR CB   C  N R 295 
THR OG1  O  N N 296 
THR CG2  C  N N 297 
THR OXT  O  N N 298 
THR H    H  N N 299 
THR H2   H  N N 300 
THR HA   H  N N 301 
THR HB   H  N N 302 
THR HG1  H  N N 303 
THR HG21 H  N N 304 
THR HG22 H  N N 305 
THR HG23 H  N N 306 
THR HXT  H  N N 307 
TRP N    N  N N 308 
TRP CA   C  N S 309 
TRP C    C  N N 310 
TRP O    O  N N 311 
TRP CB   C  N N 312 
TRP CG   C  Y N 313 
TRP CD1  C  Y N 314 
TRP CD2  C  Y N 315 
TRP NE1  N  Y N 316 
TRP CE2  C  Y N 317 
TRP CE3  C  Y N 318 
TRP CZ2  C  Y N 319 
TRP CZ3  C  Y N 320 
TRP CH2  C  Y N 321 
TRP OXT  O  N N 322 
TRP H    H  N N 323 
TRP H2   H  N N 324 
TRP HA   H  N N 325 
TRP HB2  H  N N 326 
TRP HB3  H  N N 327 
TRP HD1  H  N N 328 
TRP HE1  H  N N 329 
TRP HE3  H  N N 330 
TRP HZ2  H  N N 331 
TRP HZ3  H  N N 332 
TRP HH2  H  N N 333 
TRP HXT  H  N N 334 
TYR N    N  N N 335 
TYR CA   C  N S 336 
TYR C    C  N N 337 
TYR O    O  N N 338 
TYR CB   C  N N 339 
TYR CG   C  Y N 340 
TYR CD1  C  Y N 341 
TYR CD2  C  Y N 342 
TYR CE1  C  Y N 343 
TYR CE2  C  Y N 344 
TYR CZ   C  Y N 345 
TYR OH   O  N N 346 
TYR OXT  O  N N 347 
TYR H    H  N N 348 
TYR H2   H  N N 349 
TYR HA   H  N N 350 
TYR HB2  H  N N 351 
TYR HB3  H  N N 352 
TYR HD1  H  N N 353 
TYR HD2  H  N N 354 
TYR HE1  H  N N 355 
TYR HE2  H  N N 356 
TYR HH   H  N N 357 
TYR HXT  H  N N 358 
VAL N    N  N N 359 
VAL CA   C  N S 360 
VAL C    C  N N 361 
VAL O    O  N N 362 
VAL CB   C  N N 363 
VAL CG1  C  N N 364 
VAL CG2  C  N N 365 
VAL OXT  O  N N 366 
VAL H    H  N N 367 
VAL H2   H  N N 368 
VAL HA   H  N N 369 
VAL HB   H  N N 370 
VAL HG11 H  N N 371 
VAL HG12 H  N N 372 
VAL HG13 H  N N 373 
VAL HG21 H  N N 374 
VAL HG22 H  N N 375 
VAL HG23 H  N N 376 
VAL HXT  H  N N 377 
# 
loop_
_chem_comp_bond.comp_id 
_chem_comp_bond.atom_id_1 
_chem_comp_bond.atom_id_2 
_chem_comp_bond.value_order 
_chem_comp_bond.pdbx_aromatic_flag 
_chem_comp_bond.pdbx_stereo_config 
_chem_comp_bond.pdbx_ordinal 
ALA N   CA   sing N N 1   
ALA N   H    sing N N 2   
ALA N   H2   sing N N 3   
ALA CA  C    sing N N 4   
ALA CA  CB   sing N N 5   
ALA CA  HA   sing N N 6   
ALA C   O    doub N N 7   
ALA C   OXT  sing N N 8   
ALA CB  HB1  sing N N 9   
ALA CB  HB2  sing N N 10  
ALA CB  HB3  sing N N 11  
ALA OXT HXT  sing N N 12  
ARG N   CA   sing N N 13  
ARG N   H    sing N N 14  
ARG N   H2   sing N N 15  
ARG CA  C    sing N N 16  
ARG CA  CB   sing N N 17  
ARG CA  HA   sing N N 18  
ARG C   O    doub N N 19  
ARG C   OXT  sing N N 20  
ARG CB  CG   sing N N 21  
ARG CB  HB2  sing N N 22  
ARG CB  HB3  sing N N 23  
ARG CG  CD   sing N N 24  
ARG CG  HG2  sing N N 25  
ARG CG  HG3  sing N N 26  
ARG CD  NE   sing N N 27  
ARG CD  HD2  sing N N 28  
ARG CD  HD3  sing N N 29  
ARG NE  CZ   sing N N 30  
ARG NE  HE   sing N N 31  
ARG CZ  NH1  sing N N 32  
ARG CZ  NH2  doub N N 33  
ARG NH1 HH11 sing N N 34  
ARG NH1 HH12 sing N N 35  
ARG NH2 HH21 sing N N 36  
ARG NH2 HH22 sing N N 37  
ARG OXT HXT  sing N N 38  
ASN N   CA   sing N N 39  
ASN N   H    sing N N 40  
ASN N   H2   sing N N 41  
ASN CA  C    sing N N 42  
ASN CA  CB   sing N N 43  
ASN CA  HA   sing N N 44  
ASN C   O    doub N N 45  
ASN C   OXT  sing N N 46  
ASN CB  CG   sing N N 47  
ASN CB  HB2  sing N N 48  
ASN CB  HB3  sing N N 49  
ASN CG  OD1  doub N N 50  
ASN CG  ND2  sing N N 51  
ASN ND2 HD21 sing N N 52  
ASN ND2 HD22 sing N N 53  
ASN OXT HXT  sing N N 54  
ASP N   CA   sing N N 55  
ASP N   H    sing N N 56  
ASP N   H2   sing N N 57  
ASP CA  C    sing N N 58  
ASP CA  CB   sing N N 59  
ASP CA  HA   sing N N 60  
ASP C   O    doub N N 61  
ASP C   OXT  sing N N 62  
ASP CB  CG   sing N N 63  
ASP CB  HB2  sing N N 64  
ASP CB  HB3  sing N N 65  
ASP CG  OD1  doub N N 66  
ASP CG  OD2  sing N N 67  
ASP OD2 HD2  sing N N 68  
ASP OXT HXT  sing N N 69  
GLN N   CA   sing N N 70  
GLN N   H    sing N N 71  
GLN N   H2   sing N N 72  
GLN CA  C    sing N N 73  
GLN CA  CB   sing N N 74  
GLN CA  HA   sing N N 75  
GLN C   O    doub N N 76  
GLN C   OXT  sing N N 77  
GLN CB  CG   sing N N 78  
GLN CB  HB2  sing N N 79  
GLN CB  HB3  sing N N 80  
GLN CG  CD   sing N N 81  
GLN CG  HG2  sing N N 82  
GLN CG  HG3  sing N N 83  
GLN CD  OE1  doub N N 84  
GLN CD  NE2  sing N N 85  
GLN NE2 HE21 sing N N 86  
GLN NE2 HE22 sing N N 87  
GLN OXT HXT  sing N N 88  
GLU N   CA   sing N N 89  
GLU N   H    sing N N 90  
GLU N   H2   sing N N 91  
GLU CA  C    sing N N 92  
GLU CA  CB   sing N N 93  
GLU CA  HA   sing N N 94  
GLU C   O    doub N N 95  
GLU C   OXT  sing N N 96  
GLU CB  CG   sing N N 97  
GLU CB  HB2  sing N N 98  
GLU CB  HB3  sing N N 99  
GLU CG  CD   sing N N 100 
GLU CG  HG2  sing N N 101 
GLU CG  HG3  sing N N 102 
GLU CD  OE1  doub N N 103 
GLU CD  OE2  sing N N 104 
GLU OE2 HE2  sing N N 105 
GLU OXT HXT  sing N N 106 
GLY N   CA   sing N N 107 
GLY N   H    sing N N 108 
GLY N   H2   sing N N 109 
GLY CA  C    sing N N 110 
GLY CA  HA2  sing N N 111 
GLY CA  HA3  sing N N 112 
GLY C   O    doub N N 113 
GLY C   OXT  sing N N 114 
GLY OXT HXT  sing N N 115 
HIS N   CA   sing N N 116 
HIS N   H    sing N N 117 
HIS N   H2   sing N N 118 
HIS CA  C    sing N N 119 
HIS CA  CB   sing N N 120 
HIS CA  HA   sing N N 121 
HIS C   O    doub N N 122 
HIS C   OXT  sing N N 123 
HIS CB  CG   sing N N 124 
HIS CB  HB2  sing N N 125 
HIS CB  HB3  sing N N 126 
HIS CG  ND1  sing Y N 127 
HIS CG  CD2  doub Y N 128 
HIS ND1 CE1  doub Y N 129 
HIS ND1 HD1  sing N N 130 
HIS CD2 NE2  sing Y N 131 
HIS CD2 HD2  sing N N 132 
HIS CE1 NE2  sing Y N 133 
HIS CE1 HE1  sing N N 134 
HIS NE2 HE2  sing N N 135 
HIS OXT HXT  sing N N 136 
HOH O   H1   sing N N 137 
HOH O   H2   sing N N 138 
ILE N   CA   sing N N 139 
ILE N   H    sing N N 140 
ILE N   H2   sing N N 141 
ILE CA  C    sing N N 142 
ILE CA  CB   sing N N 143 
ILE CA  HA   sing N N 144 
ILE C   O    doub N N 145 
ILE C   OXT  sing N N 146 
ILE CB  CG1  sing N N 147 
ILE CB  CG2  sing N N 148 
ILE CB  HB   sing N N 149 
ILE CG1 CD1  sing N N 150 
ILE CG1 HG12 sing N N 151 
ILE CG1 HG13 sing N N 152 
ILE CG2 HG21 sing N N 153 
ILE CG2 HG22 sing N N 154 
ILE CG2 HG23 sing N N 155 
ILE CD1 HD11 sing N N 156 
ILE CD1 HD12 sing N N 157 
ILE CD1 HD13 sing N N 158 
ILE OXT HXT  sing N N 159 
LEU N   CA   sing N N 160 
LEU N   H    sing N N 161 
LEU N   H2   sing N N 162 
LEU CA  C    sing N N 163 
LEU CA  CB   sing N N 164 
LEU CA  HA   sing N N 165 
LEU C   O    doub N N 166 
LEU C   OXT  sing N N 167 
LEU CB  CG   sing N N 168 
LEU CB  HB2  sing N N 169 
LEU CB  HB3  sing N N 170 
LEU CG  CD1  sing N N 171 
LEU CG  CD2  sing N N 172 
LEU CG  HG   sing N N 173 
LEU CD1 HD11 sing N N 174 
LEU CD1 HD12 sing N N 175 
LEU CD1 HD13 sing N N 176 
LEU CD2 HD21 sing N N 177 
LEU CD2 HD22 sing N N 178 
LEU CD2 HD23 sing N N 179 
LEU OXT HXT  sing N N 180 
LYS N   CA   sing N N 181 
LYS N   H    sing N N 182 
LYS N   H2   sing N N 183 
LYS CA  C    sing N N 184 
LYS CA  CB   sing N N 185 
LYS CA  HA   sing N N 186 
LYS C   O    doub N N 187 
LYS C   OXT  sing N N 188 
LYS CB  CG   sing N N 189 
LYS CB  HB2  sing N N 190 
LYS CB  HB3  sing N N 191 
LYS CG  CD   sing N N 192 
LYS CG  HG2  sing N N 193 
LYS CG  HG3  sing N N 194 
LYS CD  CE   sing N N 195 
LYS CD  HD2  sing N N 196 
LYS CD  HD3  sing N N 197 
LYS CE  NZ   sing N N 198 
LYS CE  HE2  sing N N 199 
LYS CE  HE3  sing N N 200 
LYS NZ  HZ1  sing N N 201 
LYS NZ  HZ2  sing N N 202 
LYS NZ  HZ3  sing N N 203 
LYS OXT HXT  sing N N 204 
MET N   CA   sing N N 205 
MET N   H    sing N N 206 
MET N   H2   sing N N 207 
MET CA  C    sing N N 208 
MET CA  CB   sing N N 209 
MET CA  HA   sing N N 210 
MET C   O    doub N N 211 
MET C   OXT  sing N N 212 
MET CB  CG   sing N N 213 
MET CB  HB2  sing N N 214 
MET CB  HB3  sing N N 215 
MET CG  SD   sing N N 216 
MET CG  HG2  sing N N 217 
MET CG  HG3  sing N N 218 
MET SD  CE   sing N N 219 
MET CE  HE1  sing N N 220 
MET CE  HE2  sing N N 221 
MET CE  HE3  sing N N 222 
MET OXT HXT  sing N N 223 
PHE N   CA   sing N N 224 
PHE N   H    sing N N 225 
PHE N   H2   sing N N 226 
PHE CA  C    sing N N 227 
PHE CA  CB   sing N N 228 
PHE CA  HA   sing N N 229 
PHE C   O    doub N N 230 
PHE C   OXT  sing N N 231 
PHE CB  CG   sing N N 232 
PHE CB  HB2  sing N N 233 
PHE CB  HB3  sing N N 234 
PHE CG  CD1  doub Y N 235 
PHE CG  CD2  sing Y N 236 
PHE CD1 CE1  sing Y N 237 
PHE CD1 HD1  sing N N 238 
PHE CD2 CE2  doub Y N 239 
PHE CD2 HD2  sing N N 240 
PHE CE1 CZ   doub Y N 241 
PHE CE1 HE1  sing N N 242 
PHE CE2 CZ   sing Y N 243 
PHE CE2 HE2  sing N N 244 
PHE CZ  HZ   sing N N 245 
PHE OXT HXT  sing N N 246 
PRO N   CA   sing N N 247 
PRO N   CD   sing N N 248 
PRO N   H    sing N N 249 
PRO CA  C    sing N N 250 
PRO CA  CB   sing N N 251 
PRO CA  HA   sing N N 252 
PRO C   O    doub N N 253 
PRO C   OXT  sing N N 254 
PRO CB  CG   sing N N 255 
PRO CB  HB2  sing N N 256 
PRO CB  HB3  sing N N 257 
PRO CG  CD   sing N N 258 
PRO CG  HG2  sing N N 259 
PRO CG  HG3  sing N N 260 
PRO CD  HD2  sing N N 261 
PRO CD  HD3  sing N N 262 
PRO OXT HXT  sing N N 263 
SER N   CA   sing N N 264 
SER N   H    sing N N 265 
SER N   H2   sing N N 266 
SER CA  C    sing N N 267 
SER CA  CB   sing N N 268 
SER CA  HA   sing N N 269 
SER C   O    doub N N 270 
SER C   OXT  sing N N 271 
SER CB  OG   sing N N 272 
SER CB  HB2  sing N N 273 
SER CB  HB3  sing N N 274 
SER OG  HG   sing N N 275 
SER OXT HXT  sing N N 276 
THR N   CA   sing N N 277 
THR N   H    sing N N 278 
THR N   H2   sing N N 279 
THR CA  C    sing N N 280 
THR CA  CB   sing N N 281 
THR CA  HA   sing N N 282 
THR C   O    doub N N 283 
THR C   OXT  sing N N 284 
THR CB  OG1  sing N N 285 
THR CB  CG2  sing N N 286 
THR CB  HB   sing N N 287 
THR OG1 HG1  sing N N 288 
THR CG2 HG21 sing N N 289 
THR CG2 HG22 sing N N 290 
THR CG2 HG23 sing N N 291 
THR OXT HXT  sing N N 292 
TRP N   CA   sing N N 293 
TRP N   H    sing N N 294 
TRP N   H2   sing N N 295 
TRP CA  C    sing N N 296 
TRP CA  CB   sing N N 297 
TRP CA  HA   sing N N 298 
TRP C   O    doub N N 299 
TRP C   OXT  sing N N 300 
TRP CB  CG   sing N N 301 
TRP CB  HB2  sing N N 302 
TRP CB  HB3  sing N N 303 
TRP CG  CD1  doub Y N 304 
TRP CG  CD2  sing Y N 305 
TRP CD1 NE1  sing Y N 306 
TRP CD1 HD1  sing N N 307 
TRP CD2 CE2  doub Y N 308 
TRP CD2 CE3  sing Y N 309 
TRP NE1 CE2  sing Y N 310 
TRP NE1 HE1  sing N N 311 
TRP CE2 CZ2  sing Y N 312 
TRP CE3 CZ3  doub Y N 313 
TRP CE3 HE3  sing N N 314 
TRP CZ2 CH2  doub Y N 315 
TRP CZ2 HZ2  sing N N 316 
TRP CZ3 CH2  sing Y N 317 
TRP CZ3 HZ3  sing N N 318 
TRP CH2 HH2  sing N N 319 
TRP OXT HXT  sing N N 320 
TYR N   CA   sing N N 321 
TYR N   H    sing N N 322 
TYR N   H2   sing N N 323 
TYR CA  C    sing N N 324 
TYR CA  CB   sing N N 325 
TYR CA  HA   sing N N 326 
TYR C   O    doub N N 327 
TYR C   OXT  sing N N 328 
TYR CB  CG   sing N N 329 
TYR CB  HB2  sing N N 330 
TYR CB  HB3  sing N N 331 
TYR CG  CD1  doub Y N 332 
TYR CG  CD2  sing Y N 333 
TYR CD1 CE1  sing Y N 334 
TYR CD1 HD1  sing N N 335 
TYR CD2 CE2  doub Y N 336 
TYR CD2 HD2  sing N N 337 
TYR CE1 CZ   doub Y N 338 
TYR CE1 HE1  sing N N 339 
TYR CE2 CZ   sing Y N 340 
TYR CE2 HE2  sing N N 341 
TYR CZ  OH   sing N N 342 
TYR OH  HH   sing N N 343 
TYR OXT HXT  sing N N 344 
VAL N   CA   sing N N 345 
VAL N   H    sing N N 346 
VAL N   H2   sing N N 347 
VAL CA  C    sing N N 348 
VAL CA  CB   sing N N 349 
VAL CA  HA   sing N N 350 
VAL C   O    doub N N 351 
VAL C   OXT  sing N N 352 
VAL CB  CG1  sing N N 353 
VAL CB  CG2  sing N N 354 
VAL CB  HB   sing N N 355 
VAL CG1 HG11 sing N N 356 
VAL CG1 HG12 sing N N 357 
VAL CG1 HG13 sing N N 358 
VAL CG2 HG21 sing N N 359 
VAL CG2 HG22 sing N N 360 
VAL CG2 HG23 sing N N 361 
VAL OXT HXT  sing N N 362 
# 
loop_
_pdbx_entity_nonpoly.entity_id 
_pdbx_entity_nonpoly.name 
_pdbx_entity_nonpoly.comp_id 
2 'NICKEL (II) ION' NI  
3 water             HOH 
# 
_pdbx_initial_refinement_model.id               1 
_pdbx_initial_refinement_model.entity_id_list   ? 
_pdbx_initial_refinement_model.type             'experimental model' 
_pdbx_initial_refinement_model.source_name      PDB 
_pdbx_initial_refinement_model.accession_code   4NC7 
_pdbx_initial_refinement_model.details          'PDB ENTRY 4NC7' 
# 
